data_2DR3
#
_entry.id   2DR3
#
_cell.length_a   96.057
_cell.length_b   96.057
_cell.length_c   298.897
_cell.angle_alpha   90.00
_cell.angle_beta   90.00
_cell.angle_gamma   120.00
#
_symmetry.space_group_name_H-M   'P 32 2 1'
#
loop_
_entity.id
_entity.type
_entity.pdbx_description
1 polymer 'UPF0273 protein PH0284'
2 non-polymer "ADENOSINE-5'-DIPHOSPHATE"
3 water water
#
_entity_poly.entity_id   1
_entity_poly.type   'polypeptide(L)'
_entity_poly.pdbx_seq_one_letter_code
;MTRRVKTGIPGVDEILHGGIPERNVVLLSGGPGTGKTIFSQQFLWNGLKMGEPGIYVALEEHPVQVRQNMAQFGWDVKPY
EEKGMFAMVDAFTAGIGKSKEYEKYIVHDLTDIREFIEVLRQAIRDINAKRVVVDSVTTLYINKPAMARSIILQLKRVLA
GTGCTSIFVSQVSVGERGFGGPGVEHGVDGIIRLDLDEIDGELKRSLIVWKMRGTSHSMRRHPFDITDKGIIVYPDKVLK
RGKVLEL
;
_entity_poly.pdbx_strand_id   A,B,C,D,E,F
#
# COMPACT_ATOMS: atom_id res chain seq x y z
N ARG A 3 -27.22 -31.17 15.80
CA ARG A 3 -27.26 -31.87 14.49
C ARG A 3 -26.41 -31.10 13.47
N ARG A 4 -26.50 -31.53 12.22
CA ARG A 4 -25.75 -30.88 11.15
C ARG A 4 -26.63 -30.80 9.89
N VAL A 5 -26.04 -30.27 8.82
CA VAL A 5 -26.69 -30.14 7.54
C VAL A 5 -25.73 -30.74 6.55
N LYS A 6 -26.12 -31.85 5.92
CA LYS A 6 -25.25 -32.51 4.96
C LYS A 6 -25.27 -31.83 3.59
N THR A 7 -24.18 -31.14 3.27
CA THR A 7 -24.06 -30.44 1.99
C THR A 7 -24.25 -31.40 0.82
N GLY A 8 -23.92 -32.66 1.05
CA GLY A 8 -24.04 -33.66 0.00
C GLY A 8 -22.85 -33.58 -0.93
N ILE A 9 -22.09 -32.49 -0.84
CA ILE A 9 -20.92 -32.31 -1.69
C ILE A 9 -19.84 -33.30 -1.26
N PRO A 10 -19.50 -34.25 -2.15
CA PRO A 10 -18.49 -35.28 -1.88
C PRO A 10 -17.24 -34.80 -1.17
N GLY A 11 -17.04 -35.31 0.04
CA GLY A 11 -15.87 -34.96 0.83
C GLY A 11 -16.07 -33.84 1.83
N VAL A 12 -16.99 -32.92 1.53
CA VAL A 12 -17.23 -31.78 2.40
C VAL A 12 -17.78 -32.11 3.78
N ASP A 13 -18.79 -32.97 3.85
CA ASP A 13 -19.37 -33.27 5.16
C ASP A 13 -18.37 -33.97 6.07
N GLU A 14 -17.48 -34.78 5.45
CA GLU A 14 -16.41 -35.39 6.24
C GLU A 14 -15.42 -34.33 6.72
N ILE A 15 -15.21 -33.32 5.85
CA ILE A 15 -14.30 -32.25 6.23
C ILE A 15 -14.86 -31.39 7.37
N LEU A 16 -16.20 -31.26 7.39
CA LEU A 16 -16.83 -30.54 8.50
C LEU A 16 -17.21 -31.49 9.65
N HIS A 17 -16.64 -32.71 9.62
CA HIS A 17 -16.95 -33.69 10.66
C HIS A 17 -18.47 -33.86 10.85
N GLY A 18 -19.16 -34.22 9.76
CA GLY A 18 -20.60 -34.39 9.84
C GLY A 18 -21.42 -33.41 9.01
N GLY A 19 -20.91 -32.18 8.86
CA GLY A 19 -21.65 -31.19 8.09
C GLY A 19 -21.71 -29.85 8.80
N ILE A 20 -22.49 -28.92 8.24
CA ILE A 20 -22.63 -27.59 8.81
C ILE A 20 -23.57 -27.55 10.01
N PRO A 21 -23.12 -26.97 11.13
CA PRO A 21 -24.01 -26.90 12.31
C PRO A 21 -25.23 -26.05 11.97
N GLU A 22 -26.39 -26.47 12.45
CA GLU A 22 -27.63 -25.76 12.16
C GLU A 22 -27.70 -24.30 12.57
N ARG A 23 -28.36 -23.51 11.72
CA ARG A 23 -28.53 -22.08 11.92
C ARG A 23 -27.26 -21.30 11.63
N ASN A 24 -26.18 -22.02 11.34
CA ASN A 24 -24.91 -21.42 11.03
C ASN A 24 -24.93 -20.71 9.67
N VAL A 25 -24.32 -19.53 9.60
CA VAL A 25 -24.21 -18.81 8.33
C VAL A 25 -22.74 -18.97 7.92
N VAL A 26 -22.51 -19.73 6.85
CA VAL A 26 -21.16 -19.98 6.37
C VAL A 26 -20.77 -19.06 5.22
N LEU A 27 -19.62 -18.41 5.37
CA LEU A 27 -19.11 -17.52 4.35
C LEU A 27 -18.25 -18.36 3.41
N LEU A 28 -18.60 -18.36 2.12
CA LEU A 28 -17.82 -19.10 1.13
C LEU A 28 -17.11 -18.00 0.33
N SER A 29 -15.82 -17.80 0.60
CA SER A 29 -15.10 -16.75 -0.10
C SER A 29 -14.06 -17.26 -1.07
N GLY A 30 -13.75 -16.44 -2.07
CA GLY A 30 -12.78 -16.82 -3.07
C GLY A 30 -12.82 -15.90 -4.27
N GLY A 31 -11.76 -15.95 -5.08
CA GLY A 31 -11.69 -15.11 -6.25
C GLY A 31 -12.58 -15.61 -7.37
N PRO A 32 -12.58 -14.93 -8.51
CA PRO A 32 -13.42 -15.36 -9.62
C PRO A 32 -13.01 -16.72 -10.16
N GLY A 33 -14.02 -17.51 -10.53
CA GLY A 33 -13.77 -18.83 -11.11
C GLY A 33 -13.22 -19.87 -10.15
N THR A 34 -13.46 -19.70 -8.85
CA THR A 34 -12.97 -20.69 -7.90
C THR A 34 -14.00 -21.77 -7.60
N GLY A 35 -15.23 -21.58 -8.10
CA GLY A 35 -16.27 -22.56 -7.89
C GLY A 35 -17.33 -22.25 -6.85
N LYS A 36 -17.32 -21.03 -6.32
CA LYS A 36 -18.28 -20.64 -5.30
C LYS A 36 -19.73 -20.78 -5.75
N THR A 37 -19.99 -20.50 -7.03
CA THR A 37 -21.35 -20.59 -7.56
C THR A 37 -21.83 -22.03 -7.67
N ILE A 38 -21.01 -22.87 -8.31
CA ILE A 38 -21.37 -24.27 -8.46
C ILE A 38 -21.50 -24.91 -7.08
N PHE A 39 -20.58 -24.58 -6.18
CA PHE A 39 -20.58 -25.11 -4.81
C PHE A 39 -21.87 -24.82 -4.04
N SER A 40 -22.27 -23.55 -3.98
CA SER A 40 -23.46 -23.17 -3.25
C SER A 40 -24.75 -23.65 -3.92
N GLN A 41 -24.71 -23.84 -5.24
CA GLN A 41 -25.85 -24.34 -5.97
C GLN A 41 -26.00 -25.82 -5.68
N GLN A 42 -24.86 -26.50 -5.56
CA GLN A 42 -24.85 -27.93 -5.28
C GLN A 42 -25.41 -28.14 -3.88
N PHE A 43 -25.05 -27.25 -2.96
CA PHE A 43 -25.51 -27.28 -1.58
C PHE A 43 -27.03 -27.28 -1.56
N LEU A 44 -27.63 -26.34 -2.28
CA LEU A 44 -29.08 -26.24 -2.36
C LEU A 44 -29.70 -27.44 -3.05
N TRP A 45 -29.12 -27.83 -4.19
CA TRP A 45 -29.62 -28.96 -4.95
C TRP A 45 -29.67 -30.24 -4.12
N ASN A 46 -28.56 -30.55 -3.45
CA ASN A 46 -28.52 -31.73 -2.61
C ASN A 46 -29.56 -31.56 -1.53
N GLY A 47 -29.76 -30.32 -1.11
CA GLY A 47 -30.74 -30.03 -0.08
C GLY A 47 -32.12 -30.53 -0.51
N LEU A 48 -32.45 -30.27 -1.77
CA LEU A 48 -33.75 -30.67 -2.32
C LEU A 48 -33.89 -32.19 -2.38
N LYS A 49 -32.87 -32.87 -2.86
CA LYS A 49 -32.89 -34.32 -2.96
C LYS A 49 -33.11 -35.00 -1.61
N MET A 50 -32.85 -34.27 -0.54
CA MET A 50 -33.03 -34.80 0.81
C MET A 50 -34.33 -34.27 1.40
N GLY A 51 -35.15 -33.64 0.55
CA GLY A 51 -36.41 -33.10 1.00
C GLY A 51 -36.28 -31.84 1.84
N GLU A 52 -35.17 -31.13 1.67
CA GLU A 52 -34.96 -29.90 2.41
C GLU A 52 -35.14 -28.67 1.53
N PRO A 53 -36.12 -27.82 1.87
CA PRO A 53 -36.46 -26.58 1.15
C PRO A 53 -35.25 -25.69 0.96
N GLY A 54 -35.15 -25.05 -0.20
CA GLY A 54 -34.01 -24.18 -0.47
C GLY A 54 -34.35 -22.91 -1.19
N ILE A 55 -33.61 -21.85 -0.87
CA ILE A 55 -33.82 -20.55 -1.47
C ILE A 55 -32.51 -19.96 -2.00
N TYR A 56 -32.50 -19.59 -3.26
CA TYR A 56 -31.32 -19.00 -3.86
C TYR A 56 -31.60 -17.52 -4.12
N VAL A 57 -30.87 -16.67 -3.41
CA VAL A 57 -31.03 -15.23 -3.56
C VAL A 57 -29.95 -14.76 -4.53
N ALA A 58 -30.36 -14.49 -5.77
CA ALA A 58 -29.41 -14.07 -6.79
C ALA A 58 -29.29 -12.56 -6.89
N LEU A 59 -28.05 -12.09 -6.95
CA LEU A 59 -27.75 -10.66 -7.08
C LEU A 59 -26.78 -10.48 -8.24
N GLU A 60 -26.20 -11.59 -8.70
CA GLU A 60 -25.24 -11.57 -9.79
C GLU A 60 -25.86 -11.95 -11.12
N GLU A 61 -26.86 -12.80 -11.07
CA GLU A 61 -27.55 -13.25 -12.29
C GLU A 61 -29.05 -13.25 -12.05
N HIS A 62 -29.80 -13.22 -13.15
CA HIS A 62 -31.28 -13.29 -13.05
C HIS A 62 -31.73 -14.74 -12.95
N PRO A 63 -32.77 -14.98 -12.13
CA PRO A 63 -33.26 -16.34 -11.91
C PRO A 63 -33.28 -17.25 -13.15
N VAL A 64 -33.77 -16.71 -14.30
CA VAL A 64 -33.86 -17.51 -15.53
C VAL A 64 -32.50 -17.99 -15.99
N GLN A 65 -31.50 -17.17 -15.63
CA GLN A 65 -30.13 -17.57 -15.92
C GLN A 65 -29.67 -18.65 -14.93
N VAL A 66 -29.90 -18.42 -13.63
CA VAL A 66 -29.46 -19.42 -12.65
C VAL A 66 -30.01 -20.81 -12.96
N ARG A 67 -31.30 -20.87 -13.26
CA ARG A 67 -31.94 -22.16 -13.57
C ARG A 67 -31.19 -22.85 -14.71
N GLN A 68 -30.80 -22.07 -15.71
CA GLN A 68 -30.07 -22.61 -16.85
C GLN A 68 -28.69 -23.14 -16.47
N ASN A 69 -28.00 -22.44 -15.58
CA ASN A 69 -26.67 -22.87 -15.17
C ASN A 69 -26.76 -24.19 -14.41
N MET A 70 -27.68 -24.26 -13.44
CA MET A 70 -27.84 -25.49 -12.65
C MET A 70 -28.34 -26.60 -13.56
N ALA A 71 -29.32 -26.28 -14.40
CA ALA A 71 -29.89 -27.23 -15.33
C ALA A 71 -28.81 -27.94 -16.14
N GLN A 72 -27.69 -27.27 -16.36
CA GLN A 72 -26.60 -27.86 -17.14
C GLN A 72 -25.78 -28.88 -16.36
N PHE A 73 -25.93 -28.88 -15.04
CA PHE A 73 -25.21 -29.82 -14.19
C PHE A 73 -26.13 -30.99 -13.86
N GLY A 74 -27.33 -30.95 -14.41
CA GLY A 74 -28.30 -32.01 -14.16
C GLY A 74 -29.19 -31.65 -12.98
N TRP A 75 -29.24 -30.37 -12.64
CA TRP A 75 -30.06 -29.92 -11.52
C TRP A 75 -31.26 -29.10 -12.02
N ASP A 76 -32.42 -29.74 -12.12
CA ASP A 76 -33.63 -29.06 -12.60
C ASP A 76 -34.53 -28.68 -11.41
N VAL A 77 -34.49 -27.41 -11.03
CA VAL A 77 -35.28 -26.93 -9.91
C VAL A 77 -36.73 -26.61 -10.27
N LYS A 78 -37.01 -26.48 -11.57
CA LYS A 78 -38.36 -26.16 -12.03
C LYS A 78 -39.44 -27.00 -11.34
N PRO A 79 -39.30 -28.34 -11.35
CA PRO A 79 -40.30 -29.18 -10.70
C PRO A 79 -40.49 -28.78 -9.24
N TYR A 80 -39.40 -28.80 -8.47
CA TYR A 80 -39.46 -28.44 -7.06
C TYR A 80 -40.04 -27.04 -6.88
N GLU A 81 -39.76 -26.15 -7.83
CA GLU A 81 -40.28 -24.79 -7.77
C GLU A 81 -41.80 -24.84 -7.75
N GLU A 82 -42.37 -25.71 -8.57
CA GLU A 82 -43.82 -25.86 -8.66
C GLU A 82 -44.38 -26.53 -7.40
N LYS A 83 -43.68 -27.55 -6.90
CA LYS A 83 -43.86 -28.26 -5.63
C LYS A 83 -43.93 -27.30 -4.44
N GLY A 84 -43.29 -26.13 -4.60
CA GLY A 84 -43.12 -25.24 -3.46
C GLY A 84 -41.99 -25.74 -2.56
N MET A 85 -40.91 -26.35 -3.06
CA MET A 85 -39.79 -26.74 -2.19
C MET A 85 -38.51 -25.95 -2.49
N PHE A 86 -38.58 -25.04 -3.46
CA PHE A 86 -37.42 -24.24 -3.83
C PHE A 86 -37.87 -22.87 -4.29
N ALA A 87 -37.10 -21.85 -3.92
CA ALA A 87 -37.41 -20.48 -4.30
C ALA A 87 -36.20 -19.79 -4.90
N MET A 88 -36.46 -18.78 -5.71
CA MET A 88 -35.42 -18.00 -6.36
C MET A 88 -35.77 -16.54 -6.10
N VAL A 89 -34.91 -15.83 -5.38
CA VAL A 89 -35.17 -14.42 -5.08
C VAL A 89 -34.37 -13.52 -6.01
N ASP A 90 -35.06 -12.68 -6.78
CA ASP A 90 -34.38 -11.79 -7.70
C ASP A 90 -34.01 -10.43 -7.12
N ALA A 91 -32.77 -10.34 -6.61
CA ALA A 91 -32.25 -9.10 -6.05
C ALA A 91 -31.13 -8.70 -7.02
N PHE A 92 -31.38 -8.97 -8.29
CA PHE A 92 -30.44 -8.72 -9.37
C PHE A 92 -30.86 -7.61 -10.32
N THR A 93 -32.03 -7.77 -10.94
CA THR A 93 -32.53 -6.79 -11.89
C THR A 93 -32.66 -5.40 -11.31
N ALA A 94 -32.57 -5.30 -10.00
CA ALA A 94 -32.67 -4.02 -9.31
C ALA A 94 -31.39 -3.20 -9.43
N GLY A 95 -30.26 -3.89 -9.62
CA GLY A 95 -29.00 -3.19 -9.75
C GLY A 95 -28.58 -2.90 -11.17
N ILE A 96 -29.41 -3.26 -12.14
CA ILE A 96 -29.08 -3.03 -13.54
C ILE A 96 -30.16 -2.33 -14.38
N GLY A 97 -31.39 -2.30 -13.88
CA GLY A 97 -32.44 -1.65 -14.63
C GLY A 97 -33.86 -2.04 -14.25
N LYS A 98 -34.52 -2.82 -15.10
CA LYS A 98 -35.88 -3.27 -14.84
C LYS A 98 -36.14 -4.62 -15.49
N GLU A 101 -41.51 -9.53 -17.21
CA GLU A 101 -41.09 -10.75 -16.53
C GLU A 101 -40.99 -10.55 -15.02
N TYR A 102 -41.91 -11.19 -14.29
CA TYR A 102 -41.89 -11.04 -12.84
C TYR A 102 -41.44 -12.33 -12.16
N GLU A 103 -41.50 -12.33 -10.82
CA GLU A 103 -41.20 -13.56 -10.14
C GLU A 103 -41.90 -13.58 -8.80
N LYS A 104 -41.98 -14.79 -8.22
CA LYS A 104 -42.65 -14.90 -6.94
C LYS A 104 -42.06 -13.91 -5.93
N TYR A 105 -40.77 -13.64 -6.18
CA TYR A 105 -40.02 -12.76 -5.29
C TYR A 105 -39.11 -11.80 -6.06
N ILE A 106 -38.99 -10.60 -5.50
CA ILE A 106 -38.12 -9.59 -6.11
C ILE A 106 -37.92 -8.39 -5.20
N VAL A 107 -36.68 -7.93 -5.11
CA VAL A 107 -36.34 -6.77 -4.30
C VAL A 107 -36.20 -5.61 -5.27
N HIS A 108 -37.04 -4.60 -5.10
CA HIS A 108 -37.04 -3.44 -5.98
C HIS A 108 -35.99 -2.39 -5.66
N ASP A 109 -35.56 -2.35 -4.39
CA ASP A 109 -34.58 -1.33 -4.01
C ASP A 109 -33.66 -1.86 -2.92
N LEU A 110 -32.36 -1.93 -3.24
CA LEU A 110 -31.41 -2.41 -2.25
C LEU A 110 -30.64 -1.25 -1.64
N THR A 111 -31.16 -0.03 -1.87
CA THR A 111 -30.61 1.08 -1.13
C THR A 111 -30.58 0.74 0.35
N ASP A 112 -31.62 0.04 0.78
CA ASP A 112 -31.74 -0.37 2.17
C ASP A 112 -31.92 -1.89 2.24
N ILE A 113 -31.51 -2.47 3.37
CA ILE A 113 -31.62 -3.90 3.57
C ILE A 113 -33.05 -4.28 3.99
N ARG A 114 -33.86 -3.26 4.23
CA ARG A 114 -35.24 -3.44 4.66
C ARG A 114 -36.11 -4.28 3.72
N GLU A 115 -36.28 -3.83 2.47
CA GLU A 115 -37.10 -4.60 1.54
C GLU A 115 -36.44 -5.95 1.28
N PHE A 116 -35.12 -5.97 1.29
CA PHE A 116 -34.39 -7.21 1.05
C PHE A 116 -34.81 -8.25 2.07
N ILE A 117 -34.81 -7.87 3.34
CA ILE A 117 -35.20 -8.81 4.39
C ILE A 117 -36.68 -9.15 4.32
N GLU A 118 -37.52 -8.16 4.00
CA GLU A 118 -38.96 -8.39 3.89
C GLU A 118 -39.24 -9.53 2.92
N VAL A 119 -38.73 -9.40 1.70
CA VAL A 119 -38.94 -10.41 0.66
C VAL A 119 -38.35 -11.77 1.02
N LEU A 120 -37.29 -11.75 1.85
CA LEU A 120 -36.62 -12.98 2.26
C LEU A 120 -37.49 -13.82 3.19
N ARG A 121 -38.02 -13.18 4.23
CA ARG A 121 -38.86 -13.88 5.19
C ARG A 121 -40.09 -14.47 4.49
N GLN A 122 -40.48 -13.87 3.36
CA GLN A 122 -41.63 -14.35 2.60
C GLN A 122 -41.31 -15.70 1.97
N ALA A 123 -40.24 -15.75 1.19
CA ALA A 123 -39.82 -16.98 0.52
C ALA A 123 -39.57 -18.11 1.51
N ILE A 124 -39.02 -17.76 2.68
CA ILE A 124 -38.75 -18.75 3.71
C ILE A 124 -40.06 -19.35 4.18
N ARG A 125 -41.05 -18.50 4.38
CA ARG A 125 -42.37 -18.92 4.83
C ARG A 125 -43.04 -19.84 3.81
N ASP A 126 -43.26 -19.31 2.61
CA ASP A 126 -43.91 -20.05 1.53
C ASP A 126 -43.44 -21.49 1.30
N ILE A 127 -42.16 -21.78 1.52
CA ILE A 127 -41.67 -23.14 1.31
C ILE A 127 -41.06 -23.75 2.56
N ASN A 128 -41.10 -23.01 3.67
CA ASN A 128 -40.55 -23.49 4.93
C ASN A 128 -39.07 -23.82 4.70
N ALA A 129 -38.39 -22.90 4.05
CA ALA A 129 -36.97 -23.05 3.71
C ALA A 129 -36.10 -23.48 4.89
N LYS A 130 -35.12 -24.33 4.61
CA LYS A 130 -34.17 -24.85 5.56
C LYS A 130 -32.76 -24.45 5.17
N ARG A 131 -32.54 -24.41 3.86
CA ARG A 131 -31.25 -24.05 3.29
C ARG A 131 -31.38 -22.77 2.47
N VAL A 132 -30.39 -21.88 2.60
CA VAL A 132 -30.42 -20.60 1.91
C VAL A 132 -29.03 -20.19 1.41
N VAL A 133 -29.00 -19.60 0.20
CA VAL A 133 -27.74 -19.14 -0.40
C VAL A 133 -27.91 -17.71 -0.87
N VAL A 134 -26.99 -16.84 -0.45
CA VAL A 134 -27.02 -15.45 -0.85
C VAL A 134 -25.83 -15.20 -1.77
N ASP A 135 -26.08 -15.21 -3.07
CA ASP A 135 -24.99 -15.00 -4.02
C ASP A 135 -25.27 -13.80 -4.93
N SER A 136 -24.56 -12.68 -4.63
CA SER A 136 -23.64 -12.70 -3.50
C SER A 136 -23.92 -11.55 -2.53
N VAL A 137 -23.44 -11.71 -1.31
CA VAL A 137 -23.69 -10.72 -0.26
C VAL A 137 -22.81 -9.48 -0.41
N THR A 138 -21.65 -9.68 -1.04
CA THR A 138 -20.71 -8.60 -1.29
C THR A 138 -21.40 -7.45 -2.04
N THR A 139 -22.25 -7.80 -2.98
CA THR A 139 -22.95 -6.80 -3.79
C THR A 139 -23.85 -5.87 -2.97
N LEU A 140 -24.23 -6.30 -1.78
CA LEU A 140 -25.08 -5.49 -0.92
C LEU A 140 -24.33 -4.35 -0.24
N TYR A 141 -23.00 -4.40 -0.24
CA TYR A 141 -22.21 -3.36 0.42
C TYR A 141 -20.86 -3.02 -0.20
N ILE A 142 -20.60 -3.51 -1.40
CA ILE A 142 -19.30 -3.24 -2.03
C ILE A 142 -18.99 -1.74 -2.15
N ASN A 143 -20.01 -0.91 -2.32
CA ASN A 143 -19.79 0.53 -2.42
C ASN A 143 -20.11 1.24 -1.11
N LYS A 144 -20.50 0.46 -0.10
CA LYS A 144 -20.84 1.00 1.22
C LYS A 144 -20.29 0.04 2.28
N PRO A 145 -18.96 -0.12 2.34
CA PRO A 145 -18.25 -1.00 3.27
C PRO A 145 -18.50 -0.83 4.77
N ALA A 146 -18.73 0.38 5.24
CA ALA A 146 -18.96 0.58 6.68
C ALA A 146 -20.29 -0.07 7.09
N MET A 147 -21.17 -0.28 6.12
CA MET A 147 -22.47 -0.86 6.37
C MET A 147 -22.47 -2.39 6.27
N ALA A 148 -21.33 -2.96 5.85
CA ALA A 148 -21.23 -4.41 5.71
C ALA A 148 -21.46 -5.17 7.02
N ARG A 149 -20.85 -4.70 8.11
CA ARG A 149 -21.00 -5.35 9.40
C ARG A 149 -22.47 -5.51 9.82
N SER A 150 -23.20 -4.40 9.85
CA SER A 150 -24.60 -4.43 10.24
C SER A 150 -25.42 -5.33 9.32
N ILE A 151 -25.18 -5.22 8.02
CA ILE A 151 -25.89 -6.02 7.04
C ILE A 151 -25.68 -7.51 7.25
N ILE A 152 -24.44 -7.92 7.46
CA ILE A 152 -24.14 -9.33 7.69
C ILE A 152 -24.78 -9.87 8.97
N LEU A 153 -24.71 -9.11 10.04
CA LEU A 153 -25.28 -9.55 11.31
C LEU A 153 -26.80 -9.59 11.23
N GLN A 154 -27.40 -8.57 10.62
CA GLN A 154 -28.86 -8.52 10.49
C GLN A 154 -29.42 -9.70 9.69
N LEU A 155 -28.85 -9.96 8.51
CA LEU A 155 -29.33 -11.08 7.71
C LEU A 155 -29.12 -12.37 8.49
N LYS A 156 -28.07 -12.38 9.31
CA LYS A 156 -27.72 -13.53 10.13
C LYS A 156 -28.83 -13.85 11.15
N ARG A 157 -29.25 -12.83 11.89
CA ARG A 157 -30.30 -13.00 12.88
C ARG A 157 -31.57 -13.56 12.23
N VAL A 158 -31.95 -12.97 11.09
CA VAL A 158 -33.14 -13.41 10.37
C VAL A 158 -33.10 -14.87 9.95
N LEU A 159 -32.02 -15.27 9.29
CA LEU A 159 -31.88 -16.64 8.81
C LEU A 159 -31.84 -17.64 9.95
N ALA A 160 -30.97 -17.40 10.93
CA ALA A 160 -30.83 -18.28 12.07
C ALA A 160 -32.17 -18.42 12.80
N GLY A 161 -32.90 -17.31 12.88
CA GLY A 161 -34.19 -17.32 13.55
C GLY A 161 -35.19 -18.28 12.93
N THR A 162 -35.27 -18.27 11.60
CA THR A 162 -36.20 -19.13 10.89
C THR A 162 -35.68 -20.57 10.77
N GLY A 163 -34.60 -20.86 11.47
CA GLY A 163 -34.03 -22.19 11.44
C GLY A 163 -33.24 -22.52 10.19
N CYS A 164 -32.87 -21.50 9.44
CA CYS A 164 -32.12 -21.72 8.20
C CYS A 164 -30.61 -21.83 8.40
N THR A 165 -29.98 -22.62 7.50
CA THR A 165 -28.52 -22.73 7.48
C THR A 165 -28.00 -22.21 6.12
N SER A 166 -27.01 -21.29 6.19
CA SER A 166 -26.78 -20.41 5.04
C SER A 166 -25.34 -20.45 4.50
N ILE A 167 -25.27 -20.21 3.19
CA ILE A 167 -24.00 -19.84 2.59
C ILE A 167 -24.08 -18.43 2.01
N PHE A 168 -23.33 -17.50 2.63
CA PHE A 168 -23.11 -16.22 1.99
C PHE A 168 -21.90 -16.29 1.05
N VAL A 169 -22.06 -16.01 -0.25
CA VAL A 169 -20.93 -16.07 -1.15
C VAL A 169 -20.24 -14.71 -1.12
N SER A 170 -18.94 -14.72 -0.84
CA SER A 170 -18.17 -13.49 -0.78
C SER A 170 -17.17 -13.43 -1.94
N GLN A 171 -17.27 -12.38 -2.74
CA GLN A 171 -16.36 -12.20 -3.86
C GLN A 171 -15.13 -11.45 -3.40
N VAL A 172 -13.96 -12.03 -3.68
CA VAL A 172 -12.69 -11.43 -3.32
C VAL A 172 -11.90 -11.10 -4.60
N SER A 173 -11.29 -9.92 -4.64
CA SER A 173 -10.50 -9.51 -5.79
C SER A 173 -9.04 -9.86 -5.57
N GLY A 178 -7.53 -11.93 2.23
CA GLY A 178 -8.66 -11.71 3.12
C GLY A 178 -9.89 -12.51 2.68
N PHE A 179 -10.94 -12.44 3.51
CA PHE A 179 -12.16 -13.16 3.19
C PHE A 179 -13.26 -12.22 2.70
N GLY A 180 -13.07 -10.92 2.99
CA GLY A 180 -14.06 -9.94 2.55
C GLY A 180 -14.01 -8.64 3.38
N PRO A 182 -14.35 -6.58 6.53
CA PRO A 182 -14.73 -5.61 7.57
C PRO A 182 -15.81 -6.17 8.49
N GLY A 183 -15.35 -6.95 9.48
CA GLY A 183 -16.30 -7.56 10.40
C GLY A 183 -17.12 -8.65 9.72
N VAL A 184 -17.12 -8.63 8.38
CA VAL A 184 -17.86 -9.66 7.66
C VAL A 184 -17.35 -11.06 8.04
N GLU A 185 -16.02 -11.20 7.90
CA GLU A 185 -15.39 -12.46 8.28
C GLU A 185 -15.44 -12.67 9.80
N HIS A 186 -15.70 -11.64 10.60
CA HIS A 186 -15.85 -11.82 12.04
C HIS A 186 -17.31 -12.09 12.43
N GLY A 187 -18.23 -11.62 11.59
CA GLY A 187 -19.65 -11.82 11.87
C GLY A 187 -20.23 -13.19 11.57
N VAL A 188 -19.75 -13.84 10.50
CA VAL A 188 -20.26 -15.15 10.13
C VAL A 188 -19.86 -16.24 11.13
N ASP A 189 -20.52 -17.38 11.03
CA ASP A 189 -20.23 -18.49 11.93
C ASP A 189 -19.13 -19.35 11.36
N GLY A 190 -19.11 -19.48 10.04
CA GLY A 190 -18.08 -20.27 9.40
C GLY A 190 -17.49 -19.59 8.18
N ILE A 191 -16.30 -20.05 7.79
CA ILE A 191 -15.61 -19.52 6.63
C ILE A 191 -14.96 -20.67 5.86
N ILE A 192 -15.34 -20.84 4.61
CA ILE A 192 -14.76 -21.87 3.75
C ILE A 192 -14.20 -21.10 2.56
N ARG A 193 -12.89 -21.20 2.37
CA ARG A 193 -12.27 -20.50 1.25
C ARG A 193 -11.93 -21.48 0.14
N LEU A 194 -12.29 -21.09 -1.07
CA LEU A 194 -12.01 -21.87 -2.27
C LEU A 194 -10.90 -21.09 -2.95
N ASP A 195 -9.82 -21.79 -3.27
CA ASP A 195 -8.67 -21.18 -3.92
C ASP A 195 -8.36 -21.77 -5.30
N LEU A 196 -7.71 -20.96 -6.13
CA LEU A 196 -7.31 -21.36 -7.48
C LEU A 196 -5.89 -20.82 -7.60
N ASP A 197 -4.89 -21.67 -7.41
CA ASP A 197 -3.50 -21.23 -7.46
C ASP A 197 -2.64 -21.84 -8.56
N GLU A 198 -1.82 -21.02 -9.18
CA GLU A 198 -0.95 -21.53 -10.23
C GLU A 198 0.28 -22.12 -9.55
N ILE A 199 0.48 -23.42 -9.74
CA ILE A 199 1.62 -24.11 -9.16
C ILE A 199 2.32 -24.87 -10.28
N ASP A 200 3.58 -24.53 -10.52
CA ASP A 200 4.38 -25.15 -11.56
C ASP A 200 3.72 -25.14 -12.93
N GLY A 201 3.11 -24.01 -13.28
CA GLY A 201 2.47 -23.87 -14.58
C GLY A 201 1.09 -24.46 -14.75
N GLU A 202 0.44 -24.83 -13.66
CA GLU A 202 -0.90 -25.40 -13.72
C GLU A 202 -1.77 -24.89 -12.59
N LEU A 203 -3.04 -24.57 -12.89
CA LEU A 203 -3.95 -24.08 -11.86
C LEU A 203 -4.48 -25.24 -11.03
N LYS A 204 -4.32 -25.14 -9.72
CA LYS A 204 -4.80 -26.15 -8.78
C LYS A 204 -5.90 -25.59 -7.88
N ARG A 205 -7.00 -26.30 -7.77
CA ARG A 205 -8.10 -25.88 -6.93
C ARG A 205 -7.95 -26.49 -5.54
N SER A 206 -8.29 -25.72 -4.51
CA SER A 206 -8.20 -26.24 -3.16
C SER A 206 -9.21 -25.55 -2.26
N LEU A 207 -9.63 -26.27 -1.23
CA LEU A 207 -10.61 -25.78 -0.27
C LEU A 207 -10.01 -25.88 1.13
N ILE A 208 -10.42 -24.98 2.01
CA ILE A 208 -9.93 -25.05 3.38
C ILE A 208 -10.94 -24.39 4.30
N VAL A 209 -11.27 -25.10 5.39
CA VAL A 209 -12.22 -24.58 6.37
C VAL A 209 -11.43 -23.76 7.37
N TRP A 210 -11.56 -22.44 7.25
CA TRP A 210 -10.83 -21.56 8.14
C TRP A 210 -11.52 -21.40 9.49
N LYS A 211 -12.86 -21.44 9.47
CA LYS A 211 -13.63 -21.26 10.68
C LYS A 211 -14.99 -21.92 10.55
N MET A 212 -15.45 -22.51 11.65
CA MET A 212 -16.75 -23.16 11.67
C MET A 212 -17.26 -23.28 13.11
N ARG A 213 -18.05 -22.29 13.53
CA ARG A 213 -18.60 -22.27 14.88
C ARG A 213 -19.38 -23.56 15.13
N GLY A 214 -19.27 -24.07 16.35
CA GLY A 214 -20.02 -25.26 16.73
C GLY A 214 -19.46 -26.64 16.40
N THR A 215 -18.22 -26.73 15.95
CA THR A 215 -17.66 -28.05 15.63
C THR A 215 -16.16 -28.05 15.37
N SER A 216 -15.58 -29.24 15.42
CA SER A 216 -14.16 -29.41 15.13
C SER A 216 -14.22 -29.71 13.63
N HIS A 217 -13.13 -29.46 12.92
CA HIS A 217 -13.14 -29.69 11.48
C HIS A 217 -11.74 -29.93 10.94
N SER A 218 -11.63 -30.39 9.70
CA SER A 218 -10.31 -30.63 9.12
C SER A 218 -9.53 -29.31 9.15
N MET A 219 -8.24 -29.39 9.50
CA MET A 219 -7.40 -28.20 9.56
C MET A 219 -6.47 -28.19 8.35
N ARG A 220 -6.76 -29.04 7.37
CA ARG A 220 -5.90 -29.16 6.20
C ARG A 220 -6.50 -28.55 4.93
N ARG A 221 -5.62 -28.22 3.99
CA ARG A 221 -6.02 -27.68 2.71
C ARG A 221 -6.22 -28.88 1.78
N HIS A 222 -7.45 -29.05 1.31
CA HIS A 222 -7.81 -30.17 0.44
C HIS A 222 -8.07 -29.80 -1.02
N PRO A 223 -7.45 -30.54 -1.94
CA PRO A 223 -7.67 -30.23 -3.35
C PRO A 223 -9.09 -30.66 -3.73
N PHE A 224 -9.58 -30.15 -4.85
CA PHE A 224 -10.90 -30.53 -5.36
C PHE A 224 -10.95 -30.24 -6.86
N ASP A 225 -11.88 -30.89 -7.54
CA ASP A 225 -12.06 -30.70 -8.97
C ASP A 225 -13.49 -30.30 -9.20
N ILE A 226 -13.74 -29.55 -10.26
CA ILE A 226 -15.09 -29.16 -10.62
C ILE A 226 -15.36 -30.08 -11.81
N THR A 227 -16.49 -30.78 -11.80
CA THR A 227 -16.81 -31.72 -12.88
C THR A 227 -18.19 -31.48 -13.45
N ASP A 228 -18.55 -32.28 -14.45
CA ASP A 228 -19.86 -32.20 -15.10
C ASP A 228 -20.98 -32.36 -14.09
N LYS A 229 -20.70 -33.03 -12.99
CA LYS A 229 -21.71 -33.25 -11.96
C LYS A 229 -21.48 -32.40 -10.73
N GLY A 230 -20.62 -31.39 -10.86
CA GLY A 230 -20.35 -30.52 -9.73
C GLY A 230 -19.00 -30.73 -9.10
N ILE A 231 -18.85 -30.26 -7.86
CA ILE A 231 -17.60 -30.37 -7.15
C ILE A 231 -17.37 -31.69 -6.42
N ILE A 232 -16.10 -32.07 -6.35
CA ILE A 232 -15.68 -33.28 -5.64
C ILE A 232 -14.41 -32.91 -4.88
N VAL A 233 -14.50 -32.90 -3.54
CA VAL A 233 -13.36 -32.59 -2.68
C VAL A 233 -12.72 -33.89 -2.20
N TYR A 234 -11.40 -33.87 -1.99
CA TYR A 234 -10.67 -35.06 -1.55
C TYR A 234 -10.15 -34.94 -0.11
N PRO A 235 -10.95 -35.40 0.86
CA PRO A 235 -10.64 -35.37 2.30
C PRO A 235 -9.36 -36.06 2.69
N ASP A 236 -8.95 -37.06 1.90
CA ASP A 236 -7.75 -37.80 2.21
C ASP A 236 -6.49 -37.19 1.60
N LYS A 237 -6.65 -36.12 0.83
CA LYS A 237 -5.49 -35.51 0.20
C LYS A 237 -5.27 -34.10 0.72
N VAL A 238 -4.05 -33.61 0.56
CA VAL A 238 -3.70 -32.27 0.99
C VAL A 238 -2.87 -31.61 -0.10
N LEU A 239 -3.17 -30.35 -0.37
CA LEU A 239 -2.44 -29.61 -1.39
C LEU A 239 -1.48 -28.67 -0.68
N LYS A 240 -0.25 -28.64 -1.15
CA LYS A 240 0.73 -27.76 -0.54
C LYS A 240 1.09 -26.66 -1.54
N ARG A 241 0.71 -25.43 -1.20
CA ARG A 241 0.94 -24.27 -2.03
C ARG A 241 2.40 -23.82 -2.04
N THR B 2 -22.78 -27.87 -24.21
CA THR B 2 -23.25 -26.56 -24.75
C THR B 2 -22.62 -26.29 -26.11
N ARG B 3 -23.33 -25.55 -26.95
CA ARG B 3 -22.82 -25.20 -28.27
C ARG B 3 -21.60 -24.31 -28.09
N ARG B 4 -20.60 -24.52 -28.93
CA ARG B 4 -19.37 -23.73 -28.85
C ARG B 4 -19.18 -22.82 -30.05
N VAL B 5 -18.55 -21.67 -29.78
CA VAL B 5 -18.23 -20.71 -30.80
C VAL B 5 -16.72 -20.91 -31.01
N LYS B 6 -16.33 -21.25 -32.24
CA LYS B 6 -14.92 -21.48 -32.54
C LYS B 6 -14.18 -20.18 -32.75
N THR B 7 -13.13 -19.94 -31.99
CA THR B 7 -12.37 -18.72 -32.13
C THR B 7 -11.49 -18.78 -33.39
N GLY B 8 -11.07 -19.99 -33.76
CA GLY B 8 -10.24 -20.15 -34.95
C GLY B 8 -8.80 -19.79 -34.69
N ILE B 9 -8.53 -19.28 -33.48
CA ILE B 9 -7.18 -18.93 -33.12
C ILE B 9 -6.47 -20.23 -32.79
N PRO B 10 -5.42 -20.57 -33.55
CA PRO B 10 -4.67 -21.82 -33.32
C PRO B 10 -4.44 -22.10 -31.84
N GLY B 11 -4.86 -23.28 -31.42
CA GLY B 11 -4.67 -23.69 -30.04
C GLY B 11 -5.74 -23.32 -29.02
N VAL B 12 -6.40 -22.18 -29.23
CA VAL B 12 -7.42 -21.71 -28.29
C VAL B 12 -8.66 -22.58 -28.13
N ASP B 13 -9.28 -23.01 -29.23
CA ASP B 13 -10.48 -23.83 -29.10
C ASP B 13 -10.12 -25.19 -28.47
N GLU B 14 -8.89 -25.64 -28.69
CA GLU B 14 -8.42 -26.89 -28.09
C GLU B 14 -8.36 -26.65 -26.57
N ILE B 15 -7.71 -25.56 -26.20
CA ILE B 15 -7.57 -25.18 -24.80
C ILE B 15 -8.92 -24.98 -24.12
N LEU B 16 -9.94 -24.56 -24.87
CA LEU B 16 -11.27 -24.35 -24.33
C LEU B 16 -12.16 -25.61 -24.46
N HIS B 17 -11.53 -26.74 -24.77
CA HIS B 17 -12.25 -27.99 -24.92
C HIS B 17 -13.44 -27.84 -25.88
N GLY B 18 -13.20 -27.21 -27.02
CA GLY B 18 -14.28 -27.05 -27.98
C GLY B 18 -14.52 -25.63 -28.44
N GLY B 19 -14.27 -24.66 -27.56
CA GLY B 19 -14.49 -23.28 -27.94
C GLY B 19 -15.29 -22.54 -26.89
N ILE B 20 -15.58 -21.27 -27.13
CA ILE B 20 -16.36 -20.48 -26.19
C ILE B 20 -17.83 -20.88 -26.15
N PRO B 21 -18.33 -21.23 -24.95
CA PRO B 21 -19.75 -21.61 -24.85
C PRO B 21 -20.61 -20.44 -25.34
N GLU B 22 -21.51 -20.72 -26.27
CA GLU B 22 -22.38 -19.71 -26.85
C GLU B 22 -22.99 -18.76 -25.83
N ARG B 23 -22.96 -17.48 -26.17
CA ARG B 23 -23.47 -16.38 -25.37
C ARG B 23 -22.62 -15.97 -24.17
N ASN B 24 -21.49 -16.65 -23.97
CA ASN B 24 -20.58 -16.29 -22.87
C ASN B 24 -19.94 -14.93 -23.18
N VAL B 25 -19.68 -14.14 -22.15
CA VAL B 25 -18.99 -12.86 -22.29
C VAL B 25 -17.61 -13.19 -21.75
N VAL B 26 -16.58 -13.10 -22.58
CA VAL B 26 -15.24 -13.43 -22.10
C VAL B 26 -14.36 -12.21 -21.89
N LEU B 27 -13.85 -12.05 -20.67
CA LEU B 27 -12.96 -10.95 -20.37
C LEU B 27 -11.56 -11.37 -20.81
N LEU B 28 -10.98 -10.63 -21.76
CA LEU B 28 -9.62 -10.89 -22.23
C LEU B 28 -8.80 -9.83 -21.49
N SER B 29 -8.06 -10.25 -20.46
CA SER B 29 -7.30 -9.34 -19.61
C SER B 29 -5.79 -9.41 -19.74
N GLY B 30 -5.15 -8.26 -19.61
CA GLY B 30 -3.70 -8.23 -19.72
C GLY B 30 -3.12 -6.83 -19.81
N GLY B 31 -1.83 -6.73 -19.51
CA GLY B 31 -1.14 -5.44 -19.57
C GLY B 31 -0.93 -4.97 -20.98
N PRO B 32 -0.21 -3.85 -21.17
CA PRO B 32 0.03 -3.31 -22.51
C PRO B 32 0.94 -4.18 -23.34
N GLY B 33 0.60 -4.32 -24.62
CA GLY B 33 1.41 -5.08 -25.54
C GLY B 33 1.38 -6.58 -25.36
N THR B 34 0.30 -7.09 -24.78
CA THR B 34 0.17 -8.53 -24.57
C THR B 34 -0.55 -9.24 -25.70
N GLY B 35 -1.04 -8.47 -26.67
CA GLY B 35 -1.73 -9.04 -27.81
C GLY B 35 -3.25 -9.14 -27.71
N LYS B 36 -3.86 -8.38 -26.81
CA LYS B 36 -5.32 -8.44 -26.63
C LYS B 36 -6.14 -7.96 -27.83
N THR B 37 -5.74 -6.85 -28.42
CA THR B 37 -6.45 -6.32 -29.58
C THR B 37 -6.36 -7.25 -30.79
N ILE B 38 -5.15 -7.73 -31.08
CA ILE B 38 -4.92 -8.63 -32.21
C ILE B 38 -5.76 -9.90 -32.03
N PHE B 39 -5.80 -10.41 -30.81
CA PHE B 39 -6.56 -11.61 -30.45
C PHE B 39 -8.06 -11.43 -30.69
N SER B 40 -8.62 -10.33 -30.20
CA SER B 40 -10.05 -10.09 -30.34
C SER B 40 -10.48 -9.88 -31.79
N GLN B 41 -9.60 -9.32 -32.61
CA GLN B 41 -9.92 -9.08 -34.00
C GLN B 41 -9.84 -10.38 -34.78
N GLN B 42 -8.89 -11.23 -34.41
CA GLN B 42 -8.72 -12.52 -35.06
C GLN B 42 -9.98 -13.34 -34.82
N PHE B 43 -10.55 -13.15 -33.62
CA PHE B 43 -11.78 -13.81 -33.19
C PHE B 43 -12.95 -13.39 -34.08
N LEU B 44 -12.97 -12.11 -34.44
CA LEU B 44 -14.04 -11.58 -35.28
C LEU B 44 -13.85 -11.99 -36.75
N TRP B 45 -12.61 -11.94 -37.22
CA TRP B 45 -12.32 -12.30 -38.61
C TRP B 45 -12.69 -13.74 -38.87
N ASN B 46 -12.23 -14.63 -38.01
CA ASN B 46 -12.54 -16.05 -38.17
C ASN B 46 -14.04 -16.25 -38.21
N GLY B 47 -14.78 -15.46 -37.43
CA GLY B 47 -16.22 -15.60 -37.43
C GLY B 47 -16.77 -15.32 -38.82
N LEU B 48 -16.32 -14.22 -39.42
CA LEU B 48 -16.77 -13.83 -40.75
C LEU B 48 -16.54 -14.99 -41.73
N LYS B 49 -15.34 -15.55 -41.71
CA LYS B 49 -15.02 -16.68 -42.58
C LYS B 49 -15.97 -17.84 -42.36
N MET B 50 -16.64 -17.84 -41.22
CA MET B 50 -17.59 -18.90 -40.89
C MET B 50 -19.04 -18.46 -41.05
N GLY B 51 -19.24 -17.23 -41.52
CA GLY B 51 -20.59 -16.73 -41.73
C GLY B 51 -21.24 -16.16 -40.49
N GLU B 52 -20.44 -15.94 -39.45
CA GLU B 52 -20.96 -15.36 -38.22
C GLU B 52 -20.66 -13.87 -38.23
N PRO B 53 -21.70 -13.03 -38.37
CA PRO B 53 -21.52 -11.57 -38.39
C PRO B 53 -20.92 -11.06 -37.07
N GLY B 54 -20.01 -10.10 -37.17
CA GLY B 54 -19.37 -9.57 -35.98
C GLY B 54 -19.32 -8.06 -35.85
N ILE B 55 -19.13 -7.60 -34.62
CA ILE B 55 -19.07 -6.18 -34.34
C ILE B 55 -17.87 -5.86 -33.45
N TYR B 56 -17.11 -4.85 -33.85
CA TYR B 56 -15.97 -4.41 -33.09
C TYR B 56 -16.31 -3.00 -32.61
N VAL B 57 -16.45 -2.85 -31.29
CA VAL B 57 -16.76 -1.56 -30.68
C VAL B 57 -15.40 -0.96 -30.31
N ALA B 58 -15.00 0.06 -31.07
CA ALA B 58 -13.71 0.72 -30.89
C ALA B 58 -13.74 1.89 -29.91
N LEU B 59 -12.98 1.78 -28.83
CA LEU B 59 -12.91 2.88 -27.86
C LEU B 59 -11.47 3.35 -27.69
N GLU B 60 -10.52 2.69 -28.36
CA GLU B 60 -9.11 3.01 -28.24
C GLU B 60 -8.52 3.65 -29.49
N GLU B 61 -9.13 3.38 -30.64
CA GLU B 61 -8.68 3.95 -31.91
C GLU B 61 -9.93 4.21 -32.74
N HIS B 62 -9.79 5.03 -33.77
CA HIS B 62 -10.90 5.29 -34.65
C HIS B 62 -11.07 4.11 -35.56
N PRO B 63 -12.32 3.75 -35.94
CA PRO B 63 -12.58 2.62 -36.83
C PRO B 63 -11.74 2.64 -38.10
N VAL B 64 -11.43 3.83 -38.60
CA VAL B 64 -10.63 3.94 -39.81
C VAL B 64 -9.27 3.29 -39.59
N GLN B 65 -8.64 3.56 -38.45
CA GLN B 65 -7.35 2.96 -38.17
C GLN B 65 -7.51 1.46 -37.88
N VAL B 66 -8.60 1.08 -37.22
CA VAL B 66 -8.81 -0.34 -36.92
C VAL B 66 -8.92 -1.17 -38.20
N ARG B 67 -9.59 -0.63 -39.22
CA ARG B 67 -9.71 -1.35 -40.50
C ARG B 67 -8.34 -1.49 -41.13
N GLN B 68 -7.57 -0.41 -41.06
CA GLN B 68 -6.23 -0.38 -41.62
C GLN B 68 -5.34 -1.43 -40.93
N ASN B 69 -5.37 -1.45 -39.61
CA ASN B 69 -4.56 -2.39 -38.85
C ASN B 69 -4.95 -3.85 -39.08
N MET B 70 -6.25 -4.12 -39.18
CA MET B 70 -6.68 -5.49 -39.42
C MET B 70 -6.25 -5.98 -40.79
N ALA B 71 -6.32 -5.09 -41.77
CA ALA B 71 -5.94 -5.42 -43.14
C ALA B 71 -4.49 -5.88 -43.23
N GLN B 72 -3.63 -5.33 -42.38
CA GLN B 72 -2.20 -5.69 -42.39
C GLN B 72 -1.92 -7.10 -41.85
N PHE B 73 -2.95 -7.72 -41.28
CA PHE B 73 -2.83 -9.07 -40.75
C PHE B 73 -3.49 -10.03 -41.75
N GLY B 74 -4.07 -9.45 -42.79
CA GLY B 74 -4.73 -10.24 -43.81
C GLY B 74 -6.23 -10.29 -43.59
N TRP B 75 -6.74 -9.40 -42.73
CA TRP B 75 -8.16 -9.38 -42.42
C TRP B 75 -8.86 -8.12 -42.93
N ASP B 76 -9.25 -8.15 -44.21
CA ASP B 76 -9.95 -7.02 -44.83
C ASP B 76 -11.45 -7.16 -44.59
N VAL B 77 -11.99 -6.35 -43.69
CA VAL B 77 -13.41 -6.42 -43.37
C VAL B 77 -14.30 -5.70 -44.36
N LYS B 78 -13.71 -4.85 -45.20
CA LYS B 78 -14.48 -4.08 -46.18
C LYS B 78 -15.48 -4.92 -46.99
N PRO B 79 -15.02 -5.96 -47.69
CA PRO B 79 -15.98 -6.76 -48.46
C PRO B 79 -17.15 -7.20 -47.59
N TYR B 80 -16.87 -7.43 -46.32
CA TYR B 80 -17.89 -7.86 -45.36
C TYR B 80 -18.81 -6.74 -44.88
N GLU B 81 -18.26 -5.55 -44.69
CA GLU B 81 -19.07 -4.41 -44.25
C GLU B 81 -20.09 -4.06 -45.33
N GLU B 82 -19.70 -4.24 -46.59
CA GLU B 82 -20.57 -3.94 -47.71
C GLU B 82 -21.67 -4.98 -47.86
N LYS B 83 -21.44 -6.16 -47.27
CA LYS B 83 -22.42 -7.25 -47.31
C LYS B 83 -23.32 -7.23 -46.08
N GLY B 84 -23.07 -6.26 -45.19
CA GLY B 84 -23.87 -6.18 -43.98
C GLY B 84 -23.56 -7.33 -43.03
N MET B 85 -22.32 -7.80 -43.04
CA MET B 85 -21.92 -8.90 -42.16
C MET B 85 -20.97 -8.49 -41.05
N PHE B 86 -20.48 -7.25 -41.11
CA PHE B 86 -19.55 -6.74 -40.11
C PHE B 86 -19.88 -5.28 -39.82
N ALA B 87 -19.51 -4.81 -38.63
CA ALA B 87 -19.76 -3.43 -38.28
C ALA B 87 -18.78 -2.92 -37.23
N MET B 88 -18.42 -1.64 -37.35
CA MET B 88 -17.51 -0.98 -36.43
C MET B 88 -18.31 0.09 -35.71
N VAL B 89 -18.23 0.11 -34.38
CA VAL B 89 -18.94 1.14 -33.63
C VAL B 89 -17.90 2.15 -33.18
N ASP B 90 -18.11 3.41 -33.55
CA ASP B 90 -17.20 4.46 -33.14
C ASP B 90 -17.58 4.99 -31.76
N ALA B 91 -16.94 4.43 -30.73
CA ALA B 91 -17.18 4.89 -29.38
C ALA B 91 -15.85 5.45 -28.91
N PHE B 92 -15.09 5.89 -29.89
CA PHE B 92 -13.76 6.45 -29.70
C PHE B 92 -13.74 7.99 -29.79
N THR B 93 -14.21 8.52 -30.92
CA THR B 93 -14.24 9.96 -31.13
C THR B 93 -14.70 10.74 -29.90
N ALA B 94 -15.84 10.35 -29.33
CA ALA B 94 -16.41 11.02 -28.17
C ALA B 94 -15.45 11.09 -26.98
N GLY B 95 -14.56 10.12 -26.89
CA GLY B 95 -13.61 10.10 -25.80
C GLY B 95 -12.65 11.27 -25.83
N ILE B 96 -12.35 11.77 -27.01
CA ILE B 96 -11.42 12.89 -27.15
C ILE B 96 -11.95 13.99 -28.06
N GLY B 97 -13.22 14.34 -27.89
CA GLY B 97 -13.83 15.38 -28.70
C GLY B 97 -13.72 15.09 -30.18
N GLU B 103 -19.38 7.80 -40.03
CA GLU B 103 -19.30 6.49 -39.42
C GLU B 103 -20.75 6.09 -39.14
N LYS B 104 -21.20 5.01 -39.78
CA LYS B 104 -22.57 4.54 -39.62
C LYS B 104 -22.97 4.35 -38.16
N TYR B 105 -22.04 3.86 -37.36
CA TYR B 105 -22.30 3.63 -35.95
C TYR B 105 -21.41 4.50 -35.10
N ILE B 106 -22.03 5.44 -34.38
CA ILE B 106 -21.29 6.36 -33.53
C ILE B 106 -21.95 6.56 -32.19
N VAL B 107 -21.14 6.65 -31.15
CA VAL B 107 -21.65 6.90 -29.82
C VAL B 107 -21.12 8.27 -29.44
N HIS B 108 -22.02 9.25 -29.39
CA HIS B 108 -21.67 10.63 -29.09
C HIS B 108 -21.41 10.95 -27.62
N ASP B 109 -22.04 10.21 -26.72
CA ASP B 109 -21.86 10.54 -25.30
C ASP B 109 -21.69 9.30 -24.41
N LEU B 110 -20.55 9.28 -23.71
CA LEU B 110 -20.33 8.13 -22.83
C LEU B 110 -20.48 8.53 -21.36
N THR B 111 -21.15 9.67 -21.18
CA THR B 111 -21.53 10.04 -19.83
C THR B 111 -22.31 8.92 -19.16
N ASP B 112 -23.28 8.38 -19.89
CA ASP B 112 -24.10 7.27 -19.41
C ASP B 112 -23.96 6.13 -20.42
N ILE B 113 -24.25 4.92 -19.99
CA ILE B 113 -24.14 3.75 -20.86
C ILE B 113 -25.37 3.60 -21.77
N ARG B 114 -26.36 4.48 -21.61
CA ARG B 114 -27.57 4.42 -22.40
C ARG B 114 -27.40 4.49 -23.93
N GLU B 115 -26.73 5.53 -24.42
CA GLU B 115 -26.56 5.65 -25.87
C GLU B 115 -25.68 4.54 -26.42
N PHE B 116 -24.75 4.07 -25.60
CA PHE B 116 -23.85 2.99 -26.01
C PHE B 116 -24.70 1.77 -26.31
N ILE B 117 -25.60 1.44 -25.40
CA ILE B 117 -26.47 0.30 -25.57
C ILE B 117 -27.39 0.44 -26.79
N GLU B 118 -28.10 1.56 -26.89
CA GLU B 118 -28.99 1.78 -28.02
C GLU B 118 -28.28 1.54 -29.34
N VAL B 119 -27.08 2.11 -29.47
CA VAL B 119 -26.29 1.96 -30.70
C VAL B 119 -25.79 0.53 -30.92
N LEU B 120 -25.39 -0.15 -29.85
CA LEU B 120 -24.91 -1.51 -29.99
C LEU B 120 -26.09 -2.38 -30.45
N ARG B 121 -27.26 -2.16 -29.87
CA ARG B 121 -28.46 -2.92 -30.23
C ARG B 121 -28.78 -2.72 -31.70
N GLN B 122 -28.61 -1.49 -32.16
CA GLN B 122 -28.86 -1.14 -33.55
C GLN B 122 -27.94 -1.93 -34.47
N ALA B 123 -26.66 -1.93 -34.14
CA ALA B 123 -25.67 -2.64 -34.96
C ALA B 123 -25.94 -4.14 -34.97
N ILE B 124 -26.35 -4.67 -33.82
CA ILE B 124 -26.64 -6.10 -33.71
C ILE B 124 -27.75 -6.57 -34.65
N ARG B 125 -28.92 -5.93 -34.61
CA ARG B 125 -30.01 -6.35 -35.49
C ARG B 125 -29.73 -6.05 -36.95
N ASP B 126 -29.03 -4.95 -37.21
CA ASP B 126 -28.70 -4.56 -38.56
C ASP B 126 -27.93 -5.63 -39.35
N ILE B 127 -26.95 -6.25 -38.70
CA ILE B 127 -26.14 -7.26 -39.38
C ILE B 127 -26.36 -8.68 -38.86
N ASN B 128 -27.34 -8.88 -37.98
CA ASN B 128 -27.59 -10.21 -37.41
C ASN B 128 -26.30 -10.70 -36.74
N ALA B 129 -25.75 -9.87 -35.86
CA ALA B 129 -24.49 -10.19 -35.18
C ALA B 129 -24.50 -11.44 -34.31
N LYS B 130 -23.36 -12.11 -34.28
CA LYS B 130 -23.19 -13.32 -33.47
C LYS B 130 -21.99 -13.12 -32.55
N ARG B 131 -21.01 -12.35 -33.01
CA ARG B 131 -19.78 -12.07 -32.27
C ARG B 131 -19.58 -10.57 -32.07
N VAL B 132 -19.23 -10.18 -30.84
CA VAL B 132 -19.01 -8.79 -30.51
C VAL B 132 -17.73 -8.66 -29.70
N VAL B 133 -17.01 -7.56 -29.94
CA VAL B 133 -15.75 -7.25 -29.24
C VAL B 133 -15.79 -5.79 -28.80
N VAL B 134 -15.52 -5.56 -27.54
CA VAL B 134 -15.47 -4.20 -27.00
C VAL B 134 -14.06 -3.89 -26.56
N ASP B 135 -13.42 -2.99 -27.34
CA ASP B 135 -12.02 -2.66 -27.09
C ASP B 135 -11.82 -1.16 -26.87
N SER B 136 -11.78 -0.75 -25.59
CA SER B 136 -11.88 -1.72 -24.51
C SER B 136 -12.97 -1.34 -23.50
N VAL B 137 -13.41 -2.36 -22.75
CA VAL B 137 -14.46 -2.14 -21.76
C VAL B 137 -14.00 -1.21 -20.63
N THR B 138 -12.69 -1.29 -20.33
CA THR B 138 -12.12 -0.50 -19.23
C THR B 138 -12.36 1.00 -19.39
N THR B 139 -12.21 1.48 -20.64
CA THR B 139 -12.35 2.91 -20.90
C THR B 139 -13.74 3.43 -20.51
N LEU B 140 -14.72 2.54 -20.45
CA LEU B 140 -16.09 2.92 -20.10
C LEU B 140 -16.30 3.28 -18.63
N TYR B 141 -15.36 2.89 -17.77
CA TYR B 141 -15.50 3.19 -16.33
C TYR B 141 -14.17 3.38 -15.60
N ILE B 142 -13.07 3.51 -16.33
CA ILE B 142 -11.78 3.63 -15.66
C ILE B 142 -11.69 4.82 -14.71
N ASN B 143 -12.56 5.85 -14.95
CA ASN B 143 -12.64 7.00 -14.06
C ASN B 143 -13.98 6.99 -13.35
N LYS B 144 -14.58 5.79 -13.35
CA LYS B 144 -15.89 5.58 -12.74
C LYS B 144 -15.94 4.16 -12.18
N PRO B 145 -15.00 3.81 -11.26
CA PRO B 145 -14.78 2.42 -10.93
C PRO B 145 -16.11 1.83 -10.43
N ALA B 146 -16.87 2.66 -9.69
CA ALA B 146 -18.09 2.17 -9.07
C ALA B 146 -19.18 1.82 -10.10
N MET B 147 -18.99 2.34 -11.34
CA MET B 147 -19.98 2.06 -12.38
C MET B 147 -19.63 0.81 -13.19
N ALA B 148 -18.46 0.23 -12.91
CA ALA B 148 -18.02 -0.95 -13.63
C ALA B 148 -18.99 -2.12 -13.54
N ARG B 149 -19.31 -2.53 -12.31
CA ARG B 149 -20.22 -3.66 -12.10
C ARG B 149 -21.50 -3.60 -12.92
N SER B 150 -22.28 -2.52 -12.78
CA SER B 150 -23.53 -2.38 -13.50
C SER B 150 -23.30 -2.28 -15.00
N ILE B 151 -22.21 -1.64 -15.41
CA ILE B 151 -21.93 -1.50 -16.82
C ILE B 151 -21.67 -2.87 -17.46
N ILE B 152 -20.86 -3.68 -16.79
CA ILE B 152 -20.55 -5.03 -17.26
C ILE B 152 -21.80 -5.90 -17.27
N LEU B 153 -22.59 -5.81 -16.21
CA LEU B 153 -23.78 -6.63 -16.12
C LEU B 153 -24.87 -6.23 -17.10
N GLN B 154 -24.96 -4.95 -17.42
CA GLN B 154 -25.97 -4.49 -18.37
C GLN B 154 -25.57 -4.89 -19.80
N LEU B 155 -24.30 -4.71 -20.16
CA LEU B 155 -23.87 -5.07 -21.51
C LEU B 155 -23.99 -6.57 -21.73
N LYS B 156 -23.61 -7.33 -20.72
CA LYS B 156 -23.66 -8.79 -20.77
C LYS B 156 -25.08 -9.25 -21.06
N ARG B 157 -26.03 -8.64 -20.37
CA ARG B 157 -27.44 -8.98 -20.53
C ARG B 157 -27.93 -8.68 -21.94
N VAL B 158 -27.56 -7.51 -22.46
CA VAL B 158 -27.95 -7.12 -23.80
C VAL B 158 -27.38 -8.10 -24.82
N LEU B 159 -26.09 -8.39 -24.70
CA LEU B 159 -25.41 -9.30 -25.62
C LEU B 159 -25.90 -10.76 -25.58
N ALA B 160 -26.02 -11.34 -24.40
CA ALA B 160 -26.50 -12.72 -24.31
C ALA B 160 -27.96 -12.76 -24.74
N GLY B 161 -28.70 -11.71 -24.38
CA GLY B 161 -30.11 -11.63 -24.73
C GLY B 161 -30.35 -11.56 -26.22
N THR B 162 -29.36 -11.12 -26.99
CA THR B 162 -29.52 -11.04 -28.43
C THR B 162 -28.78 -12.17 -29.13
N GLY B 163 -28.38 -13.17 -28.35
CA GLY B 163 -27.67 -14.32 -28.90
C GLY B 163 -26.21 -14.12 -29.27
N CYS B 164 -25.59 -13.08 -28.73
CA CYS B 164 -24.19 -12.83 -29.06
C CYS B 164 -23.21 -13.49 -28.09
N THR B 165 -22.01 -13.77 -28.61
CA THR B 165 -20.92 -14.36 -27.85
C THR B 165 -19.86 -13.27 -27.94
N SER B 166 -19.42 -12.75 -26.80
CA SER B 166 -18.48 -11.63 -26.83
C SER B 166 -17.19 -11.70 -26.04
N ILE B 167 -16.29 -10.80 -26.41
CA ILE B 167 -15.01 -10.63 -25.74
C ILE B 167 -14.94 -9.17 -25.26
N PHE B 168 -14.63 -9.00 -23.98
CA PHE B 168 -14.47 -7.68 -23.38
C PHE B 168 -12.98 -7.53 -23.11
N VAL B 169 -12.31 -6.64 -23.84
CA VAL B 169 -10.89 -6.44 -23.61
C VAL B 169 -10.76 -5.62 -22.35
N SER B 170 -9.95 -6.10 -21.41
CA SER B 170 -9.74 -5.40 -20.14
C SER B 170 -8.29 -4.95 -20.00
N GLN B 171 -8.08 -3.64 -19.92
CA GLN B 171 -6.72 -3.10 -19.79
C GLN B 171 -6.28 -3.03 -18.34
N VAL B 172 -5.13 -3.61 -18.05
CA VAL B 172 -4.58 -3.59 -16.70
C VAL B 172 -3.18 -3.00 -16.81
N SER B 173 -2.75 -2.28 -15.79
CA SER B 173 -1.42 -1.71 -15.83
C SER B 173 -0.38 -2.78 -15.54
N VAL B 174 0.77 -2.62 -16.20
CA VAL B 174 1.84 -3.61 -16.06
C VAL B 174 2.14 -3.92 -14.59
N GLY B 175 2.47 -5.20 -14.32
CA GLY B 175 2.84 -5.56 -12.96
C GLY B 175 1.64 -6.16 -12.20
N GLU B 176 0.52 -5.45 -12.21
CA GLU B 176 -0.66 -5.94 -11.51
C GLU B 176 -1.20 -7.20 -12.16
N ARG B 177 -1.39 -8.24 -11.32
CA ARG B 177 -1.92 -9.49 -11.83
C ARG B 177 -3.46 -9.50 -11.80
N GLY B 178 -4.02 -8.30 -11.55
CA GLY B 178 -5.47 -8.19 -11.49
C GLY B 178 -6.13 -8.60 -12.81
N PHE B 179 -7.44 -8.69 -12.98
CA PHE B 179 -8.01 -8.86 -14.31
C PHE B 179 -8.77 -7.61 -14.75
N GLY B 180 -9.09 -6.76 -13.78
CA GLY B 180 -9.82 -5.54 -14.08
C GLY B 180 -10.44 -4.89 -12.85
N GLY B 181 -10.47 -5.61 -11.73
CA GLY B 181 -11.03 -5.04 -10.52
C GLY B 181 -12.28 -5.68 -9.95
N PRO B 182 -12.82 -5.10 -8.87
CA PRO B 182 -14.03 -5.56 -8.17
C PRO B 182 -15.28 -5.68 -9.02
N GLY B 183 -15.91 -6.86 -8.94
CA GLY B 183 -17.12 -7.09 -9.68
C GLY B 183 -16.96 -7.40 -11.15
N VAL B 184 -16.07 -6.71 -11.85
CA VAL B 184 -15.87 -6.95 -13.27
C VAL B 184 -15.43 -8.39 -13.52
N GLU B 185 -14.34 -8.80 -12.85
CA GLU B 185 -13.85 -10.17 -13.00
C GLU B 185 -14.85 -11.17 -12.47
N HIS B 186 -15.80 -10.71 -11.66
CA HIS B 186 -16.83 -11.58 -11.11
C HIS B 186 -18.05 -11.62 -12.05
N GLY B 187 -18.29 -10.51 -12.74
CA GLY B 187 -19.44 -10.42 -13.63
C GLY B 187 -19.38 -11.13 -14.98
N VAL B 188 -18.19 -11.31 -15.52
CA VAL B 188 -18.04 -11.96 -16.81
C VAL B 188 -18.17 -13.49 -16.69
N ASP B 189 -18.43 -14.17 -17.80
CA ASP B 189 -18.59 -15.62 -17.76
C ASP B 189 -17.25 -16.33 -17.85
N GLY B 190 -16.30 -15.68 -18.52
CA GLY B 190 -15.00 -16.26 -18.68
C GLY B 190 -13.89 -15.22 -18.56
N ILE B 191 -12.70 -15.71 -18.27
CA ILE B 191 -11.55 -14.85 -18.13
C ILE B 191 -10.35 -15.51 -18.79
N ILE B 192 -9.81 -14.85 -19.80
CA ILE B 192 -8.61 -15.37 -20.45
C ILE B 192 -7.58 -14.28 -20.26
N ARG B 193 -6.48 -14.65 -19.60
CA ARG B 193 -5.41 -13.71 -19.34
C ARG B 193 -4.26 -13.92 -20.32
N LEU B 194 -3.78 -12.82 -20.89
CA LEU B 194 -2.65 -12.86 -21.80
C LEU B 194 -1.57 -12.17 -20.99
N ASP B 195 -0.44 -12.85 -20.84
CA ASP B 195 0.69 -12.35 -20.07
C ASP B 195 1.99 -12.16 -20.87
N LEU B 196 2.82 -11.25 -20.37
CA LEU B 196 4.10 -10.95 -20.98
C LEU B 196 4.97 -10.78 -19.76
N ASP B 197 5.74 -11.83 -19.46
CA ASP B 197 6.59 -11.85 -18.27
C ASP B 197 8.07 -11.92 -18.58
N GLU B 198 8.86 -11.14 -17.87
CA GLU B 198 10.30 -11.14 -18.07
C GLU B 198 10.90 -12.25 -17.21
N ILE B 199 11.48 -13.23 -17.89
CA ILE B 199 12.08 -14.37 -17.22
C ILE B 199 13.51 -14.49 -17.73
N ASP B 200 14.47 -14.30 -16.83
CA ASP B 200 15.89 -14.38 -17.19
C ASP B 200 16.24 -13.46 -18.38
N GLY B 201 15.96 -12.17 -18.21
CA GLY B 201 16.25 -11.20 -19.24
C GLY B 201 15.49 -11.35 -20.56
N GLU B 202 14.43 -12.14 -20.54
CA GLU B 202 13.62 -12.37 -21.75
C GLU B 202 12.12 -12.30 -21.50
N LEU B 203 11.41 -11.56 -22.34
CA LEU B 203 9.95 -11.46 -22.23
C LEU B 203 9.32 -12.67 -22.92
N LYS B 204 8.44 -13.37 -22.23
CA LYS B 204 7.78 -14.54 -22.78
C LYS B 204 6.28 -14.33 -22.71
N ARG B 205 5.58 -14.64 -23.80
CA ARG B 205 4.14 -14.50 -23.84
C ARG B 205 3.50 -15.83 -23.43
N SER B 206 2.38 -15.74 -22.73
CA SER B 206 1.65 -16.92 -22.32
C SER B 206 0.20 -16.55 -22.09
N LEU B 207 -0.67 -17.54 -22.27
CA LEU B 207 -2.11 -17.42 -22.12
C LEU B 207 -2.59 -18.41 -21.08
N ILE B 208 -3.61 -18.03 -20.32
CA ILE B 208 -4.14 -18.94 -19.33
C ILE B 208 -5.64 -18.67 -19.18
N VAL B 209 -6.43 -19.75 -19.17
CA VAL B 209 -7.87 -19.65 -19.04
C VAL B 209 -8.16 -19.75 -17.55
N TRP B 210 -8.40 -18.60 -16.93
CA TRP B 210 -8.66 -18.56 -15.51
C TRP B 210 -10.09 -18.97 -15.19
N LYS B 211 -11.00 -18.69 -16.10
CA LYS B 211 -12.40 -18.97 -15.87
C LYS B 211 -13.17 -19.09 -17.18
N MET B 212 -14.12 -20.02 -17.21
CA MET B 212 -14.96 -20.19 -18.37
C MET B 212 -16.17 -20.99 -17.99
N ARG B 213 -17.25 -20.29 -17.65
CA ARG B 213 -18.49 -20.94 -17.27
C ARG B 213 -19.01 -21.82 -18.40
N GLY B 214 -19.56 -22.98 -18.05
CA GLY B 214 -20.11 -23.88 -19.03
C GLY B 214 -19.19 -24.88 -19.71
N THR B 215 -17.97 -25.05 -19.21
CA THR B 215 -17.05 -25.99 -19.83
C THR B 215 -15.75 -26.18 -19.05
N SER B 216 -15.11 -27.32 -19.26
CA SER B 216 -13.84 -27.60 -18.63
C SER B 216 -12.88 -26.96 -19.64
N HIS B 217 -11.63 -26.83 -19.26
CA HIS B 217 -10.63 -26.22 -20.13
C HIS B 217 -9.27 -26.52 -19.55
N SER B 218 -8.23 -26.27 -20.32
CA SER B 218 -6.89 -26.49 -19.85
C SER B 218 -6.63 -25.62 -18.61
N MET B 219 -5.93 -26.17 -17.63
CA MET B 219 -5.61 -25.44 -16.42
C MET B 219 -4.13 -25.07 -16.45
N ARG B 220 -3.52 -25.20 -17.62
CA ARG B 220 -2.10 -24.90 -17.76
C ARG B 220 -1.84 -23.57 -18.45
N ARG B 221 -0.64 -23.02 -18.22
CA ARG B 221 -0.24 -21.77 -18.84
C ARG B 221 0.47 -22.11 -20.14
N HIS B 222 -0.14 -21.74 -21.26
CA HIS B 222 0.44 -22.05 -22.57
C HIS B 222 1.14 -20.87 -23.23
N PRO B 223 2.32 -21.12 -23.81
CA PRO B 223 3.03 -20.04 -24.48
C PRO B 223 2.36 -19.74 -25.83
N PHE B 224 2.60 -18.55 -26.35
CA PHE B 224 2.07 -18.18 -27.64
C PHE B 224 2.96 -17.15 -28.29
N ASP B 225 2.81 -17.00 -29.61
CA ASP B 225 3.58 -16.03 -30.36
C ASP B 225 2.59 -15.18 -31.15
N ILE B 226 2.99 -13.95 -31.43
CA ILE B 226 2.18 -13.04 -32.22
C ILE B 226 2.93 -13.02 -33.55
N THR B 227 2.23 -13.33 -34.63
CA THR B 227 2.90 -13.35 -35.93
C THR B 227 2.31 -12.35 -36.93
N ASP B 228 2.68 -12.56 -38.19
CA ASP B 228 2.23 -11.71 -39.29
C ASP B 228 0.80 -12.12 -39.62
N LYS B 229 0.46 -13.35 -39.26
CA LYS B 229 -0.87 -13.90 -39.52
C LYS B 229 -1.75 -13.91 -38.28
N GLY B 230 -1.27 -13.30 -37.20
CA GLY B 230 -2.04 -13.27 -35.98
C GLY B 230 -1.40 -14.09 -34.85
N ILE B 231 -2.21 -14.49 -33.88
CA ILE B 231 -1.74 -15.25 -32.75
C ILE B 231 -1.83 -16.76 -32.96
N ILE B 232 -0.89 -17.47 -32.35
CA ILE B 232 -0.86 -18.93 -32.38
C ILE B 232 -0.52 -19.40 -30.98
N VAL B 233 -1.43 -20.13 -30.36
CA VAL B 233 -1.18 -20.65 -29.02
C VAL B 233 -0.76 -22.12 -29.15
N TYR B 234 0.14 -22.57 -28.27
CA TYR B 234 0.63 -23.95 -28.32
C TYR B 234 0.11 -24.79 -27.17
N PRO B 235 -1.02 -25.50 -27.40
CA PRO B 235 -1.66 -26.36 -26.38
C PRO B 235 -0.76 -27.48 -25.88
N ASP B 236 0.20 -27.89 -26.70
CA ASP B 236 1.10 -28.99 -26.32
C ASP B 236 2.34 -28.56 -25.54
N LYS B 237 2.43 -27.27 -25.24
CA LYS B 237 3.56 -26.76 -24.47
C LYS B 237 3.05 -26.03 -23.24
N VAL B 238 3.87 -25.99 -22.20
CA VAL B 238 3.50 -25.31 -20.97
C VAL B 238 4.68 -24.48 -20.52
N LEU B 239 4.40 -23.40 -19.80
CA LEU B 239 5.44 -22.53 -19.29
C LEU B 239 5.60 -22.75 -17.79
N LYS B 240 6.77 -23.25 -17.41
CA LYS B 240 7.12 -23.47 -16.00
C LYS B 240 8.49 -22.80 -15.95
N ARG B 241 8.51 -21.47 -15.80
CA ARG B 241 9.77 -20.72 -15.79
C ARG B 241 10.63 -21.17 -16.96
N GLY B 242 9.96 -21.56 -18.04
CA GLY B 242 10.63 -22.04 -19.24
C GLY B 242 9.67 -22.93 -20.02
N LYS B 243 9.78 -22.93 -21.35
CA LYS B 243 8.90 -23.75 -22.18
C LYS B 243 9.30 -25.21 -22.09
N VAL B 244 8.30 -26.09 -22.02
CA VAL B 244 8.54 -27.53 -21.95
C VAL B 244 7.37 -28.25 -22.63
N LEU B 245 7.66 -29.38 -23.28
CA LEU B 245 6.64 -30.16 -23.98
C LEU B 245 5.65 -30.84 -23.05
N GLU B 246 4.41 -30.96 -23.50
CA GLU B 246 3.34 -31.61 -22.74
C GLU B 246 3.05 -30.89 -21.43
N THR C 2 5.74 -1.44 -44.47
CA THR C 2 5.71 -0.29 -43.52
C THR C 2 7.10 0.32 -43.36
N ARG C 3 7.21 1.63 -43.57
CA ARG C 3 8.47 2.34 -43.47
C ARG C 3 9.05 2.35 -42.06
N ARG C 4 10.37 2.53 -41.96
CA ARG C 4 11.07 2.57 -40.68
C ARG C 4 11.84 3.86 -40.44
N VAL C 5 11.78 4.34 -39.20
CA VAL C 5 12.49 5.56 -38.82
C VAL C 5 13.70 5.11 -38.01
N LYS C 6 14.90 5.36 -38.55
CA LYS C 6 16.16 4.98 -37.92
C LYS C 6 16.50 5.91 -36.75
N THR C 7 16.56 5.37 -35.55
CA THR C 7 16.89 6.18 -34.39
C THR C 7 18.35 6.56 -34.50
N GLY C 8 19.11 5.71 -35.19
CA GLY C 8 20.52 5.97 -35.36
C GLY C 8 21.28 5.72 -34.08
N ILE C 9 20.56 5.39 -33.01
CA ILE C 9 21.22 5.11 -31.74
C ILE C 9 21.79 3.70 -31.83
N PRO C 10 23.10 3.55 -31.60
CA PRO C 10 23.79 2.25 -31.66
C PRO C 10 23.07 1.10 -30.99
N GLY C 11 22.67 0.11 -31.80
CA GLY C 11 22.02 -1.06 -31.27
C GLY C 11 20.49 -1.05 -31.23
N VAL C 12 19.91 0.13 -31.11
CA VAL C 12 18.47 0.27 -31.03
C VAL C 12 17.67 -0.13 -32.27
N ASP C 13 18.14 0.24 -33.45
CA ASP C 13 17.43 -0.12 -34.67
C ASP C 13 17.42 -1.63 -34.87
N GLU C 14 18.49 -2.30 -34.46
CA GLU C 14 18.58 -3.74 -34.57
C GLU C 14 17.54 -4.39 -33.66
N ILE C 15 17.44 -3.86 -32.44
CA ILE C 15 16.50 -4.35 -31.45
C ILE C 15 15.07 -4.12 -31.92
N LEU C 16 14.84 -3.05 -32.67
CA LEU C 16 13.50 -2.75 -33.17
C LEU C 16 13.29 -3.42 -34.53
N HIS C 17 14.24 -4.29 -34.90
CA HIS C 17 14.17 -5.01 -36.16
C HIS C 17 13.99 -4.08 -37.36
N GLY C 18 14.86 -3.08 -37.46
CA GLY C 18 14.76 -2.12 -38.56
C GLY C 18 14.65 -0.67 -38.13
N GLY C 19 13.89 -0.42 -37.07
CA GLY C 19 13.70 0.94 -36.58
C GLY C 19 12.29 1.16 -36.09
N ILE C 20 11.92 2.40 -35.79
CA ILE C 20 10.57 2.71 -35.33
C ILE C 20 9.62 2.78 -36.51
N PRO C 21 8.50 2.04 -36.48
CA PRO C 21 7.53 2.08 -37.59
C PRO C 21 7.04 3.52 -37.73
N GLU C 22 7.13 4.06 -38.95
CA GLU C 22 6.74 5.44 -39.21
C GLU C 22 5.38 5.87 -38.62
N ARG C 23 5.37 7.03 -37.98
CA ARG C 23 4.19 7.61 -37.36
C ARG C 23 3.86 7.03 -35.98
N ASN C 24 4.60 6.05 -35.50
CA ASN C 24 4.37 5.46 -34.17
C ASN C 24 4.71 6.49 -33.10
N VAL C 25 3.94 6.52 -32.01
CA VAL C 25 4.26 7.36 -30.88
C VAL C 25 4.92 6.38 -29.91
N VAL C 26 6.16 6.64 -29.51
CA VAL C 26 6.83 5.71 -28.58
C VAL C 26 7.04 6.33 -27.19
N LEU C 27 6.58 5.62 -26.18
CA LEU C 27 6.73 6.06 -24.80
C LEU C 27 8.09 5.56 -24.33
N LEU C 28 8.95 6.47 -23.88
CA LEU C 28 10.28 6.14 -23.37
C LEU C 28 10.13 6.37 -21.87
N SER C 29 9.94 5.28 -21.14
CA SER C 29 9.70 5.29 -19.71
C SER C 29 10.85 4.85 -18.82
N GLY C 30 11.02 5.55 -17.70
CA GLY C 30 12.07 5.21 -16.75
C GLY C 30 12.19 6.19 -15.60
N GLY C 31 12.95 5.79 -14.58
CA GLY C 31 13.15 6.64 -13.42
C GLY C 31 14.16 7.73 -13.72
N PRO C 32 14.45 8.61 -12.75
CA PRO C 32 15.41 9.69 -13.00
C PRO C 32 16.82 9.16 -13.25
N GLY C 33 17.53 9.91 -14.13
CA GLY C 33 18.89 9.53 -14.54
C GLY C 33 18.96 8.15 -15.24
N THR C 34 17.90 7.79 -16.00
CA THR C 34 18.02 6.54 -16.74
C THR C 34 18.55 6.76 -18.18
N GLY C 35 18.56 8.03 -18.59
CA GLY C 35 19.12 8.36 -19.89
C GLY C 35 18.04 8.73 -20.92
N LYS C 36 16.80 8.93 -20.41
CA LYS C 36 15.67 9.23 -21.29
C LYS C 36 15.86 10.54 -22.09
N THR C 37 16.44 11.56 -21.48
CA THR C 37 16.64 12.82 -22.19
C THR C 37 17.73 12.74 -23.24
N ILE C 38 18.84 12.11 -22.89
CA ILE C 38 19.96 11.96 -23.83
C ILE C 38 19.49 11.12 -25.03
N PHE C 39 18.74 10.06 -24.73
CA PHE C 39 18.20 9.16 -25.73
C PHE C 39 17.29 9.90 -26.71
N SER C 40 16.30 10.62 -26.18
CA SER C 40 15.35 11.33 -27.04
C SER C 40 16.00 12.44 -27.86
N GLN C 41 17.07 13.02 -27.34
CA GLN C 41 17.80 14.08 -28.02
C GLN C 41 18.71 13.50 -29.11
N GLN C 42 19.27 12.32 -28.85
CA GLN C 42 20.14 11.67 -29.83
C GLN C 42 19.24 11.27 -30.99
N PHE C 43 18.01 10.85 -30.65
CA PHE C 43 17.02 10.45 -31.63
C PHE C 43 16.78 11.60 -32.61
N LEU C 44 16.55 12.80 -32.08
CA LEU C 44 16.33 13.96 -32.93
C LEU C 44 17.58 14.31 -33.72
N TRP C 45 18.73 14.30 -33.06
CA TRP C 45 19.99 14.65 -33.69
C TRP C 45 20.30 13.77 -34.89
N ASN C 46 20.32 12.46 -34.68
CA ASN C 46 20.60 11.55 -35.78
C ASN C 46 19.58 11.83 -36.88
N GLY C 47 18.37 12.19 -36.47
CA GLY C 47 17.33 12.49 -37.44
C GLY C 47 17.75 13.67 -38.30
N LEU C 48 18.17 14.75 -37.66
CA LEU C 48 18.59 15.95 -38.35
C LEU C 48 19.74 15.64 -39.30
N LYS C 49 20.69 14.85 -38.81
CA LYS C 49 21.85 14.44 -39.60
C LYS C 49 21.45 13.41 -40.65
N MET C 50 20.14 13.30 -40.89
CA MET C 50 19.59 12.37 -41.88
C MET C 50 18.59 13.09 -42.77
N GLY C 51 18.55 14.42 -42.66
CA GLY C 51 17.63 15.20 -43.47
C GLY C 51 16.21 15.21 -42.94
N GLU C 52 16.01 14.71 -41.72
CA GLU C 52 14.68 14.68 -41.10
C GLU C 52 14.58 15.76 -40.02
N PRO C 53 13.77 16.80 -40.26
CA PRO C 53 13.62 17.89 -39.27
C PRO C 53 12.96 17.39 -37.99
N GLY C 54 13.48 17.87 -36.85
CA GLY C 54 12.94 17.46 -35.57
C GLY C 54 12.57 18.60 -34.63
N ILE C 55 11.59 18.31 -33.77
CA ILE C 55 11.10 19.26 -32.77
C ILE C 55 11.25 18.65 -31.38
N TYR C 56 11.71 19.47 -30.44
CA TYR C 56 11.87 19.02 -29.08
C TYR C 56 11.00 19.93 -28.22
N VAL C 57 9.94 19.37 -27.66
CA VAL C 57 9.02 20.10 -26.82
C VAL C 57 9.55 20.02 -25.38
N ALA C 58 10.09 21.14 -24.91
CA ALA C 58 10.67 21.21 -23.57
C ALA C 58 9.70 21.59 -22.46
N LEU C 59 9.48 20.65 -21.53
CA LEU C 59 8.60 20.92 -20.40
C LEU C 59 9.36 20.82 -19.07
N GLU C 60 10.61 20.35 -19.12
CA GLU C 60 11.41 20.18 -17.91
C GLU C 60 12.54 21.20 -17.74
N GLU C 61 13.04 21.72 -18.85
CA GLU C 61 14.12 22.71 -18.83
C GLU C 61 13.80 23.75 -19.91
N HIS C 62 14.44 24.92 -19.83
CA HIS C 62 14.22 25.96 -20.83
C HIS C 62 14.99 25.57 -22.09
N PRO C 63 14.42 25.83 -23.28
CA PRO C 63 15.11 25.49 -24.52
C PRO C 63 16.58 25.89 -24.53
N VAL C 64 16.89 27.05 -23.95
CA VAL C 64 18.28 27.50 -23.90
C VAL C 64 19.17 26.46 -23.24
N GLN C 65 18.72 25.88 -22.12
CA GLN C 65 19.50 24.87 -21.42
C GLN C 65 19.58 23.57 -22.23
N VAL C 66 18.46 23.20 -22.87
CA VAL C 66 18.43 22.00 -23.67
C VAL C 66 19.50 22.11 -24.77
N ARG C 67 19.54 23.24 -25.47
CA ARG C 67 20.55 23.43 -26.53
C ARG C 67 21.95 23.23 -25.93
N GLN C 68 22.13 23.70 -24.71
CA GLN C 68 23.41 23.55 -24.02
C GLN C 68 23.74 22.08 -23.74
N ASN C 69 22.76 21.32 -23.26
CA ASN C 69 22.98 19.89 -22.95
C ASN C 69 23.34 19.11 -24.20
N MET C 70 22.68 19.40 -25.31
CA MET C 70 22.93 18.70 -26.55
C MET C 70 24.32 19.01 -27.10
N ALA C 71 24.67 20.28 -27.13
CA ALA C 71 25.97 20.71 -27.63
C ALA C 71 27.11 20.05 -26.86
N GLN C 72 26.88 19.78 -25.58
CA GLN C 72 27.89 19.16 -24.74
C GLN C 72 28.20 17.73 -25.19
N PHE C 73 27.25 17.11 -25.89
CA PHE C 73 27.45 15.76 -26.39
C PHE C 73 27.98 15.83 -27.82
N GLY C 74 28.00 17.05 -28.36
CA GLY C 74 28.50 17.24 -29.71
C GLY C 74 27.37 17.39 -30.71
N TRP C 75 26.19 17.73 -30.21
CA TRP C 75 25.04 17.90 -31.07
C TRP C 75 24.62 19.36 -31.08
N ASP C 76 25.22 20.13 -31.96
CA ASP C 76 24.91 21.54 -32.06
C ASP C 76 23.76 21.75 -33.03
N VAL C 77 22.58 22.04 -32.49
CA VAL C 77 21.39 22.24 -33.32
C VAL C 77 21.29 23.64 -33.93
N LYS C 78 22.11 24.58 -33.45
CA LYS C 78 22.09 25.96 -33.93
C LYS C 78 22.00 26.06 -35.46
N PRO C 79 22.98 25.51 -36.19
CA PRO C 79 22.95 25.56 -37.65
C PRO C 79 21.63 25.08 -38.22
N TYR C 80 21.15 23.95 -37.69
CA TYR C 80 19.88 23.38 -38.14
C TYR C 80 18.68 24.24 -37.77
N GLU C 81 18.75 24.90 -36.63
CA GLU C 81 17.63 25.75 -36.21
C GLU C 81 17.49 27.00 -37.06
N GLU C 82 18.61 27.64 -37.38
CA GLU C 82 18.54 28.85 -38.19
C GLU C 82 18.13 28.48 -39.61
N LYS C 83 18.47 27.26 -40.02
CA LYS C 83 18.12 26.78 -41.35
C LYS C 83 16.70 26.23 -41.40
N GLY C 84 15.99 26.33 -40.28
CA GLY C 84 14.62 25.85 -40.22
C GLY C 84 14.46 24.35 -40.27
N MET C 85 15.50 23.62 -39.84
CA MET C 85 15.47 22.17 -39.83
C MET C 85 15.21 21.62 -38.42
N PHE C 86 15.34 22.48 -37.41
CA PHE C 86 15.12 22.07 -36.03
C PHE C 86 14.34 23.16 -35.29
N ALA C 87 13.51 22.76 -34.33
CA ALA C 87 12.73 23.72 -33.57
C ALA C 87 12.53 23.31 -32.10
N MET C 88 12.62 24.30 -31.22
CA MET C 88 12.45 24.09 -29.79
C MET C 88 11.12 24.70 -29.37
N VAL C 89 10.33 23.96 -28.60
CA VAL C 89 9.07 24.50 -28.12
C VAL C 89 9.15 24.69 -26.61
N ASP C 90 8.84 25.90 -26.16
CA ASP C 90 8.89 26.23 -24.75
C ASP C 90 7.56 26.01 -24.07
N ALA C 91 7.40 24.87 -23.40
CA ALA C 91 6.20 24.59 -22.64
C ALA C 91 6.74 24.27 -21.25
N PHE C 92 7.78 24.99 -20.87
CA PHE C 92 8.47 24.83 -19.59
C PHE C 92 8.22 26.03 -18.67
N THR C 93 8.44 27.22 -19.21
CA THR C 93 8.26 28.45 -18.47
C THR C 93 6.87 28.59 -17.85
N ALA C 94 5.83 28.36 -18.65
CA ALA C 94 4.46 28.46 -18.17
C ALA C 94 4.16 27.55 -16.99
N GLY C 95 5.10 26.66 -16.68
CA GLY C 95 4.89 25.73 -15.58
C GLY C 95 5.44 26.19 -14.24
N ILE C 96 6.42 27.10 -14.27
CA ILE C 96 7.03 27.59 -13.05
C ILE C 96 6.87 29.10 -12.83
N GLY C 97 7.07 29.88 -13.89
CA GLY C 97 6.94 31.32 -13.75
C GLY C 97 6.58 32.06 -15.03
N GLU C 101 13.29 36.10 -21.59
CA GLU C 101 14.00 36.27 -22.85
C GLU C 101 13.08 35.83 -23.99
N TYR C 102 13.63 35.61 -25.19
CA TYR C 102 12.79 35.24 -26.34
C TYR C 102 12.95 33.78 -26.84
N GLU C 103 11.84 33.23 -27.31
CA GLU C 103 11.78 31.88 -27.87
C GLU C 103 10.67 31.90 -28.91
N LYS C 104 10.98 31.44 -30.13
CA LYS C 104 9.98 31.45 -31.19
C LYS C 104 8.67 30.76 -30.83
N TYR C 105 8.75 29.52 -30.35
CA TYR C 105 7.56 28.76 -29.97
C TYR C 105 7.42 28.68 -28.45
N ILE C 106 6.29 29.14 -27.96
CA ILE C 106 6.02 29.14 -26.52
C ILE C 106 4.56 28.81 -26.23
N VAL C 107 4.35 28.03 -25.18
CA VAL C 107 3.00 27.67 -24.76
C VAL C 107 2.77 28.42 -23.46
N HIS C 108 1.89 29.42 -23.50
CA HIS C 108 1.62 30.24 -22.33
C HIS C 108 0.77 29.56 -21.25
N ASP C 109 -0.24 28.81 -21.69
CA ASP C 109 -1.15 28.16 -20.74
C ASP C 109 -1.16 26.63 -20.91
N LEU C 110 -0.88 25.94 -19.79
CA LEU C 110 -0.85 24.48 -19.82
C LEU C 110 -2.07 23.88 -19.11
N THR C 111 -2.98 24.79 -18.69
CA THR C 111 -4.26 24.39 -18.12
C THR C 111 -4.85 23.19 -18.87
N ASP C 112 -4.71 23.27 -20.21
CA ASP C 112 -5.21 22.22 -21.10
C ASP C 112 -4.50 22.29 -22.46
N ILE C 113 -4.39 21.12 -23.13
CA ILE C 113 -3.47 20.98 -24.26
C ILE C 113 -3.94 21.70 -25.53
N ARG C 114 -5.06 22.42 -25.55
CA ARG C 114 -5.46 23.05 -26.80
C ARG C 114 -4.40 24.01 -27.34
N GLU C 115 -3.91 24.91 -26.50
CA GLU C 115 -2.89 25.84 -26.98
C GLU C 115 -1.60 25.08 -27.26
N PHE C 116 -1.31 24.09 -26.40
CA PHE C 116 -0.12 23.28 -26.57
C PHE C 116 -0.14 22.68 -27.98
N ILE C 117 -1.27 22.09 -28.33
CA ILE C 117 -1.44 21.48 -29.64
C ILE C 117 -1.28 22.49 -30.79
N GLU C 118 -1.85 23.68 -30.63
CA GLU C 118 -1.74 24.67 -31.70
C GLU C 118 -0.29 25.04 -31.93
N VAL C 119 0.44 25.35 -30.87
CA VAL C 119 1.85 25.71 -31.03
C VAL C 119 2.63 24.56 -31.65
N LEU C 120 2.27 23.34 -31.27
CA LEU C 120 2.95 22.16 -31.80
C LEU C 120 2.68 22.04 -33.30
N ARG C 121 1.43 22.24 -33.69
CA ARG C 121 1.06 22.17 -35.11
C ARG C 121 1.84 23.21 -35.91
N GLN C 122 2.01 24.39 -35.32
CA GLN C 122 2.73 25.47 -35.98
C GLN C 122 4.20 25.09 -36.22
N ALA C 123 4.84 24.52 -35.20
CA ALA C 123 6.24 24.14 -35.34
C ALA C 123 6.43 23.05 -36.39
N ILE C 124 5.52 22.08 -36.41
CA ILE C 124 5.59 21.00 -37.38
C ILE C 124 5.43 21.56 -38.80
N ARG C 125 4.36 22.32 -39.01
CA ARG C 125 4.07 22.95 -40.30
C ARG C 125 5.29 23.76 -40.74
N ASP C 126 5.77 24.63 -39.85
CA ASP C 126 6.91 25.50 -40.12
C ASP C 126 8.20 24.83 -40.59
N ILE C 127 8.48 23.64 -40.07
CA ILE C 127 9.71 22.97 -40.51
C ILE C 127 9.44 21.63 -41.22
N ASN C 128 8.16 21.38 -41.48
CA ASN C 128 7.78 20.10 -42.06
C ASN C 128 8.44 18.93 -41.32
N ALA C 129 8.38 19.03 -39.97
CA ALA C 129 9.04 18.09 -39.08
C ALA C 129 8.64 16.62 -39.34
N LYS C 130 9.59 15.74 -39.07
CA LYS C 130 9.40 14.30 -39.24
C LYS C 130 9.52 13.58 -37.90
N ARG C 131 10.29 14.16 -36.98
CA ARG C 131 10.49 13.58 -35.65
C ARG C 131 10.09 14.59 -34.56
N VAL C 132 9.48 14.10 -33.49
CA VAL C 132 9.05 14.96 -32.40
C VAL C 132 9.26 14.30 -31.03
N VAL C 133 9.75 15.09 -30.09
CA VAL C 133 10.00 14.64 -28.72
C VAL C 133 9.26 15.52 -27.73
N VAL C 134 8.60 14.88 -26.78
CA VAL C 134 7.91 15.59 -25.71
C VAL C 134 8.45 15.20 -24.33
N ASP C 135 9.42 16.01 -23.87
CA ASP C 135 10.08 15.73 -22.60
C ASP C 135 9.70 16.78 -21.55
N SER C 136 8.73 16.42 -20.67
CA SER C 136 8.13 15.09 -20.72
C SER C 136 6.59 15.16 -20.66
N VAL C 137 5.95 14.19 -21.32
CA VAL C 137 4.47 14.22 -21.42
C VAL C 137 3.79 14.03 -20.06
N THR C 138 4.51 13.46 -19.10
CA THR C 138 4.02 13.27 -17.74
C THR C 138 3.65 14.60 -17.08
N THR C 139 4.39 15.64 -17.45
CA THR C 139 4.16 16.95 -16.89
C THR C 139 2.82 17.56 -17.28
N LEU C 140 2.31 17.20 -18.46
CA LEU C 140 1.02 17.72 -18.91
C LEU C 140 -0.16 17.26 -18.07
N TYR C 141 0.00 16.18 -17.30
CA TYR C 141 -1.12 15.68 -16.50
C TYR C 141 -0.74 15.22 -15.10
N ILE C 142 0.49 15.50 -14.68
CA ILE C 142 0.97 15.07 -13.37
C ILE C 142 -0.01 15.36 -12.23
N ASN C 143 -0.82 16.41 -12.34
CA ASN C 143 -1.78 16.74 -11.29
C ASN C 143 -3.22 16.38 -11.69
N LYS C 144 -3.38 15.91 -12.92
CA LYS C 144 -4.70 15.51 -13.42
C LYS C 144 -4.60 14.21 -14.21
N PRO C 145 -4.32 13.09 -13.50
CA PRO C 145 -4.19 11.76 -14.09
C PRO C 145 -5.39 11.25 -14.88
N ALA C 146 -6.60 11.69 -14.52
CA ALA C 146 -7.79 11.27 -15.24
C ALA C 146 -7.79 11.83 -16.66
N MET C 147 -6.96 12.84 -16.89
CA MET C 147 -6.85 13.50 -18.20
C MET C 147 -5.76 12.89 -19.07
N ALA C 148 -4.83 12.17 -18.44
CA ALA C 148 -3.71 11.56 -19.15
C ALA C 148 -4.11 10.80 -20.42
N ARG C 149 -5.09 9.90 -20.31
CA ARG C 149 -5.52 9.12 -21.46
C ARG C 149 -5.92 9.98 -22.67
N SER C 150 -6.88 10.89 -22.48
CA SER C 150 -7.33 11.73 -23.59
C SER C 150 -6.19 12.57 -24.16
N ILE C 151 -5.33 13.07 -23.28
CA ILE C 151 -4.20 13.87 -23.71
C ILE C 151 -3.27 13.05 -24.60
N ILE C 152 -2.88 11.87 -24.11
CA ILE C 152 -2.00 11.02 -24.90
C ILE C 152 -2.64 10.71 -26.26
N LEU C 153 -3.93 10.36 -26.25
CA LEU C 153 -4.62 10.03 -27.50
C LEU C 153 -4.76 11.23 -28.43
N GLN C 154 -4.99 12.41 -27.87
CA GLN C 154 -5.11 13.62 -28.67
C GLN C 154 -3.79 13.99 -29.35
N LEU C 155 -2.70 13.93 -28.60
CA LEU C 155 -1.39 14.27 -29.17
C LEU C 155 -1.01 13.24 -30.22
N LYS C 156 -1.23 11.96 -29.91
CA LYS C 156 -0.93 10.86 -30.84
C LYS C 156 -1.60 11.10 -32.19
N ARG C 157 -2.87 11.49 -32.15
CA ARG C 157 -3.62 11.73 -33.38
C ARG C 157 -3.09 12.94 -34.15
N VAL C 158 -2.68 13.97 -33.43
CA VAL C 158 -2.14 15.16 -34.08
C VAL C 158 -0.81 14.84 -34.78
N LEU C 159 0.07 14.17 -34.04
CA LEU C 159 1.37 13.82 -34.60
C LEU C 159 1.31 12.83 -35.76
N ALA C 160 0.51 11.78 -35.62
CA ALA C 160 0.39 10.77 -36.67
C ALA C 160 -0.26 11.38 -37.91
N GLY C 161 -1.31 12.16 -37.68
CA GLY C 161 -2.00 12.84 -38.78
C GLY C 161 -1.09 13.82 -39.54
N THR C 162 0.00 14.26 -38.87
CA THR C 162 0.95 15.15 -39.55
C THR C 162 2.17 14.40 -40.12
N GLY C 163 2.14 13.05 -39.97
CA GLY C 163 3.22 12.24 -40.55
C GLY C 163 4.45 12.19 -39.65
N CYS C 164 4.35 12.61 -38.39
CA CYS C 164 5.49 12.55 -37.48
C CYS C 164 5.60 11.22 -36.74
N THR C 165 6.81 10.91 -36.30
CA THR C 165 7.09 9.71 -35.52
C THR C 165 7.66 10.31 -34.24
N SER C 166 7.07 9.95 -33.10
CA SER C 166 7.49 10.56 -31.84
C SER C 166 7.89 9.71 -30.67
N ILE C 167 8.56 10.36 -29.74
CA ILE C 167 8.98 9.78 -28.47
C ILE C 167 8.40 10.66 -27.37
N PHE C 168 7.61 10.05 -26.49
CA PHE C 168 7.06 10.77 -25.35
C PHE C 168 7.89 10.29 -24.15
N VAL C 169 8.57 11.20 -23.47
CA VAL C 169 9.34 10.81 -22.31
C VAL C 169 8.38 10.74 -21.11
N SER C 170 8.42 9.63 -20.39
CA SER C 170 7.56 9.39 -19.24
C SER C 170 8.44 9.22 -17.99
N GLN C 171 8.31 10.14 -17.04
CA GLN C 171 9.09 10.09 -15.82
C GLN C 171 8.34 9.23 -14.80
N VAL C 172 9.00 8.17 -14.33
CA VAL C 172 8.44 7.32 -13.29
C VAL C 172 9.27 7.42 -12.01
N SER C 173 8.56 7.33 -10.87
CA SER C 173 9.23 7.55 -9.59
C SER C 173 9.25 6.28 -8.73
N GLY C 183 -4.36 4.48 -18.63
CA GLY C 183 -4.48 4.03 -20.01
C GLY C 183 -3.39 4.66 -20.90
N VAL C 184 -2.39 5.26 -20.22
CA VAL C 184 -1.30 5.89 -20.97
C VAL C 184 -0.48 4.86 -21.75
N GLU C 185 -0.02 3.83 -21.01
CA GLU C 185 0.78 2.79 -21.66
C GLU C 185 -0.03 2.00 -22.68
N HIS C 186 -1.35 1.95 -22.54
CA HIS C 186 -2.16 1.30 -23.56
C HIS C 186 -2.41 2.21 -24.77
N GLY C 187 -2.32 3.52 -24.58
CA GLY C 187 -2.55 4.45 -25.67
C GLY C 187 -1.42 4.62 -26.68
N VAL C 188 -0.17 4.57 -26.24
CA VAL C 188 0.94 4.75 -27.15
C VAL C 188 1.14 3.52 -28.05
N ASP C 189 1.87 3.69 -29.13
CA ASP C 189 2.14 2.59 -30.06
C ASP C 189 3.29 1.73 -29.59
N GLY C 190 4.32 2.37 -29.03
CA GLY C 190 5.47 1.63 -28.55
C GLY C 190 5.87 1.99 -27.13
N ILE C 191 6.62 1.11 -26.48
CA ILE C 191 7.07 1.34 -25.12
C ILE C 191 8.48 0.81 -24.92
N ILE C 192 9.41 1.71 -24.64
CA ILE C 192 10.78 1.32 -24.37
C ILE C 192 11.07 1.78 -22.95
N ARG C 193 11.48 0.84 -22.12
CA ARG C 193 11.80 1.13 -20.72
C ARG C 193 13.30 1.19 -20.54
N LEU C 194 13.78 2.25 -19.90
CA LEU C 194 15.20 2.38 -19.61
C LEU C 194 15.27 2.18 -18.11
N ASP C 195 16.13 1.26 -17.67
CA ASP C 195 16.27 0.97 -16.24
C ASP C 195 17.70 1.20 -15.73
N LEU C 196 17.80 1.41 -14.42
CA LEU C 196 19.07 1.65 -13.74
C LEU C 196 18.93 0.88 -12.43
N ASP C 197 19.55 -0.29 -12.40
CA ASP C 197 19.46 -1.17 -11.24
C ASP C 197 20.76 -1.44 -10.54
N GLU C 198 20.70 -1.52 -9.22
CA GLU C 198 21.87 -1.81 -8.40
C GLU C 198 21.99 -3.32 -8.25
N ILE C 199 23.15 -3.83 -8.62
CA ILE C 199 23.41 -5.27 -8.54
C ILE C 199 24.83 -5.47 -8.07
N ASP C 200 25.00 -6.11 -6.92
CA ASP C 200 26.35 -6.35 -6.38
C ASP C 200 27.15 -5.08 -6.18
N GLY C 201 26.50 -4.05 -5.62
CA GLY C 201 27.18 -2.80 -5.37
C GLY C 201 27.46 -1.94 -6.58
N GLU C 202 26.91 -2.29 -7.73
CA GLU C 202 27.12 -1.52 -8.95
C GLU C 202 25.80 -1.24 -9.68
N LEU C 203 25.68 -0.03 -10.24
CA LEU C 203 24.51 0.37 -10.99
C LEU C 203 24.67 -0.07 -12.44
N LYS C 204 23.68 -0.79 -12.96
CA LYS C 204 23.73 -1.24 -14.33
C LYS C 204 22.54 -0.69 -15.13
N ARG C 205 22.82 -0.20 -16.32
CA ARG C 205 21.77 0.33 -17.18
C ARG C 205 21.29 -0.76 -18.13
N SER C 206 20.00 -0.77 -18.44
CA SER C 206 19.45 -1.73 -19.38
C SER C 206 18.21 -1.16 -20.05
N LEU C 207 17.95 -1.63 -21.26
CA LEU C 207 16.83 -1.18 -22.06
C LEU C 207 16.05 -2.40 -22.44
N ILE C 208 14.74 -2.24 -22.61
CA ILE C 208 13.90 -3.35 -23.03
C ILE C 208 12.67 -2.78 -23.74
N VAL C 209 12.35 -3.34 -24.90
CA VAL C 209 11.20 -2.91 -25.68
C VAL C 209 10.02 -3.78 -25.24
N TRP C 210 9.10 -3.18 -24.51
CA TRP C 210 7.93 -3.89 -23.99
C TRP C 210 6.89 -4.07 -25.09
N LYS C 211 6.82 -3.08 -25.98
CA LYS C 211 5.84 -3.10 -27.05
C LYS C 211 6.20 -2.18 -28.21
N MET C 212 5.82 -2.58 -29.41
CA MET C 212 6.06 -1.80 -30.59
C MET C 212 5.11 -2.28 -31.67
N ARG C 213 3.92 -1.68 -31.72
CA ARG C 213 2.95 -2.06 -32.73
C ARG C 213 3.63 -1.89 -34.09
N GLY C 214 3.25 -2.73 -35.05
CA GLY C 214 3.81 -2.66 -36.38
C GLY C 214 5.05 -3.50 -36.66
N THR C 215 5.62 -4.11 -35.63
CA THR C 215 6.81 -4.91 -35.85
C THR C 215 7.19 -5.87 -34.74
N SER C 216 8.09 -6.78 -35.08
CA SER C 216 8.62 -7.74 -34.15
C SER C 216 9.84 -7.01 -33.60
N HIS C 217 10.34 -7.42 -32.45
CA HIS C 217 11.49 -6.75 -31.87
C HIS C 217 12.12 -7.66 -30.84
N SER C 218 13.35 -7.38 -30.45
CA SER C 218 14.00 -8.20 -29.43
C SER C 218 13.11 -8.24 -28.19
N MET C 219 13.03 -9.40 -27.56
CA MET C 219 12.23 -9.57 -26.36
C MET C 219 13.14 -9.62 -25.14
N ARG C 220 14.41 -9.27 -25.32
CA ARG C 220 15.37 -9.32 -24.23
C ARG C 220 15.73 -7.97 -23.59
N ARG C 221 16.32 -8.04 -22.41
CA ARG C 221 16.76 -6.86 -21.69
C ARG C 221 18.23 -6.69 -22.09
N HIS C 222 18.53 -5.61 -22.80
CA HIS C 222 19.89 -5.33 -23.28
C HIS C 222 20.60 -4.26 -22.45
N PRO C 223 21.88 -4.48 -22.12
CA PRO C 223 22.57 -3.45 -21.35
C PRO C 223 22.99 -2.30 -22.27
N PHE C 224 23.26 -1.14 -21.70
CA PHE C 224 23.71 -0.01 -22.49
C PHE C 224 24.59 0.91 -21.64
N ASP C 225 25.33 1.81 -22.28
CA ASP C 225 26.19 2.77 -21.60
C ASP C 225 25.83 4.15 -22.10
N ILE C 226 26.04 5.16 -21.27
CA ILE C 226 25.84 6.53 -21.70
C ILE C 226 27.29 7.00 -21.80
N THR C 227 27.66 7.66 -22.89
CA THR C 227 29.04 8.11 -23.08
C THR C 227 29.11 9.59 -23.39
N ASP C 228 30.31 10.07 -23.73
CA ASP C 228 30.50 11.48 -24.05
C ASP C 228 29.81 11.77 -25.38
N LYS C 229 29.52 10.72 -26.13
CA LYS C 229 28.85 10.87 -27.42
C LYS C 229 27.46 10.27 -27.40
N GLY C 230 26.88 10.16 -26.21
CA GLY C 230 25.54 9.62 -26.11
C GLY C 230 25.45 8.16 -25.73
N ILE C 231 24.29 7.58 -26.01
CA ILE C 231 23.99 6.21 -25.66
C ILE C 231 24.47 5.12 -26.63
N ILE C 232 24.95 4.02 -26.08
CA ILE C 232 25.37 2.86 -26.87
C ILE C 232 24.67 1.65 -26.29
N VAL C 233 23.76 1.04 -27.05
CA VAL C 233 23.07 -0.15 -26.57
C VAL C 233 23.74 -1.37 -27.22
N TYR C 234 23.77 -2.49 -26.49
CA TYR C 234 24.39 -3.72 -26.97
C TYR C 234 23.31 -4.78 -27.23
N PRO C 235 22.85 -4.87 -28.49
CA PRO C 235 21.83 -5.82 -28.93
C PRO C 235 22.21 -7.30 -28.88
N ASP C 236 23.50 -7.56 -28.72
CA ASP C 236 24.01 -8.93 -28.68
C ASP C 236 24.29 -9.38 -27.25
N LYS C 237 23.93 -8.53 -26.29
CA LYS C 237 24.13 -8.83 -24.87
C LYS C 237 22.79 -8.82 -24.14
N VAL C 238 22.73 -9.53 -23.02
CA VAL C 238 21.52 -9.59 -22.22
C VAL C 238 21.86 -9.48 -20.74
N LEU C 239 20.97 -8.87 -19.96
CA LEU C 239 21.08 -8.78 -18.51
C LEU C 239 20.09 -9.73 -17.84
N LYS C 240 20.64 -10.81 -17.24
CA LYS C 240 19.77 -11.88 -16.78
C LYS C 240 19.49 -11.84 -15.27
N ARG C 241 20.42 -12.40 -14.47
CA ARG C 241 20.15 -12.33 -13.04
C ARG C 241 20.52 -10.96 -12.51
N GLY C 242 21.80 -10.67 -12.74
CA GLY C 242 22.38 -9.38 -12.43
C GLY C 242 23.72 -9.31 -13.15
N LYS C 243 23.82 -10.19 -14.15
CA LYS C 243 25.03 -10.35 -14.93
C LYS C 243 24.73 -10.17 -16.42
N VAL C 244 25.74 -9.64 -17.10
CA VAL C 244 25.75 -9.42 -18.52
C VAL C 244 26.30 -10.64 -19.23
N LEU C 245 25.38 -11.32 -19.91
CA LEU C 245 25.76 -12.55 -20.59
C LEU C 245 25.77 -12.41 -22.12
N GLU C 246 26.44 -13.39 -22.77
CA GLU C 246 26.59 -13.36 -24.22
C GLU C 246 27.65 -12.35 -24.67
N THR D 2 33.58 21.32 -18.94
CA THR D 2 32.79 21.99 -17.88
C THR D 2 33.59 22.01 -16.58
N ARG D 3 33.83 23.22 -16.05
CA ARG D 3 34.58 23.36 -14.81
C ARG D 3 33.84 22.64 -13.68
N ARG D 4 34.60 21.93 -12.86
CA ARG D 4 34.02 21.19 -11.75
C ARG D 4 34.22 21.90 -10.42
N VAL D 5 33.17 21.95 -9.62
CA VAL D 5 33.23 22.56 -8.30
C VAL D 5 33.71 21.46 -7.36
N LYS D 6 34.94 21.59 -6.87
CA LYS D 6 35.52 20.60 -5.97
C LYS D 6 34.86 20.61 -4.60
N THR D 7 34.38 19.44 -4.17
CA THR D 7 33.73 19.32 -2.87
C THR D 7 34.79 19.28 -1.76
N GLY D 8 35.97 18.79 -2.11
CA GLY D 8 37.04 18.71 -1.14
C GLY D 8 36.85 17.50 -0.24
N ILE D 9 35.61 17.04 -0.15
CA ILE D 9 35.31 15.88 0.67
C ILE D 9 36.11 14.71 0.13
N PRO D 10 36.95 14.10 0.97
CA PRO D 10 37.80 12.96 0.60
C PRO D 10 37.08 11.86 -0.17
N GLY D 11 37.58 11.57 -1.37
CA GLY D 11 37.02 10.53 -2.19
C GLY D 11 35.83 10.90 -3.05
N VAL D 12 35.16 12.00 -2.74
CA VAL D 12 33.99 12.40 -3.50
C VAL D 12 34.26 12.94 -4.90
N ASP D 13 35.18 13.90 -5.02
CA ASP D 13 35.47 14.47 -6.33
C ASP D 13 35.98 13.42 -7.31
N GLU D 14 36.64 12.38 -6.80
CA GLU D 14 37.13 11.30 -7.65
C GLU D 14 35.90 10.56 -8.18
N ILE D 15 35.04 10.13 -7.26
CA ILE D 15 33.80 9.43 -7.60
C ILE D 15 33.00 10.21 -8.64
N LEU D 16 33.10 11.53 -8.59
CA LEU D 16 32.38 12.39 -9.52
C LEU D 16 33.20 12.68 -10.77
N HIS D 17 34.40 12.11 -10.85
CA HIS D 17 35.28 12.32 -12.01
C HIS D 17 35.60 13.78 -12.25
N GLY D 18 36.13 14.44 -11.22
CA GLY D 18 36.48 15.85 -11.33
C GLY D 18 35.74 16.70 -10.32
N GLY D 19 34.48 16.35 -10.07
CA GLY D 19 33.71 17.10 -9.10
C GLY D 19 32.32 17.37 -9.64
N ILE D 20 31.63 18.35 -9.05
CA ILE D 20 30.28 18.71 -9.46
C ILE D 20 30.25 19.75 -10.59
N PRO D 21 29.67 19.38 -11.74
CA PRO D 21 29.59 20.31 -12.88
C PRO D 21 28.96 21.64 -12.45
N GLU D 22 29.63 22.75 -12.74
CA GLU D 22 29.11 24.08 -12.37
C GLU D 22 27.64 24.29 -12.67
N ARG D 23 26.96 24.97 -11.75
CA ARG D 23 25.54 25.29 -11.86
C ARG D 23 24.59 24.11 -11.62
N ASN D 24 25.15 22.94 -11.33
CA ASN D 24 24.34 21.76 -11.05
C ASN D 24 23.70 21.84 -9.67
N VAL D 25 22.42 21.50 -9.59
CA VAL D 25 21.72 21.46 -8.32
C VAL D 25 21.73 19.97 -7.95
N VAL D 26 22.46 19.62 -6.91
CA VAL D 26 22.56 18.23 -6.50
C VAL D 26 21.64 17.93 -5.33
N LEU D 27 20.79 16.93 -5.51
CA LEU D 27 19.90 16.54 -4.42
C LEU D 27 20.71 15.52 -3.58
N LEU D 28 20.86 15.75 -2.27
CA LEU D 28 21.53 14.78 -1.40
C LEU D 28 20.41 14.27 -0.54
N SER D 29 20.07 13.01 -0.72
CA SER D 29 19.01 12.46 0.06
C SER D 29 19.34 11.19 0.81
N GLY D 30 18.54 10.95 1.83
CA GLY D 30 18.72 9.76 2.64
C GLY D 30 17.93 9.91 3.92
N GLY D 31 17.84 8.82 4.69
CA GLY D 31 17.11 8.86 5.94
C GLY D 31 17.80 9.63 7.03
N PRO D 32 17.28 9.60 8.27
CA PRO D 32 17.92 10.33 9.37
C PRO D 32 19.21 9.65 9.82
N GLY D 33 20.18 10.45 10.26
CA GLY D 33 21.44 9.90 10.72
C GLY D 33 22.36 9.37 9.64
N THR D 34 22.20 9.85 8.41
CA THR D 34 23.04 9.38 7.31
C THR D 34 24.21 10.31 6.98
N GLY D 35 24.21 11.48 7.60
CA GLY D 35 25.30 12.43 7.39
C GLY D 35 25.10 13.52 6.36
N LYS D 36 23.85 13.78 5.97
CA LYS D 36 23.56 14.79 4.96
C LYS D 36 23.93 16.23 5.40
N THR D 37 23.58 16.59 6.63
CA THR D 37 23.90 17.93 7.12
C THR D 37 25.41 18.09 7.18
N ILE D 38 26.09 17.10 7.76
CA ILE D 38 27.55 17.14 7.88
C ILE D 38 28.21 17.24 6.50
N PHE D 39 27.68 16.46 5.55
CA PHE D 39 28.21 16.45 4.18
C PHE D 39 28.05 17.81 3.52
N SER D 40 26.87 18.41 3.67
CA SER D 40 26.58 19.72 3.09
C SER D 40 27.45 20.85 3.64
N GLN D 41 27.78 20.75 4.92
CA GLN D 41 28.60 21.78 5.57
C GLN D 41 30.06 21.66 5.18
N GLN D 42 30.54 20.42 5.07
CA GLN D 42 31.93 20.18 4.68
C GLN D 42 32.10 20.77 3.28
N PHE D 43 31.01 20.72 2.51
CA PHE D 43 30.97 21.25 1.15
C PHE D 43 31.16 22.76 1.16
N LEU D 44 30.39 23.46 1.99
CA LEU D 44 30.51 24.90 2.08
C LEU D 44 31.86 25.29 2.67
N TRP D 45 32.29 24.52 3.67
CA TRP D 45 33.57 24.80 4.30
C TRP D 45 34.71 24.72 3.30
N ASN D 46 34.83 23.58 2.61
CA ASN D 46 35.87 23.42 1.61
C ASN D 46 35.72 24.51 0.55
N GLY D 47 34.49 24.94 0.34
CA GLY D 47 34.23 25.98 -0.63
C GLY D 47 34.94 27.25 -0.20
N LEU D 48 35.06 27.43 1.11
CA LEU D 48 35.73 28.60 1.68
C LEU D 48 37.24 28.52 1.45
N LYS D 49 37.84 27.43 1.91
CA LYS D 49 39.25 27.24 1.72
C LYS D 49 39.64 27.40 0.23
N MET D 50 38.83 26.90 -0.75
CA MET D 50 39.26 27.13 -2.14
C MET D 50 38.89 28.53 -2.52
N GLY D 51 38.54 29.37 -1.56
CA GLY D 51 38.28 30.77 -1.88
C GLY D 51 36.93 30.91 -2.57
N GLU D 52 36.02 30.00 -2.19
CA GLU D 52 34.69 30.04 -2.77
C GLU D 52 33.62 30.32 -1.73
N PRO D 53 32.85 31.40 -2.01
CA PRO D 53 31.83 31.91 -1.10
C PRO D 53 30.58 31.05 -1.10
N GLY D 54 30.20 30.59 0.12
CA GLY D 54 29.05 29.72 0.23
C GLY D 54 27.92 30.33 1.07
N ILE D 55 26.70 29.82 0.82
CA ILE D 55 25.56 30.17 1.65
C ILE D 55 24.88 28.91 2.21
N TYR D 56 24.44 28.96 3.44
CA TYR D 56 23.75 27.82 4.03
C TYR D 56 22.36 28.26 4.47
N VAL D 57 21.35 27.82 3.75
CA VAL D 57 19.98 28.16 4.08
C VAL D 57 19.54 27.13 5.11
N ALA D 58 19.26 27.60 6.31
CA ALA D 58 18.87 26.71 7.40
C ALA D 58 17.38 26.69 7.69
N LEU D 59 16.76 25.54 7.50
CA LEU D 59 15.33 25.35 7.76
C LEU D 59 15.08 24.33 8.87
N GLU D 60 16.13 23.67 9.35
CA GLU D 60 15.97 22.67 10.41
C GLU D 60 16.59 23.10 11.76
N GLU D 61 17.49 24.06 11.71
CA GLU D 61 18.17 24.56 12.91
C GLU D 61 18.39 26.06 12.80
N HIS D 62 18.55 26.74 13.91
CA HIS D 62 18.79 28.17 13.87
C HIS D 62 20.24 28.41 13.45
N PRO D 63 20.53 29.50 12.69
CA PRO D 63 21.90 29.75 12.27
C PRO D 63 22.91 29.72 13.43
N VAL D 64 22.51 30.14 14.62
CA VAL D 64 23.42 30.13 15.78
C VAL D 64 23.81 28.70 16.13
N GLN D 65 22.83 27.83 16.24
CA GLN D 65 23.08 26.42 16.57
C GLN D 65 23.90 25.81 15.43
N VAL D 66 23.56 26.15 14.20
CA VAL D 66 24.27 25.63 13.03
C VAL D 66 25.75 25.97 13.12
N ARG D 67 26.05 27.23 13.42
CA ARG D 67 27.44 27.66 13.55
C ARG D 67 28.07 26.87 14.68
N GLN D 68 27.33 26.66 15.74
CA GLN D 68 27.79 25.92 16.91
C GLN D 68 28.03 24.44 16.58
N ASN D 69 27.46 24.02 15.43
CA ASN D 69 27.63 22.64 15.01
C ASN D 69 28.86 22.46 14.10
N MET D 70 29.03 23.41 13.16
CA MET D 70 30.18 23.35 12.26
C MET D 70 31.50 23.53 13.02
N ALA D 71 31.47 24.36 14.04
CA ALA D 71 32.66 24.62 14.84
C ALA D 71 33.09 23.30 15.50
N GLN D 72 32.12 22.50 15.91
CA GLN D 72 32.37 21.22 16.55
C GLN D 72 33.12 20.25 15.62
N PHE D 73 33.24 20.62 14.37
CA PHE D 73 33.94 19.79 13.38
C PHE D 73 35.22 20.49 12.92
N GLY D 74 35.59 21.55 13.62
CA GLY D 74 36.79 22.29 13.26
C GLY D 74 36.52 23.27 12.16
N TRP D 75 35.26 23.57 11.91
CA TRP D 75 34.88 24.52 10.88
C TRP D 75 34.25 25.77 11.48
N ASP D 76 35.05 26.79 11.67
CA ASP D 76 34.58 28.05 12.24
C ASP D 76 34.35 29.05 11.09
N VAL D 77 33.11 29.37 10.82
CA VAL D 77 32.77 30.29 9.73
C VAL D 77 32.69 31.75 10.18
N LYS D 78 32.93 32.00 11.44
CA LYS D 78 32.87 33.37 11.96
C LYS D 78 33.74 34.33 11.16
N PRO D 79 35.05 34.00 11.00
CA PRO D 79 35.95 34.88 10.23
C PRO D 79 35.46 35.15 8.81
N TYR D 80 34.79 34.19 8.20
CA TYR D 80 34.28 34.36 6.85
C TYR D 80 33.03 35.21 6.72
N GLU D 81 32.13 35.08 7.68
CA GLU D 81 30.89 35.86 7.66
C GLU D 81 31.24 37.31 7.75
N GLU D 82 32.38 37.56 8.37
CA GLU D 82 32.84 38.91 8.56
C GLU D 82 33.45 39.46 7.25
N LYS D 83 34.33 38.70 6.59
CA LYS D 83 34.91 39.14 5.32
C LYS D 83 33.83 39.13 4.22
N GLY D 84 32.64 38.64 4.56
CA GLY D 84 31.57 38.58 3.57
C GLY D 84 31.77 37.44 2.59
N MET D 85 32.65 36.51 2.91
CA MET D 85 32.94 35.37 2.05
C MET D 85 31.97 34.22 2.35
N PHE D 86 31.12 34.39 3.34
CA PHE D 86 30.17 33.36 3.72
C PHE D 86 28.89 33.94 4.32
N ALA D 87 27.76 33.36 3.99
CA ALA D 87 26.48 33.84 4.51
C ALA D 87 25.57 32.72 4.98
N MET D 88 24.69 33.04 5.92
CA MET D 88 23.76 32.04 6.45
C MET D 88 22.35 32.63 6.50
N VAL D 89 21.40 31.90 5.97
CA VAL D 89 20.02 32.34 5.93
C VAL D 89 19.16 31.67 6.99
N ASP D 90 18.34 32.46 7.64
CA ASP D 90 17.46 31.93 8.68
C ASP D 90 16.06 31.70 8.12
N ALA D 91 15.78 30.46 7.78
CA ALA D 91 14.47 30.05 7.25
C ALA D 91 13.98 28.96 8.19
N PHE D 92 14.38 29.07 9.43
CA PHE D 92 14.04 28.11 10.48
C PHE D 92 12.97 28.67 11.43
N THR D 93 13.26 29.82 11.99
CA THR D 93 12.35 30.47 12.93
C THR D 93 10.90 30.54 12.43
N ALA D 94 10.70 31.05 11.23
CA ALA D 94 9.37 31.18 10.66
C ALA D 94 8.62 29.85 10.59
N GLY D 95 9.36 28.76 10.60
CA GLY D 95 8.73 27.44 10.55
C GLY D 95 8.12 27.02 11.88
N ILE D 96 8.54 27.67 12.95
CA ILE D 96 8.02 27.34 14.28
C ILE D 96 7.71 28.57 15.11
N GLY D 97 7.14 29.59 14.49
CA GLY D 97 6.80 30.81 15.20
C GLY D 97 7.11 32.09 14.45
N LYS D 98 6.68 33.22 15.02
CA LYS D 98 6.91 34.53 14.41
C LYS D 98 7.74 35.38 15.36
N SER D 99 8.56 34.71 16.16
CA SER D 99 9.40 35.39 17.13
C SER D 99 10.53 36.18 16.49
N LYS D 100 10.91 37.28 17.13
CA LYS D 100 11.98 38.13 16.62
C LYS D 100 13.35 37.69 17.16
N GLU D 101 14.40 38.14 16.49
CA GLU D 101 15.77 37.83 16.89
C GLU D 101 16.75 38.51 15.94
N TYR D 102 18.03 38.18 16.09
CA TYR D 102 19.06 38.80 15.25
C TYR D 102 19.63 37.82 14.21
N GLU D 103 19.70 38.29 12.98
CA GLU D 103 20.24 37.53 11.86
C GLU D 103 20.07 38.40 10.60
N LYS D 104 21.17 38.70 9.95
CA LYS D 104 21.17 39.54 8.74
C LYS D 104 20.18 39.09 7.66
N TYR D 105 20.09 37.79 7.44
CA TYR D 105 19.20 37.25 6.43
C TYR D 105 18.12 36.41 7.08
N ILE D 106 16.89 36.84 6.95
CA ILE D 106 15.77 36.11 7.53
C ILE D 106 14.55 36.04 6.63
N VAL D 107 13.94 34.87 6.54
CA VAL D 107 12.76 34.68 5.74
C VAL D 107 11.61 34.58 6.75
N HIS D 108 10.74 35.56 6.74
CA HIS D 108 9.61 35.61 7.70
C HIS D 108 8.42 34.74 7.37
N ASP D 109 8.16 34.52 6.09
CA ASP D 109 7.01 33.73 5.69
C ASP D 109 7.38 32.62 4.69
N LEU D 110 7.04 31.39 5.02
CA LEU D 110 7.32 30.25 4.15
C LEU D 110 6.07 29.67 3.51
N THR D 111 4.99 30.42 3.47
CA THR D 111 3.75 29.96 2.87
C THR D 111 4.02 29.87 1.38
N ASP D 112 4.74 30.84 0.88
CA ASP D 112 5.14 30.93 -0.54
C ASP D 112 6.66 31.00 -0.55
N ILE D 113 7.25 30.63 -1.66
CA ILE D 113 8.71 30.64 -1.79
C ILE D 113 9.20 31.96 -2.39
N ARG D 114 8.28 32.87 -2.60
CA ARG D 114 8.61 34.17 -3.18
C ARG D 114 9.62 34.95 -2.33
N GLU D 115 9.34 35.12 -1.05
CA GLU D 115 10.26 35.84 -0.17
C GLU D 115 11.56 35.07 -0.05
N PHE D 116 11.45 33.76 0.04
CA PHE D 116 12.61 32.89 0.16
C PHE D 116 13.63 33.24 -0.91
N ILE D 117 13.18 33.28 -2.15
CA ILE D 117 14.05 33.60 -3.29
C ILE D 117 14.55 35.04 -3.15
N GLU D 118 13.65 35.94 -2.82
CA GLU D 118 13.98 37.36 -2.63
C GLU D 118 15.19 37.44 -1.70
N VAL D 119 15.04 36.90 -0.51
CA VAL D 119 16.13 36.90 0.49
C VAL D 119 17.37 36.18 -0.04
N LEU D 120 17.15 35.08 -0.73
CA LEU D 120 18.26 34.29 -1.27
C LEU D 120 19.05 35.06 -2.34
N ARG D 121 18.34 35.71 -3.24
CA ARG D 121 19.01 36.48 -4.30
C ARG D 121 19.81 37.62 -3.66
N GLN D 122 19.25 38.20 -2.62
CA GLN D 122 19.90 39.29 -1.89
C GLN D 122 21.15 38.74 -1.21
N ALA D 123 21.02 37.57 -0.62
CA ALA D 123 22.14 36.92 0.06
C ALA D 123 23.22 36.51 -0.92
N ILE D 124 22.83 36.13 -2.12
CA ILE D 124 23.83 35.74 -3.12
C ILE D 124 24.64 36.98 -3.56
N ARG D 125 23.95 38.13 -3.53
CA ARG D 125 24.51 39.39 -4.02
C ARG D 125 25.58 39.98 -3.07
N ASP D 126 25.18 40.17 -1.80
CA ASP D 126 26.06 40.82 -0.83
C ASP D 126 27.44 40.17 -0.75
N ILE D 127 27.44 38.83 -0.92
CA ILE D 127 28.70 38.12 -1.04
C ILE D 127 28.90 37.59 -2.46
N ASN D 128 29.84 36.64 -2.62
CA ASN D 128 30.14 36.18 -3.96
C ASN D 128 29.66 34.74 -4.08
N ALA D 129 28.40 34.54 -3.61
CA ALA D 129 27.80 33.20 -3.54
C ALA D 129 28.12 32.33 -4.77
N LYS D 130 29.00 31.32 -4.54
CA LYS D 130 29.32 30.37 -5.59
C LYS D 130 28.83 28.97 -5.23
N ARG D 131 28.65 28.76 -3.94
CA ARG D 131 28.15 27.49 -3.42
C ARG D 131 26.97 27.78 -2.49
N VAL D 132 25.93 26.95 -2.61
CA VAL D 132 24.75 27.10 -1.79
C VAL D 132 24.28 25.77 -1.25
N VAL D 133 23.68 25.80 -0.06
CA VAL D 133 23.13 24.60 0.57
C VAL D 133 21.80 24.94 1.19
N VAL D 134 20.77 24.21 0.78
CA VAL D 134 19.41 24.29 1.29
C VAL D 134 19.06 23.04 2.08
N ASP D 135 18.99 23.21 3.41
CA ASP D 135 18.77 22.07 4.29
C ASP D 135 17.69 22.35 5.34
N SER D 136 16.52 21.70 5.16
CA SER D 136 16.34 20.81 4.02
C SER D 136 15.23 21.29 3.09
N VAL D 137 15.45 21.12 1.78
CA VAL D 137 14.42 21.58 0.85
C VAL D 137 13.07 20.90 1.12
N THR D 138 13.12 19.71 1.74
CA THR D 138 11.90 18.96 2.00
C THR D 138 10.87 19.77 2.82
N THR D 139 11.41 20.53 3.77
CA THR D 139 10.57 21.33 4.66
C THR D 139 9.69 22.34 3.89
N LEU D 140 10.20 22.77 2.71
CA LEU D 140 9.50 23.76 1.89
C LEU D 140 8.13 23.27 1.38
N TYR D 141 8.04 21.95 1.10
CA TYR D 141 6.80 21.44 0.45
C TYR D 141 6.24 20.14 1.08
N ILE D 142 6.85 19.66 2.16
CA ILE D 142 6.42 18.41 2.79
C ILE D 142 4.91 18.33 3.03
N ASN D 143 4.27 19.46 3.33
CA ASN D 143 2.82 19.45 3.57
C ASN D 143 2.00 19.84 2.34
N LYS D 144 2.70 20.22 1.28
CA LYS D 144 2.06 20.61 0.02
C LYS D 144 2.87 19.99 -1.12
N PRO D 145 2.87 18.65 -1.18
CA PRO D 145 3.60 17.86 -2.20
C PRO D 145 3.41 18.23 -3.67
N ALA D 146 2.26 18.80 -4.01
CA ALA D 146 1.99 19.19 -5.39
C ALA D 146 2.81 20.41 -5.81
N MET D 147 3.31 21.16 -4.83
CA MET D 147 4.12 22.35 -5.08
C MET D 147 5.60 22.06 -5.20
N ALA D 148 6.01 20.85 -4.81
CA ALA D 148 7.41 20.48 -4.86
C ALA D 148 8.07 20.76 -6.21
N ARG D 149 7.44 20.28 -7.28
CA ARG D 149 8.01 20.46 -8.62
C ARG D 149 8.38 21.90 -8.98
N SER D 150 7.41 22.81 -8.92
CA SER D 150 7.68 24.20 -9.26
C SER D 150 8.68 24.84 -8.30
N ILE D 151 8.56 24.52 -7.02
CA ILE D 151 9.49 25.08 -6.03
C ILE D 151 10.91 24.67 -6.38
N ILE D 152 11.09 23.38 -6.65
CA ILE D 152 12.40 22.86 -7.01
C ILE D 152 12.96 23.53 -8.25
N LEU D 153 12.14 23.62 -9.29
CA LEU D 153 12.58 24.21 -10.55
C LEU D 153 12.80 25.71 -10.43
N GLN D 154 11.98 26.39 -9.62
CA GLN D 154 12.14 27.81 -9.44
C GLN D 154 13.45 28.13 -8.74
N LEU D 155 13.77 27.38 -7.70
CA LEU D 155 15.02 27.62 -6.97
C LEU D 155 16.21 27.27 -7.87
N LYS D 156 16.05 26.22 -8.67
CA LYS D 156 17.10 25.79 -9.58
C LYS D 156 17.52 26.92 -10.52
N ARG D 157 16.53 27.47 -11.21
CA ARG D 157 16.76 28.56 -12.16
C ARG D 157 17.50 29.70 -11.44
N VAL D 158 17.00 30.10 -10.28
CA VAL D 158 17.60 31.16 -9.49
C VAL D 158 19.10 30.96 -9.30
N LEU D 159 19.46 29.86 -8.65
CA LEU D 159 20.85 29.52 -8.37
C LEU D 159 21.72 29.36 -9.61
N ALA D 160 21.18 28.65 -10.60
CA ALA D 160 21.91 28.44 -11.84
C ALA D 160 22.11 29.78 -12.54
N GLY D 161 21.08 30.62 -12.49
CA GLY D 161 21.15 31.92 -13.12
C GLY D 161 22.23 32.83 -12.54
N THR D 162 22.68 32.52 -11.33
CA THR D 162 23.70 33.33 -10.67
C THR D 162 25.05 32.62 -10.57
N GLY D 163 25.19 31.53 -11.32
CA GLY D 163 26.45 30.80 -11.31
C GLY D 163 26.72 29.98 -10.07
N CYS D 164 25.70 29.80 -9.23
CA CYS D 164 25.86 29.00 -8.01
C CYS D 164 25.74 27.50 -8.26
N THR D 165 26.55 26.73 -7.52
CA THR D 165 26.42 25.27 -7.52
C THR D 165 25.90 24.81 -6.16
N SER D 166 24.83 23.98 -6.18
CA SER D 166 24.11 23.76 -4.94
C SER D 166 23.84 22.31 -4.56
N ILE D 167 23.57 22.15 -3.26
CA ILE D 167 23.05 20.90 -2.75
C ILE D 167 21.72 21.15 -2.03
N PHE D 168 20.67 20.47 -2.53
CA PHE D 168 19.41 20.45 -1.79
C PHE D 168 19.35 19.21 -0.87
N VAL D 169 19.25 19.40 0.43
CA VAL D 169 19.17 18.25 1.32
C VAL D 169 17.74 17.73 1.31
N SER D 170 17.58 16.45 0.99
CA SER D 170 16.25 15.85 0.95
C SER D 170 16.12 14.77 2.03
N GLN D 171 15.17 14.99 2.93
CA GLN D 171 14.92 14.08 4.04
C GLN D 171 13.91 13.02 3.63
N VAL D 172 14.27 11.75 3.74
CA VAL D 172 13.34 10.68 3.43
C VAL D 172 13.22 9.87 4.73
N SER D 173 12.09 9.22 4.94
CA SER D 173 11.92 8.46 6.17
C SER D 173 12.78 7.19 6.13
N VAL D 174 13.22 6.72 7.29
CA VAL D 174 14.04 5.52 7.31
C VAL D 174 13.27 4.38 6.61
N GLY D 175 13.96 3.68 5.72
CA GLY D 175 13.34 2.59 4.99
C GLY D 175 12.81 3.01 3.64
N GLU D 176 12.56 4.31 3.46
CA GLU D 176 12.05 4.78 2.20
C GLU D 176 13.11 4.69 1.10
N ARG D 177 12.64 4.18 -0.06
CA ARG D 177 13.61 3.79 -1.07
C ARG D 177 14.05 4.95 -1.96
N GLY D 178 13.12 5.91 -2.15
CA GLY D 178 13.22 6.80 -3.26
C GLY D 178 13.86 8.05 -2.73
N PHE D 179 13.75 9.26 -3.29
CA PHE D 179 14.71 10.33 -3.03
C PHE D 179 13.99 11.57 -2.56
N GLY D 180 12.67 11.60 -2.78
CA GLY D 180 11.86 12.74 -2.38
C GLY D 180 10.54 12.76 -3.13
N GLY D 181 10.35 11.75 -3.99
CA GLY D 181 9.12 11.65 -4.74
C GLY D 181 9.04 12.43 -6.06
N PRO D 182 7.89 12.27 -6.78
CA PRO D 182 7.44 12.87 -8.05
C PRO D 182 7.57 14.36 -7.90
N GLY D 183 8.52 14.89 -8.64
CA GLY D 183 8.82 16.29 -8.62
C GLY D 183 10.30 16.32 -8.37
N VAL D 184 10.64 16.44 -7.11
CA VAL D 184 12.02 16.50 -6.66
C VAL D 184 13.10 15.73 -7.49
N GLU D 185 13.00 14.42 -7.57
CA GLU D 185 14.02 13.65 -8.27
C GLU D 185 14.22 13.84 -9.77
N HIS D 186 13.21 14.28 -10.52
CA HIS D 186 13.40 14.52 -11.97
C HIS D 186 13.89 15.95 -12.23
N GLY D 187 13.56 16.86 -11.32
CA GLY D 187 13.95 18.26 -11.48
C GLY D 187 15.37 18.66 -11.11
N VAL D 188 16.05 17.87 -10.29
CA VAL D 188 17.42 18.20 -9.93
C VAL D 188 18.39 17.67 -11.00
N ASP D 189 19.59 18.24 -11.06
CA ASP D 189 20.58 17.82 -12.03
C ASP D 189 21.32 16.58 -11.57
N GLY D 190 21.48 16.49 -10.25
CA GLY D 190 22.19 15.36 -9.67
C GLY D 190 21.48 14.80 -8.44
N ILE D 191 21.78 13.54 -8.15
CA ILE D 191 21.22 12.85 -6.99
C ILE D 191 22.31 12.02 -6.36
N ILE D 192 22.63 12.31 -5.11
CA ILE D 192 23.62 11.52 -4.39
C ILE D 192 22.91 10.99 -3.17
N ARG D 193 22.92 9.67 -3.05
CA ARG D 193 22.27 9.00 -1.94
C ARG D 193 23.22 8.61 -0.82
N LEU D 194 22.89 9.04 0.40
CA LEU D 194 23.68 8.68 1.58
C LEU D 194 22.83 7.62 2.28
N ASP D 195 23.36 6.42 2.43
CA ASP D 195 22.63 5.35 3.05
C ASP D 195 23.21 4.85 4.37
N LEU D 196 22.35 4.24 5.16
CA LEU D 196 22.72 3.70 6.45
C LEU D 196 21.89 2.42 6.50
N ASP D 197 22.54 1.28 6.29
CA ASP D 197 21.87 0.00 6.27
C ASP D 197 22.39 -1.04 7.23
N GLU D 198 21.46 -1.82 7.80
CA GLU D 198 21.84 -2.86 8.73
C GLU D 198 22.27 -4.07 7.92
N ILE D 199 23.55 -4.40 7.98
CA ILE D 199 24.06 -5.56 7.27
C ILE D 199 24.85 -6.37 8.28
N ASP D 200 24.38 -7.57 8.56
CA ASP D 200 25.02 -8.45 9.53
C ASP D 200 25.10 -7.79 10.91
N GLY D 201 23.92 -7.47 11.46
CA GLY D 201 23.84 -6.84 12.76
C GLY D 201 24.60 -5.54 12.94
N GLU D 202 25.05 -4.95 11.84
CA GLU D 202 25.81 -3.71 11.90
C GLU D 202 25.35 -2.66 10.88
N LEU D 203 25.30 -1.40 11.31
CA LEU D 203 24.91 -0.31 10.42
C LEU D 203 26.13 0.14 9.63
N LYS D 204 26.02 0.09 8.31
CA LYS D 204 27.11 0.50 7.44
C LYS D 204 26.70 1.73 6.65
N ARG D 205 27.60 2.71 6.55
CA ARG D 205 27.34 3.93 5.81
C ARG D 205 27.85 3.77 4.39
N SER D 206 27.07 4.25 3.42
CA SER D 206 27.50 4.17 2.03
C SER D 206 26.90 5.27 1.20
N LEU D 207 27.63 5.66 0.17
CA LEU D 207 27.20 6.71 -0.73
C LEU D 207 27.13 6.14 -2.15
N ILE D 208 26.26 6.72 -2.96
CA ILE D 208 26.13 6.27 -4.34
C ILE D 208 25.54 7.43 -5.15
N VAL D 209 26.11 7.65 -6.32
CA VAL D 209 25.67 8.71 -7.20
C VAL D 209 24.68 8.08 -8.17
N TRP D 210 23.40 8.39 -8.00
CA TRP D 210 22.36 7.86 -8.87
C TRP D 210 22.24 8.66 -10.15
N LYS D 211 22.53 9.96 -10.07
CA LYS D 211 22.41 10.81 -11.24
C LYS D 211 23.31 12.02 -11.10
N MET D 212 23.89 12.46 -12.21
CA MET D 212 24.74 13.65 -12.22
C MET D 212 24.86 14.15 -13.65
N ARG D 213 23.86 14.91 -14.09
CA ARG D 213 23.87 15.48 -15.44
C ARG D 213 25.19 16.21 -15.69
N GLY D 214 25.71 16.10 -16.92
CA GLY D 214 26.93 16.78 -17.27
C GLY D 214 28.24 16.03 -17.09
N THR D 215 28.19 14.82 -16.56
CA THR D 215 29.43 14.06 -16.37
C THR D 215 29.22 12.58 -16.13
N SER D 216 30.30 11.82 -16.33
CA SER D 216 30.30 10.40 -16.07
C SER D 216 30.64 10.36 -14.59
N HIS D 217 30.47 9.22 -13.95
CA HIS D 217 30.77 9.15 -12.53
C HIS D 217 30.77 7.71 -12.13
N SER D 218 31.25 7.44 -10.91
CA SER D 218 31.29 6.09 -10.40
C SER D 218 29.87 5.56 -10.34
N MET D 219 29.70 4.29 -10.73
CA MET D 219 28.40 3.65 -10.72
C MET D 219 28.33 2.65 -9.57
N ARG D 220 29.30 2.72 -8.65
CA ARG D 220 29.31 1.80 -7.52
C ARG D 220 28.99 2.44 -6.18
N ARG D 221 28.62 1.60 -5.22
CA ARG D 221 28.28 2.04 -3.86
C ARG D 221 29.55 2.04 -3.04
N HIS D 222 29.92 3.22 -2.55
CA HIS D 222 31.15 3.36 -1.77
C HIS D 222 30.90 3.56 -0.29
N PRO D 223 31.61 2.79 0.56
CA PRO D 223 31.46 2.93 2.00
C PRO D 223 32.11 4.23 2.40
N PHE D 224 31.74 4.76 3.56
CA PHE D 224 32.33 6.00 4.05
C PHE D 224 32.17 6.09 5.56
N ASP D 225 32.96 6.98 6.17
CA ASP D 225 32.87 7.18 7.61
C ASP D 225 32.65 8.65 7.94
N ILE D 226 32.05 8.88 9.09
CA ILE D 226 31.85 10.24 9.59
C ILE D 226 32.85 10.31 10.73
N THR D 227 33.71 11.32 10.73
CA THR D 227 34.73 11.47 11.77
C THR D 227 34.58 12.82 12.45
N ASP D 228 35.48 13.12 13.38
CA ASP D 228 35.45 14.39 14.09
C ASP D 228 35.93 15.51 13.17
N LYS D 229 36.44 15.12 12.00
CA LYS D 229 36.94 16.10 11.04
C LYS D 229 36.06 16.14 9.79
N GLY D 230 35.05 15.26 9.75
CA GLY D 230 34.15 15.23 8.61
C GLY D 230 33.93 13.87 7.98
N ILE D 231 33.52 13.88 6.72
CA ILE D 231 33.24 12.66 5.98
C ILE D 231 34.44 12.20 5.15
N ILE D 232 34.61 10.88 5.10
CA ILE D 232 35.67 10.27 4.33
C ILE D 232 35.05 9.15 3.48
N VAL D 233 34.97 9.36 2.17
CA VAL D 233 34.43 8.36 1.27
C VAL D 233 35.58 7.60 0.61
N TYR D 234 35.45 6.28 0.52
CA TYR D 234 36.50 5.44 -0.06
C TYR D 234 36.21 4.94 -1.48
N PRO D 235 36.68 5.67 -2.51
CA PRO D 235 36.50 5.36 -3.93
C PRO D 235 37.02 3.99 -4.37
N ASP D 236 37.98 3.44 -3.63
CA ASP D 236 38.56 2.14 -3.99
C ASP D 236 37.84 0.96 -3.34
N LYS D 237 36.90 1.25 -2.46
CA LYS D 237 36.14 0.22 -1.77
C LYS D 237 34.72 0.18 -2.31
N VAL D 238 34.07 -0.96 -2.19
CA VAL D 238 32.70 -1.11 -2.67
C VAL D 238 31.89 -1.85 -1.62
N LEU D 239 30.68 -1.37 -1.34
CA LEU D 239 29.81 -2.01 -0.35
C LEU D 239 28.72 -2.81 -1.06
N LYS D 240 28.55 -4.06 -0.61
CA LYS D 240 27.57 -4.97 -1.20
C LYS D 240 26.43 -5.20 -0.20
N ARG D 241 25.31 -4.51 -0.40
CA ARG D 241 24.15 -4.60 0.50
C ARG D 241 23.30 -5.86 0.36
N GLY D 242 23.34 -6.48 -0.82
CA GLY D 242 22.55 -7.68 -1.05
C GLY D 242 21.39 -7.37 -1.98
N LYS D 243 21.26 -6.10 -2.33
CA LYS D 243 20.22 -5.64 -3.23
C LYS D 243 20.84 -5.12 -4.53
N THR E 2 32.94 16.22 24.92
CA THR E 2 31.64 16.90 25.22
C THR E 2 31.04 16.35 26.50
N ARG E 3 30.31 17.19 27.23
CA ARG E 3 29.70 16.76 28.48
C ARG E 3 28.69 15.65 28.21
N ARG E 4 28.76 14.58 28.99
CA ARG E 4 27.83 13.47 28.79
C ARG E 4 26.84 13.33 29.94
N VAL E 5 25.67 12.79 29.61
CA VAL E 5 24.62 12.55 30.59
C VAL E 5 24.52 11.02 30.68
N LYS E 6 24.91 10.47 31.83
CA LYS E 6 24.90 9.03 32.05
C LYS E 6 23.51 8.48 32.32
N THR E 7 23.05 7.60 31.45
CA THR E 7 21.73 6.97 31.59
C THR E 7 21.71 6.02 32.77
N GLY E 8 22.86 5.43 33.05
CA GLY E 8 22.94 4.48 34.16
C GLY E 8 22.41 3.10 33.82
N ILE E 9 21.85 2.94 32.62
CA ILE E 9 21.31 1.65 32.22
C ILE E 9 22.48 0.80 31.75
N PRO E 10 22.70 -0.34 32.41
CA PRO E 10 23.80 -1.25 32.07
C PRO E 10 24.00 -1.46 30.57
N GLY E 11 25.21 -1.16 30.09
CA GLY E 11 25.54 -1.33 28.69
C GLY E 11 25.28 -0.13 27.79
N VAL E 12 24.28 0.67 28.14
CA VAL E 12 23.90 1.84 27.34
C VAL E 12 24.98 2.91 27.19
N ASP E 13 25.52 3.39 28.31
CA ASP E 13 26.54 4.43 28.23
C ASP E 13 27.77 3.98 27.46
N GLU E 14 28.04 2.68 27.46
CA GLU E 14 29.19 2.16 26.74
C GLU E 14 28.87 2.17 25.24
N ILE E 15 27.64 1.81 24.91
CA ILE E 15 27.23 1.81 23.51
C ILE E 15 27.20 3.23 22.95
N LEU E 16 26.96 4.17 23.87
CA LEU E 16 26.92 5.57 23.48
C LEU E 16 28.30 6.23 23.62
N HIS E 17 29.31 5.40 23.89
CA HIS E 17 30.66 5.90 24.02
C HIS E 17 30.75 7.00 25.09
N GLY E 18 30.21 6.74 26.27
CA GLY E 18 30.24 7.73 27.34
C GLY E 18 28.86 8.11 27.82
N GLY E 19 27.91 8.20 26.89
CA GLY E 19 26.56 8.55 27.27
C GLY E 19 25.98 9.58 26.33
N ILE E 20 24.78 10.05 26.63
CA ILE E 20 24.10 11.04 25.80
C ILE E 20 24.74 12.41 25.86
N PRO E 21 25.06 12.99 24.70
CA PRO E 21 25.61 14.34 24.71
C PRO E 21 24.59 15.33 25.27
N GLU E 22 25.02 16.04 26.34
CA GLU E 22 24.07 16.89 27.06
C GLU E 22 23.32 17.84 26.15
N ARG E 23 22.05 18.12 26.55
CA ARG E 23 21.20 19.01 25.78
C ARG E 23 20.58 18.35 24.54
N ASN E 24 20.87 17.05 24.39
CA ASN E 24 20.33 16.34 23.23
C ASN E 24 18.90 15.87 23.50
N VAL E 25 18.07 15.91 22.44
CA VAL E 25 16.78 15.23 22.52
C VAL E 25 16.87 13.85 21.84
N VAL E 26 16.63 12.80 22.65
CA VAL E 26 16.69 11.46 22.08
C VAL E 26 15.30 10.87 21.89
N LEU E 27 14.99 10.50 20.64
CA LEU E 27 13.74 9.82 20.34
C LEU E 27 13.98 8.35 20.65
N LEU E 28 13.14 7.78 21.51
CA LEU E 28 13.23 6.37 21.88
C LEU E 28 12.01 5.80 21.17
N SER E 29 12.26 5.14 20.05
CA SER E 29 11.20 4.62 19.20
C SER E 29 11.03 3.12 19.22
N GLY E 30 9.79 2.66 19.20
CA GLY E 30 9.51 1.23 19.20
C GLY E 30 8.04 0.85 19.28
N GLY E 31 7.74 -0.40 18.92
CA GLY E 31 6.37 -0.88 18.97
C GLY E 31 5.92 -1.12 20.40
N PRO E 32 4.68 -1.59 20.61
CA PRO E 32 4.15 -1.86 21.95
C PRO E 32 4.96 -2.94 22.68
N GLY E 33 5.12 -2.75 23.99
CA GLY E 33 5.85 -3.69 24.81
C GLY E 33 7.34 -3.87 24.50
N THR E 34 7.99 -2.83 23.99
CA THR E 34 9.42 -2.96 23.67
C THR E 34 10.33 -2.43 24.78
N GLY E 35 9.72 -1.92 25.86
CA GLY E 35 10.47 -1.41 26.99
C GLY E 35 10.81 0.08 26.98
N LYS E 36 10.06 0.88 26.24
CA LYS E 36 10.36 2.31 26.17
C LYS E 36 10.03 3.04 27.47
N THR E 37 8.89 2.73 28.09
CA THR E 37 8.52 3.39 29.35
C THR E 37 9.54 3.06 30.44
N ILE E 38 9.86 1.78 30.60
CA ILE E 38 10.82 1.34 31.61
C ILE E 38 12.19 1.97 31.38
N PHE E 39 12.64 1.95 30.13
CA PHE E 39 13.93 2.54 29.75
C PHE E 39 13.96 4.04 30.15
N SER E 40 12.92 4.77 29.77
CA SER E 40 12.85 6.19 30.05
C SER E 40 12.85 6.47 31.55
N GLN E 41 12.03 5.69 32.27
CA GLN E 41 11.92 5.85 33.72
C GLN E 41 13.22 5.48 34.42
N GLN E 42 13.95 4.52 33.86
CA GLN E 42 15.22 4.09 34.43
C GLN E 42 16.17 5.27 34.33
N PHE E 43 16.18 5.87 33.14
CA PHE E 43 16.99 7.04 32.82
C PHE E 43 16.81 8.15 33.86
N LEU E 44 15.56 8.43 34.22
CA LEU E 44 15.28 9.46 35.21
C LEU E 44 15.71 8.99 36.60
N TRP E 45 15.30 7.79 37.01
CA TRP E 45 15.69 7.28 38.31
C TRP E 45 17.20 7.37 38.50
N ASN E 46 17.96 6.78 37.57
CA ASN E 46 19.42 6.84 37.69
C ASN E 46 19.87 8.29 37.77
N GLY E 47 19.14 9.16 37.09
CA GLY E 47 19.47 10.57 37.10
C GLY E 47 19.41 11.15 38.49
N LEU E 48 18.36 10.79 39.23
CA LEU E 48 18.19 11.27 40.59
C LEU E 48 19.34 10.80 41.46
N LYS E 49 19.63 9.49 41.41
CA LYS E 49 20.72 8.92 42.20
C LYS E 49 22.07 9.59 41.94
N MET E 50 22.14 10.39 40.89
CA MET E 50 23.39 11.07 40.56
C MET E 50 23.30 12.58 40.82
N GLY E 51 22.24 12.99 41.50
CA GLY E 51 22.06 14.38 41.81
C GLY E 51 21.55 15.21 40.64
N GLU E 52 20.89 14.55 39.70
CA GLU E 52 20.34 15.23 38.53
C GLU E 52 18.82 15.16 38.55
N PRO E 53 18.18 16.28 38.93
CA PRO E 53 16.71 16.34 38.99
C PRO E 53 16.08 15.99 37.66
N GLY E 54 14.90 15.36 37.70
CA GLY E 54 14.24 14.98 36.48
C GLY E 54 12.75 15.22 36.40
N ILE E 55 12.25 15.28 35.17
CA ILE E 55 10.83 15.51 34.94
C ILE E 55 10.29 14.41 34.03
N TYR E 56 9.08 13.95 34.33
CA TYR E 56 8.44 12.91 33.53
C TYR E 56 7.07 13.42 33.13
N VAL E 57 6.91 13.75 31.84
CA VAL E 57 5.64 14.22 31.33
C VAL E 57 4.82 13.01 30.89
N ALA E 58 3.75 12.74 31.64
CA ALA E 58 2.89 11.60 31.35
C ALA E 58 1.69 11.95 30.50
N LEU E 59 1.55 11.25 29.38
CA LEU E 59 0.42 11.45 28.47
C LEU E 59 -0.30 10.13 28.24
N GLU E 60 0.32 9.03 28.68
CA GLU E 60 -0.28 7.71 28.50
C GLU E 60 -0.92 7.14 29.77
N GLU E 61 -0.43 7.58 30.93
CA GLU E 61 -0.97 7.12 32.20
C GLU E 61 -1.00 8.28 33.18
N HIS E 62 -1.92 8.20 34.15
CA HIS E 62 -2.04 9.24 35.17
C HIS E 62 -0.82 9.19 36.08
N PRO E 63 -0.28 10.35 36.46
CA PRO E 63 0.91 10.37 37.33
C PRO E 63 0.80 9.41 38.54
N VAL E 64 -0.41 9.18 39.02
CA VAL E 64 -0.60 8.27 40.15
C VAL E 64 -0.10 6.88 39.79
N GLN E 65 -0.53 6.37 38.64
CA GLN E 65 -0.12 5.05 38.18
C GLN E 65 1.36 4.97 37.83
N VAL E 66 1.92 6.05 37.28
CA VAL E 66 3.34 6.07 36.91
C VAL E 66 4.22 5.93 38.14
N ARG E 67 3.82 6.58 39.24
CA ARG E 67 4.56 6.53 40.49
C ARG E 67 4.62 5.08 40.99
N GLN E 68 3.46 4.42 40.98
CA GLN E 68 3.34 3.05 41.45
C GLN E 68 4.00 2.00 40.57
N ASN E 69 4.19 2.31 39.29
CA ASN E 69 4.84 1.38 38.38
C ASN E 69 6.35 1.48 38.53
N MET E 70 6.82 2.69 38.83
CA MET E 70 8.24 2.91 39.03
C MET E 70 8.65 2.28 40.35
N ALA E 71 7.75 2.33 41.32
CA ALA E 71 8.01 1.75 42.63
C ALA E 71 8.07 0.24 42.47
N GLN E 72 7.30 -0.26 41.50
CA GLN E 72 7.26 -1.69 41.20
C GLN E 72 8.66 -2.20 40.86
N PHE E 73 9.51 -1.31 40.39
CA PHE E 73 10.88 -1.67 40.04
C PHE E 73 11.89 -1.19 41.07
N GLY E 74 11.39 -0.72 42.21
CA GLY E 74 12.28 -0.25 43.26
C GLY E 74 12.72 1.19 43.04
N TRP E 75 11.91 1.95 42.34
CA TRP E 75 12.20 3.35 42.06
C TRP E 75 11.14 4.25 42.69
N ASP E 76 11.26 4.49 44.00
CA ASP E 76 10.30 5.33 44.70
C ASP E 76 10.71 6.80 44.58
N VAL E 77 10.04 7.54 43.71
CA VAL E 77 10.36 8.94 43.49
C VAL E 77 9.83 9.89 44.57
N LYS E 78 8.94 9.37 45.42
CA LYS E 78 8.35 10.16 46.50
C LYS E 78 9.35 10.96 47.32
N PRO E 79 10.46 10.34 47.76
CA PRO E 79 11.47 11.03 48.55
C PRO E 79 12.10 12.22 47.83
N TYR E 80 12.32 12.09 46.52
CA TYR E 80 12.93 13.16 45.74
C TYR E 80 11.99 14.32 45.40
N GLU E 81 10.74 14.01 45.10
CA GLU E 81 9.78 15.05 44.76
C GLU E 81 9.64 16.05 45.91
N GLU E 82 9.34 15.53 47.09
CA GLU E 82 9.16 16.35 48.28
C GLU E 82 10.35 17.29 48.48
N LYS E 83 11.50 16.90 47.93
CA LYS E 83 12.72 17.70 48.04
C LYS E 83 12.99 18.53 46.79
N GLY E 84 11.97 18.66 45.94
CA GLY E 84 12.11 19.44 44.71
C GLY E 84 13.17 18.94 43.75
N MET E 85 13.30 17.63 43.62
CA MET E 85 14.28 17.05 42.71
C MET E 85 13.63 16.29 41.55
N PHE E 86 12.38 15.88 41.72
CA PHE E 86 11.67 15.16 40.68
C PHE E 86 10.28 15.75 40.49
N ALA E 87 9.80 15.76 39.25
CA ALA E 87 8.48 16.30 38.96
C ALA E 87 7.71 15.43 37.97
N MET E 88 6.40 15.35 38.19
CA MET E 88 5.50 14.58 37.34
C MET E 88 4.52 15.55 36.70
N VAL E 89 4.55 15.66 35.37
CA VAL E 89 3.62 16.54 34.69
C VAL E 89 2.45 15.72 34.17
N ASP E 90 1.25 16.14 34.53
CA ASP E 90 0.06 15.45 34.09
C ASP E 90 -0.50 16.00 32.79
N ALA E 91 -0.11 15.39 31.67
CA ALA E 91 -0.61 15.79 30.37
C ALA E 91 -1.39 14.60 29.83
N PHE E 92 -2.05 13.89 30.74
CA PHE E 92 -2.83 12.69 30.43
C PHE E 92 -4.34 12.86 30.58
N THR E 93 -4.77 13.31 31.76
CA THR E 93 -6.19 13.49 32.04
C THR E 93 -6.86 14.32 30.95
N ALA E 94 -6.22 15.43 30.57
CA ALA E 94 -6.77 16.29 29.54
C ALA E 94 -7.02 15.48 28.26
N GLY E 95 -6.20 14.46 28.05
CA GLY E 95 -6.33 13.63 26.85
C GLY E 95 -7.62 12.82 26.74
N ILE E 96 -8.16 12.39 27.87
CA ILE E 96 -9.39 11.62 27.85
C ILE E 96 -10.54 12.38 28.49
N GLY E 97 -10.51 13.71 28.31
CA GLY E 97 -11.55 14.55 28.87
C GLY E 97 -11.42 14.71 30.37
N LYS E 98 -12.16 15.66 30.92
CA LYS E 98 -12.15 15.94 32.36
C LYS E 98 -10.87 16.65 32.78
N GLU E 101 -8.89 15.79 40.92
CA GLU E 101 -7.55 15.45 41.39
C GLU E 101 -6.57 16.60 41.16
N TYR E 102 -5.88 17.00 42.24
CA TYR E 102 -4.86 18.02 42.20
C TYR E 102 -3.49 17.43 41.82
N GLU E 103 -2.79 18.06 40.87
CA GLU E 103 -1.41 17.68 40.61
C GLU E 103 -0.63 18.99 40.45
N LYS E 104 0.56 19.03 41.06
CA LYS E 104 1.29 20.29 41.08
C LYS E 104 1.46 20.79 39.64
N TYR E 105 1.79 19.85 38.73
CA TYR E 105 1.92 20.22 37.32
C TYR E 105 0.89 19.50 36.44
N ILE E 106 -0.03 20.27 35.86
CA ILE E 106 -1.05 19.68 35.00
C ILE E 106 -1.31 20.52 33.76
N VAL E 107 -1.59 19.86 32.65
CA VAL E 107 -1.88 20.51 31.38
C VAL E 107 -3.37 20.31 31.09
N HIS E 108 -4.13 21.40 31.18
CA HIS E 108 -5.57 21.36 30.97
C HIS E 108 -6.02 21.28 29.52
N ASP E 109 -5.26 21.85 28.60
CA ASP E 109 -5.63 21.85 27.20
C ASP E 109 -4.47 21.36 26.32
N LEU E 110 -4.74 20.24 25.62
CA LEU E 110 -3.75 19.66 24.72
C LEU E 110 -4.05 20.05 23.28
N THR E 111 -5.15 20.80 23.13
CA THR E 111 -5.54 21.31 21.82
C THR E 111 -4.33 21.89 21.06
N ASP E 112 -3.45 22.56 21.84
CA ASP E 112 -2.18 23.04 21.30
C ASP E 112 -1.08 22.88 22.37
N ILE E 113 0.21 23.12 21.99
CA ILE E 113 1.27 22.87 22.97
C ILE E 113 1.77 24.14 23.67
N ARG E 114 1.08 25.28 23.57
CA ARG E 114 1.54 26.46 24.28
C ARG E 114 1.47 26.23 25.78
N GLU E 115 0.31 25.80 26.25
CA GLU E 115 0.12 25.53 27.67
C GLU E 115 1.10 24.44 28.09
N PHE E 116 1.21 23.42 27.24
CA PHE E 116 2.11 22.29 27.50
C PHE E 116 3.52 22.83 27.74
N ILE E 117 3.94 23.78 26.92
CA ILE E 117 5.26 24.37 27.08
C ILE E 117 5.32 25.22 28.36
N GLU E 118 4.24 25.92 28.68
CA GLU E 118 4.22 26.74 29.89
C GLU E 118 4.49 25.88 31.12
N VAL E 119 3.59 24.90 31.32
CA VAL E 119 3.68 23.98 32.44
C VAL E 119 5.06 23.32 32.49
N LEU E 120 5.56 22.93 31.33
CA LEU E 120 6.86 22.29 31.27
C LEU E 120 7.93 23.27 31.72
N ARG E 121 7.82 24.51 31.27
CA ARG E 121 8.78 25.55 31.63
C ARG E 121 8.77 25.77 33.14
N GLN E 122 7.58 25.80 33.72
CA GLN E 122 7.43 25.98 35.15
C GLN E 122 8.16 24.86 35.91
N ALA E 123 7.86 23.61 35.56
CA ALA E 123 8.48 22.46 36.21
C ALA E 123 10.00 22.44 36.14
N ILE E 124 10.55 22.76 34.97
CA ILE E 124 12.01 22.78 34.78
C ILE E 124 12.66 23.82 35.69
N ARG E 125 12.03 24.97 35.81
CA ARG E 125 12.54 26.05 36.64
C ARG E 125 12.50 25.70 38.12
N ASP E 126 11.34 25.24 38.58
CA ASP E 126 11.15 24.88 39.98
C ASP E 126 12.13 23.83 40.48
N ILE E 127 12.53 22.91 39.61
CA ILE E 127 13.42 21.85 40.05
C ILE E 127 14.84 21.90 39.49
N ASN E 128 15.12 22.87 38.63
CA ASN E 128 16.45 22.97 38.05
C ASN E 128 16.71 21.64 37.35
N ALA E 129 15.67 21.12 36.69
CA ALA E 129 15.75 19.85 35.97
C ALA E 129 16.88 19.77 34.94
N LYS E 130 17.52 18.60 34.87
CA LYS E 130 18.59 18.37 33.91
C LYS E 130 18.23 17.21 32.98
N ARG E 131 17.21 16.45 33.37
CA ARG E 131 16.74 15.32 32.57
C ARG E 131 15.24 15.39 32.44
N VAL E 132 14.74 15.21 31.22
CA VAL E 132 13.32 15.25 30.98
C VAL E 132 12.86 14.11 30.06
N VAL E 133 11.70 13.54 30.39
CA VAL E 133 11.11 12.46 29.60
C VAL E 133 9.70 12.85 29.20
N VAL E 134 9.38 12.71 27.92
CA VAL E 134 8.02 12.91 27.46
C VAL E 134 7.42 11.61 26.91
N ASP E 135 6.39 11.09 27.63
CA ASP E 135 5.83 9.81 27.24
C ASP E 135 4.30 9.86 27.16
N SER E 136 3.78 9.85 25.91
CA SER E 136 4.65 9.83 24.75
C SER E 136 4.38 11.04 23.85
N VAL E 137 5.46 11.51 23.19
CA VAL E 137 5.30 12.70 22.34
C VAL E 137 4.40 12.42 21.14
N THR E 138 4.20 11.12 20.85
CA THR E 138 3.33 10.76 19.73
C THR E 138 1.90 11.23 19.94
N THR E 139 1.50 11.15 21.20
CA THR E 139 0.14 11.51 21.56
C THR E 139 -0.15 13.00 21.29
N LEU E 140 0.87 13.82 21.26
CA LEU E 140 0.70 15.26 21.00
C LEU E 140 0.25 15.56 19.56
N TYR E 141 0.53 14.65 18.64
CA TYR E 141 0.14 14.88 17.24
C TYR E 141 -0.35 13.67 16.47
N ILE E 142 -0.69 12.60 17.18
CA ILE E 142 -1.15 11.39 16.50
C ILE E 142 -2.32 11.67 15.54
N ASN E 143 -3.19 12.59 15.90
CA ASN E 143 -4.34 12.94 15.07
C ASN E 143 -4.10 14.14 14.15
N LYS E 144 -2.92 14.72 14.22
CA LYS E 144 -2.58 15.87 13.38
C LYS E 144 -1.13 15.74 12.94
N PRO E 145 -0.83 14.69 12.14
CA PRO E 145 0.53 14.44 11.62
C PRO E 145 1.29 15.66 11.11
N ALA E 146 0.62 16.56 10.41
CA ALA E 146 1.27 17.75 9.86
C ALA E 146 1.92 18.65 10.90
N MET E 147 1.43 18.59 12.13
CA MET E 147 1.94 19.41 13.22
C MET E 147 3.13 18.79 13.96
N ALA E 148 3.42 17.54 13.66
CA ALA E 148 4.52 16.87 14.35
C ALA E 148 5.84 17.60 14.25
N ARG E 149 6.23 17.98 13.05
CA ARG E 149 7.51 18.64 12.87
C ARG E 149 7.75 19.86 13.75
N SER E 150 6.84 20.80 13.75
CA SER E 150 6.99 22.02 14.55
C SER E 150 6.94 21.76 16.05
N ILE E 151 6.13 20.80 16.45
CA ILE E 151 6.00 20.46 17.87
C ILE E 151 7.31 19.88 18.39
N ILE E 152 7.91 18.97 17.63
CA ILE E 152 9.18 18.38 18.04
C ILE E 152 10.25 19.45 18.09
N LEU E 153 10.28 20.33 17.10
CA LEU E 153 11.30 21.38 17.05
C LEU E 153 11.11 22.41 18.15
N GLN E 154 9.87 22.70 18.50
CA GLN E 154 9.58 23.67 19.56
C GLN E 154 9.98 23.13 20.92
N LEU E 155 9.56 21.91 21.21
CA LEU E 155 9.90 21.29 22.50
C LEU E 155 11.40 21.18 22.64
N LYS E 156 12.05 20.88 21.53
CA LYS E 156 13.50 20.74 21.48
C LYS E 156 14.22 22.04 21.82
N ARG E 157 13.75 23.14 21.23
CA ARG E 157 14.36 24.44 21.48
C ARG E 157 14.20 24.83 22.96
N VAL E 158 13.04 24.58 23.51
CA VAL E 158 12.76 24.89 24.92
C VAL E 158 13.60 24.08 25.89
N LEU E 159 13.65 22.77 25.66
CA LEU E 159 14.41 21.88 26.53
C LEU E 159 15.90 22.16 26.47
N ALA E 160 16.42 22.28 25.27
CA ALA E 160 17.84 22.58 25.09
C ALA E 160 18.13 23.97 25.64
N GLY E 161 17.16 24.87 25.51
CA GLY E 161 17.33 26.23 25.99
C GLY E 161 17.44 26.29 27.50
N THR E 162 16.88 25.29 28.18
CA THR E 162 16.92 25.26 29.63
C THR E 162 18.00 24.31 30.15
N GLY E 163 18.89 23.91 29.25
CA GLY E 163 19.97 23.01 29.63
C GLY E 163 19.58 21.57 29.89
N CYS E 164 18.34 21.23 29.60
CA CYS E 164 17.88 19.87 29.83
C CYS E 164 18.29 18.88 28.74
N THR E 165 18.37 17.62 29.11
CA THR E 165 18.69 16.53 28.20
C THR E 165 17.43 15.67 28.25
N SER E 166 16.88 15.33 27.09
CA SER E 166 15.62 14.63 27.10
C SER E 166 15.42 13.38 26.25
N ILE E 167 14.39 12.64 26.60
CA ILE E 167 14.03 11.43 25.88
C ILE E 167 12.58 11.56 25.46
N PHE E 168 12.35 11.59 24.17
CA PHE E 168 10.98 11.64 23.65
C PHE E 168 10.60 10.20 23.28
N VAL E 169 9.61 9.64 23.95
CA VAL E 169 9.18 8.28 23.65
C VAL E 169 8.24 8.31 22.45
N SER E 170 8.57 7.56 21.39
CA SER E 170 7.74 7.52 20.20
C SER E 170 7.10 6.15 20.01
N GLN E 171 5.77 6.13 19.96
CA GLN E 171 5.04 4.89 19.78
C GLN E 171 4.85 4.56 18.32
N VAL E 172 5.37 3.42 17.90
CA VAL E 172 5.25 2.98 16.52
C VAL E 172 4.32 1.77 16.53
N SER E 173 3.50 1.61 15.51
CA SER E 173 2.60 0.47 15.45
C SER E 173 3.38 -0.76 15.01
N VAL E 174 3.56 -0.91 13.69
CA VAL E 174 4.30 -2.05 13.16
C VAL E 174 5.02 -1.70 11.85
N GLY E 175 6.27 -1.25 11.97
CA GLY E 175 7.05 -0.89 10.79
C GLY E 175 8.33 -0.16 11.16
N PRO E 182 8.50 11.57 8.88
CA PRO E 182 8.32 12.89 8.28
C PRO E 182 8.65 14.00 9.27
N GLY E 183 9.90 14.49 9.19
CA GLY E 183 10.29 15.61 10.04
C GLY E 183 10.71 15.17 11.44
N VAL E 184 9.93 14.22 12.00
CA VAL E 184 10.19 13.78 13.37
C VAL E 184 11.62 13.28 13.55
N GLU E 185 11.92 12.13 12.90
CA GLU E 185 13.22 11.50 13.10
C GLU E 185 14.37 12.42 12.69
N HIS E 186 14.08 13.37 11.80
CA HIS E 186 15.08 14.33 11.35
C HIS E 186 15.21 15.49 12.34
N GLY E 187 14.12 15.78 13.05
CA GLY E 187 14.13 16.88 14.00
C GLY E 187 14.88 16.63 15.29
N VAL E 188 14.98 15.38 15.72
CA VAL E 188 15.69 15.07 16.96
C VAL E 188 17.19 14.96 16.77
N ASP E 189 17.92 14.97 17.90
CA ASP E 189 19.36 14.87 17.89
C ASP E 189 19.83 13.41 17.86
N GLY E 190 19.08 12.55 18.53
CA GLY E 190 19.44 11.14 18.56
C GLY E 190 18.23 10.23 18.42
N ILE E 191 18.50 8.98 18.05
CA ILE E 191 17.45 8.00 17.88
C ILE E 191 17.95 6.66 18.37
N ILE E 192 17.20 6.09 19.31
CA ILE E 192 17.46 4.78 19.87
C ILE E 192 16.19 4.00 19.61
N ARG E 193 16.32 2.90 18.87
CA ARG E 193 15.19 2.07 18.54
C ARG E 193 15.21 0.83 19.43
N LEU E 194 14.05 0.52 20.03
CA LEU E 194 13.92 -0.68 20.85
C LEU E 194 13.02 -1.57 20.01
N ASP E 195 13.42 -2.83 19.85
CA ASP E 195 12.62 -3.76 19.05
C ASP E 195 12.31 -5.04 19.81
N LEU E 196 11.27 -5.71 19.35
CA LEU E 196 10.84 -6.97 19.91
C LEU E 196 10.48 -7.74 18.64
N ASP E 197 11.31 -8.72 18.29
CA ASP E 197 11.07 -9.49 17.08
C ASP E 197 10.94 -10.98 17.33
N GLU E 198 10.07 -11.63 16.57
CA GLU E 198 9.87 -13.07 16.69
C GLU E 198 10.77 -13.79 15.71
N ILE E 199 11.70 -14.59 16.22
CA ILE E 199 12.61 -15.35 15.39
C ILE E 199 12.55 -16.81 15.85
N ASP E 200 12.12 -17.68 14.95
CA ASP E 200 12.02 -19.12 15.26
C ASP E 200 11.23 -19.44 16.53
N GLY E 201 10.02 -18.93 16.61
CA GLY E 201 9.16 -19.18 17.77
C GLY E 201 9.62 -18.49 19.05
N GLU E 202 10.54 -17.55 18.90
CA GLU E 202 11.10 -16.82 20.04
C GLU E 202 11.10 -15.28 19.89
N LEU E 203 10.63 -14.57 20.92
CA LEU E 203 10.61 -13.11 20.90
C LEU E 203 11.95 -12.62 21.43
N LYS E 204 12.66 -11.80 20.65
CA LYS E 204 13.96 -11.29 21.07
C LYS E 204 13.97 -9.76 21.12
N ARG E 205 14.52 -9.21 22.21
CA ARG E 205 14.60 -7.76 22.36
C ARG E 205 15.95 -7.23 21.91
N SER E 206 15.96 -6.12 21.19
CA SER E 206 17.23 -5.53 20.75
C SER E 206 17.15 -4.01 20.70
N LEU E 207 18.29 -3.39 20.88
CA LEU E 207 18.41 -1.94 20.85
C LEU E 207 19.50 -1.60 19.86
N ILE E 208 19.32 -0.50 19.15
CA ILE E 208 20.31 -0.04 18.20
C ILE E 208 20.28 1.49 18.18
N VAL E 209 21.46 2.09 18.18
CA VAL E 209 21.58 3.54 18.15
C VAL E 209 21.70 3.94 16.68
N TRP E 210 20.57 4.38 16.12
CA TRP E 210 20.51 4.77 14.72
C TRP E 210 21.14 6.13 14.49
N LYS E 211 21.05 6.97 15.50
CA LYS E 211 21.59 8.31 15.38
C LYS E 211 21.80 8.91 16.76
N MET E 212 22.89 9.65 16.90
CA MET E 212 23.22 10.34 18.14
C MET E 212 24.15 11.47 17.74
N ARG E 213 23.59 12.67 17.61
CA ARG E 213 24.39 13.82 17.23
C ARG E 213 25.38 14.15 18.34
N GLY E 214 26.59 14.54 17.95
CA GLY E 214 27.59 14.91 18.94
C GLY E 214 28.53 13.83 19.40
N THR E 215 28.42 12.63 18.82
CA THR E 215 29.32 11.55 19.23
C THR E 215 29.27 10.32 18.35
N SER E 216 30.29 9.49 18.50
CA SER E 216 30.35 8.23 17.78
C SER E 216 29.58 7.30 18.71
N HIS E 217 29.26 6.11 18.23
CA HIS E 217 28.52 5.18 19.07
C HIS E 217 28.48 3.83 18.39
N SER E 218 28.11 2.81 19.14
CA SER E 218 28.04 1.48 18.56
C SER E 218 27.13 1.51 17.35
N MET E 219 27.57 0.87 16.27
CA MET E 219 26.79 0.79 15.05
C MET E 219 26.20 -0.62 14.96
N ARG E 220 26.10 -1.30 16.09
CA ARG E 220 25.58 -2.65 16.12
C ARG E 220 24.24 -2.75 16.84
N ARG E 221 23.49 -3.81 16.54
CA ARG E 221 22.22 -4.06 17.21
C ARG E 221 22.52 -4.97 18.39
N HIS E 222 22.22 -4.50 19.59
CA HIS E 222 22.50 -5.27 20.81
C HIS E 222 21.25 -5.84 21.48
N PRO E 223 21.34 -7.10 21.94
CA PRO E 223 20.16 -7.66 22.60
C PRO E 223 20.14 -7.08 24.01
N PHE E 224 18.98 -7.14 24.65
CA PHE E 224 18.84 -6.67 26.01
C PHE E 224 17.70 -7.42 26.67
N ASP E 225 17.66 -7.36 28.00
CA ASP E 225 16.61 -8.02 28.77
C ASP E 225 15.96 -7.01 29.68
N ILE E 226 14.72 -7.29 30.05
CA ILE E 226 14.00 -6.45 30.99
C ILE E 226 13.89 -7.35 32.21
N THR E 227 14.31 -6.86 33.36
CA THR E 227 14.24 -7.64 34.59
C THR E 227 13.39 -6.93 35.62
N ASP E 228 13.47 -7.41 36.86
CA ASP E 228 12.71 -6.83 37.96
C ASP E 228 13.39 -5.53 38.39
N LYS E 229 14.63 -5.35 37.98
CA LYS E 229 15.37 -4.14 38.32
C LYS E 229 15.61 -3.26 37.09
N GLY E 230 14.79 -3.44 36.07
CA GLY E 230 14.94 -2.63 34.88
C GLY E 230 15.58 -3.31 33.69
N ILE E 231 16.15 -2.50 32.81
CA ILE E 231 16.77 -2.97 31.60
C ILE E 231 18.27 -3.24 31.69
N ILE E 232 18.70 -4.26 30.96
CA ILE E 232 20.11 -4.61 30.90
C ILE E 232 20.44 -4.90 29.45
N VAL E 233 21.31 -4.06 28.89
CA VAL E 233 21.75 -4.17 27.50
C VAL E 233 23.12 -4.84 27.49
N TYR E 234 23.40 -5.68 26.48
CA TYR E 234 24.68 -6.38 26.40
C TYR E 234 25.54 -5.90 25.24
N PRO E 235 26.50 -5.01 25.52
CA PRO E 235 27.43 -4.44 24.52
C PRO E 235 28.32 -5.48 23.85
N ASP E 236 28.50 -6.62 24.49
CA ASP E 236 29.37 -7.67 23.94
C ASP E 236 28.63 -8.65 23.05
N LYS E 237 27.32 -8.49 22.94
CA LYS E 237 26.46 -9.32 22.11
C LYS E 237 25.88 -8.52 20.94
N VAL E 238 25.61 -9.23 19.83
CA VAL E 238 25.01 -8.54 18.70
C VAL E 238 23.99 -9.42 17.98
N LEU E 239 22.98 -8.75 17.41
CA LEU E 239 21.99 -9.49 16.64
C LEU E 239 22.28 -9.46 15.14
N LYS E 240 22.92 -10.53 14.66
CA LYS E 240 23.02 -10.70 13.21
C LYS E 240 21.65 -11.14 12.70
N ARG E 241 21.14 -12.15 13.42
CA ARG E 241 19.75 -12.59 13.29
C ARG E 241 19.29 -13.33 14.54
N GLY E 242 20.26 -14.10 15.09
CA GLY E 242 20.12 -14.59 16.44
C GLY E 242 21.19 -13.95 17.32
N LYS E 243 21.12 -14.26 18.63
CA LYS E 243 22.12 -13.70 19.54
C LYS E 243 23.50 -14.36 19.35
N VAL E 244 24.42 -13.56 18.77
CA VAL E 244 25.77 -14.07 18.56
C VAL E 244 26.83 -13.20 19.25
N LEU E 245 28.08 -13.67 19.22
CA LEU E 245 29.07 -12.81 19.87
C LEU E 245 29.62 -11.76 18.90
N ARG F 3 -0.58 -9.33 43.12
CA ARG F 3 -1.58 -10.43 43.04
C ARG F 3 -1.80 -10.87 41.59
N ARG F 4 -2.11 -12.14 41.39
CA ARG F 4 -2.33 -12.68 40.05
C ARG F 4 -3.75 -13.19 39.84
N VAL F 5 -4.34 -12.85 38.70
CA VAL F 5 -5.67 -13.33 38.35
C VAL F 5 -5.42 -14.57 37.49
N LYS F 6 -5.84 -15.74 37.98
CA LYS F 6 -5.64 -16.98 37.26
C LYS F 6 -6.71 -17.27 36.23
N THR F 7 -6.32 -17.33 34.95
CA THR F 7 -7.27 -17.61 33.87
C THR F 7 -7.81 -19.03 33.98
N GLY F 8 -7.02 -19.92 34.56
CA GLY F 8 -7.46 -21.29 34.69
C GLY F 8 -7.39 -22.08 33.40
N ILE F 9 -7.03 -21.41 32.30
CA ILE F 9 -6.92 -22.07 31.01
C ILE F 9 -5.59 -22.83 31.00
N PRO F 10 -5.66 -24.16 30.83
CA PRO F 10 -4.46 -25.01 30.82
C PRO F 10 -3.27 -24.41 30.09
N GLY F 11 -2.19 -24.19 30.84
CA GLY F 11 -0.95 -23.66 30.27
C GLY F 11 -0.78 -22.15 30.27
N VAL F 12 -1.88 -21.42 30.19
CA VAL F 12 -1.82 -19.97 30.15
C VAL F 12 -1.16 -19.33 31.36
N ASP F 13 -1.58 -19.73 32.55
CA ASP F 13 -1.02 -19.13 33.77
C ASP F 13 0.47 -19.38 33.93
N GLU F 14 0.97 -20.53 33.47
CA GLU F 14 2.41 -20.80 33.56
C GLU F 14 3.11 -19.86 32.59
N ILE F 15 2.51 -19.70 31.41
CA ILE F 15 3.03 -18.84 30.37
C ILE F 15 3.09 -17.39 30.84
N LEU F 16 2.18 -17.04 31.75
CA LEU F 16 2.14 -15.69 32.32
C LEU F 16 2.87 -15.66 33.66
N HIS F 17 3.62 -16.73 33.94
CA HIS F 17 4.38 -16.83 35.18
C HIS F 17 3.50 -16.50 36.38
N GLY F 18 2.34 -17.14 36.47
CA GLY F 18 1.44 -16.90 37.59
C GLY F 18 0.04 -16.52 37.18
N GLY F 19 -0.08 -15.69 36.15
CA GLY F 19 -1.39 -15.26 35.69
C GLY F 19 -1.36 -13.79 35.34
N ILE F 20 -2.54 -13.22 35.07
CA ILE F 20 -2.66 -11.81 34.71
C ILE F 20 -2.56 -10.90 35.94
N PRO F 21 -1.62 -9.94 35.95
CA PRO F 21 -1.49 -9.04 37.10
C PRO F 21 -2.84 -8.37 37.30
N GLU F 22 -3.33 -8.35 38.53
CA GLU F 22 -4.62 -7.75 38.82
C GLU F 22 -4.82 -6.32 38.32
N ARG F 23 -5.99 -6.06 37.77
CA ARG F 23 -6.39 -4.77 37.23
C ARG F 23 -5.80 -4.49 35.84
N ASN F 24 -5.10 -5.46 35.28
CA ASN F 24 -4.52 -5.28 33.95
C ASN F 24 -5.58 -5.45 32.90
N VAL F 25 -5.48 -4.68 31.82
CA VAL F 25 -6.42 -4.80 30.71
C VAL F 25 -5.63 -5.52 29.62
N VAL F 26 -6.04 -6.74 29.28
CA VAL F 26 -5.32 -7.50 28.27
C VAL F 26 -6.04 -7.55 26.92
N LEU F 27 -5.33 -7.14 25.87
CA LEU F 27 -5.89 -7.16 24.52
C LEU F 27 -5.65 -8.57 23.98
N LEU F 28 -6.73 -9.25 23.60
CA LEU F 28 -6.64 -10.61 23.04
C LEU F 28 -6.95 -10.37 21.55
N SER F 29 -5.91 -10.36 20.75
CA SER F 29 -5.97 -10.06 19.32
C SER F 29 -5.75 -11.26 18.38
N GLY F 30 -6.45 -11.24 17.25
CA GLY F 30 -6.31 -12.33 16.28
C GLY F 30 -7.35 -12.22 15.17
N GLY F 31 -7.12 -12.93 14.07
CA GLY F 31 -8.06 -12.90 12.97
C GLY F 31 -9.29 -13.74 13.27
N PRO F 32 -10.19 -13.91 12.30
CA PRO F 32 -11.39 -14.72 12.55
C PRO F 32 -11.10 -16.19 12.79
N GLY F 33 -11.83 -16.77 13.74
CA GLY F 33 -11.70 -18.19 14.04
C GLY F 33 -10.43 -18.61 14.76
N THR F 34 -9.79 -17.67 15.44
CA THR F 34 -8.56 -18.01 16.16
C THR F 34 -8.82 -18.51 17.59
N GLY F 35 -10.08 -18.47 18.02
CA GLY F 35 -10.44 -18.93 19.36
C GLY F 35 -10.53 -17.85 20.44
N LYS F 36 -10.65 -16.58 20.04
CA LYS F 36 -10.71 -15.48 20.99
C LYS F 36 -11.95 -15.48 21.89
N THR F 37 -13.11 -15.72 21.31
CA THR F 37 -14.34 -15.74 22.09
C THR F 37 -14.29 -16.86 23.12
N ILE F 38 -13.90 -18.05 22.67
CA ILE F 38 -13.80 -19.20 23.57
C ILE F 38 -12.81 -18.98 24.70
N PHE F 39 -11.64 -18.42 24.36
CA PHE F 39 -10.58 -18.14 25.33
C PHE F 39 -11.10 -17.20 26.42
N SER F 40 -11.72 -16.10 26.01
CA SER F 40 -12.23 -15.12 26.94
C SER F 40 -13.39 -15.64 27.79
N GLN F 41 -14.24 -16.50 27.20
CA GLN F 41 -15.37 -17.05 27.93
C GLN F 41 -14.88 -18.06 28.96
N GLN F 42 -13.85 -18.81 28.58
CA GLN F 42 -13.25 -19.83 29.43
C GLN F 42 -12.63 -19.11 30.63
N PHE F 43 -12.10 -17.91 30.36
CA PHE F 43 -11.49 -17.06 31.39
C PHE F 43 -12.55 -16.64 32.42
N LEU F 44 -13.74 -16.31 31.95
CA LEU F 44 -14.82 -15.92 32.85
C LEU F 44 -15.29 -17.14 33.62
N TRP F 45 -15.51 -18.22 32.89
CA TRP F 45 -15.98 -19.44 33.50
C TRP F 45 -15.10 -19.90 34.66
N ASN F 46 -13.80 -20.05 34.41
CA ASN F 46 -12.89 -20.48 35.46
C ASN F 46 -12.95 -19.52 36.64
N GLY F 47 -13.19 -18.25 36.35
CA GLY F 47 -13.28 -17.26 37.40
C GLY F 47 -14.46 -17.52 38.30
N LEU F 48 -15.59 -17.85 37.70
CA LEU F 48 -16.80 -18.14 38.47
C LEU F 48 -16.55 -19.36 39.36
N LYS F 49 -15.85 -20.34 38.82
CA LYS F 49 -15.54 -21.57 39.54
C LYS F 49 -14.65 -21.32 40.76
N MET F 50 -13.95 -20.18 40.78
CA MET F 50 -13.11 -19.88 41.92
C MET F 50 -13.56 -18.67 42.74
N GLY F 51 -14.85 -18.38 42.64
CA GLY F 51 -15.42 -17.29 43.42
C GLY F 51 -15.23 -15.86 42.94
N GLU F 52 -14.93 -15.67 41.67
CA GLU F 52 -14.74 -14.32 41.14
C GLU F 52 -15.85 -13.96 40.16
N PRO F 53 -16.71 -12.99 40.53
CA PRO F 53 -17.82 -12.55 39.69
C PRO F 53 -17.31 -12.05 38.34
N GLY F 54 -18.01 -12.40 37.26
CA GLY F 54 -17.58 -11.98 35.94
C GLY F 54 -18.66 -11.32 35.10
N ILE F 55 -18.21 -10.53 34.12
CA ILE F 55 -19.11 -9.82 33.21
C ILE F 55 -18.68 -10.00 31.75
N TYR F 56 -19.60 -10.43 30.91
CA TYR F 56 -19.29 -10.57 29.49
C TYR F 56 -20.10 -9.51 28.74
N VAL F 57 -19.40 -8.55 28.12
CA VAL F 57 -20.06 -7.49 27.37
C VAL F 57 -20.09 -7.91 25.91
N ALA F 58 -21.30 -8.21 25.41
CA ALA F 58 -21.46 -8.67 24.03
C ALA F 58 -21.79 -7.56 23.03
N LEU F 59 -20.97 -7.48 21.98
CA LEU F 59 -21.18 -6.52 20.92
C LEU F 59 -21.25 -7.26 19.59
N GLU F 60 -20.92 -8.55 19.62
CA GLU F 60 -20.93 -9.38 18.41
C GLU F 60 -22.10 -10.34 18.33
N GLU F 61 -22.64 -10.72 19.48
CA GLU F 61 -23.77 -11.65 19.52
C GLU F 61 -24.71 -11.26 20.64
N HIS F 62 -25.96 -11.70 20.53
CA HIS F 62 -26.94 -11.38 21.56
C HIS F 62 -26.68 -12.26 22.77
N PRO F 63 -26.80 -11.68 23.98
CA PRO F 63 -26.57 -12.44 25.21
C PRO F 63 -27.21 -13.83 25.23
N VAL F 64 -28.38 -13.96 24.61
CA VAL F 64 -29.06 -15.25 24.58
C VAL F 64 -28.22 -16.30 23.84
N GLN F 65 -27.75 -15.96 22.65
CA GLN F 65 -26.94 -16.88 21.88
C GLN F 65 -25.64 -17.17 22.60
N VAL F 66 -25.08 -16.16 23.26
CA VAL F 66 -23.83 -16.33 23.99
C VAL F 66 -24.01 -17.38 25.06
N ARG F 67 -25.09 -17.25 25.85
CA ARG F 67 -25.36 -18.21 26.92
C ARG F 67 -25.37 -19.60 26.31
N GLN F 68 -26.09 -19.75 25.19
CA GLN F 68 -26.18 -21.03 24.48
C GLN F 68 -24.76 -21.53 24.19
N ASN F 69 -24.04 -20.78 23.37
CA ASN F 69 -22.68 -21.11 22.98
C ASN F 69 -21.78 -21.55 24.13
N MET F 70 -21.83 -20.84 25.26
CA MET F 70 -21.00 -21.20 26.41
C MET F 70 -21.46 -22.52 27.01
N ALA F 71 -22.76 -22.79 26.87
CA ALA F 71 -23.35 -24.02 27.39
C ALA F 71 -22.82 -25.25 26.66
N GLN F 72 -22.62 -25.13 25.35
CA GLN F 72 -22.11 -26.25 24.56
C GLN F 72 -20.72 -26.70 25.00
N PHE F 73 -20.03 -25.82 25.74
CA PHE F 73 -18.69 -26.13 26.22
C PHE F 73 -18.72 -26.60 27.67
N GLY F 74 -19.91 -26.77 28.22
CA GLY F 74 -20.06 -27.21 29.59
C GLY F 74 -20.03 -26.06 30.56
N TRP F 75 -20.36 -24.86 30.07
CA TRP F 75 -20.33 -23.66 30.92
C TRP F 75 -21.70 -22.98 31.02
N ASP F 76 -22.56 -23.51 31.92
CA ASP F 76 -23.87 -22.90 32.12
C ASP F 76 -23.78 -21.75 33.14
N VAL F 77 -23.97 -20.51 32.63
CA VAL F 77 -23.89 -19.35 33.52
C VAL F 77 -25.20 -19.03 34.24
N LYS F 78 -26.27 -19.65 33.77
CA LYS F 78 -27.60 -19.23 34.20
C LYS F 78 -27.66 -19.21 35.73
N PRO F 79 -27.24 -20.33 36.33
CA PRO F 79 -27.16 -20.44 37.79
C PRO F 79 -26.43 -19.23 38.43
N TYR F 80 -25.23 -18.92 37.95
CA TYR F 80 -24.49 -17.80 38.51
C TYR F 80 -25.18 -16.46 38.25
N GLU F 81 -25.87 -16.35 37.14
CA GLU F 81 -26.55 -15.10 36.80
C GLU F 81 -27.64 -14.78 37.81
N GLU F 82 -28.29 -15.81 38.33
CA GLU F 82 -29.35 -15.60 39.31
C GLU F 82 -28.80 -15.35 40.72
N LYS F 83 -27.60 -15.86 40.99
CA LYS F 83 -26.99 -15.66 42.30
C LYS F 83 -26.18 -14.36 42.34
N GLY F 84 -26.29 -13.57 41.28
CA GLY F 84 -25.58 -12.31 41.23
C GLY F 84 -24.07 -12.43 41.15
N MET F 85 -23.59 -13.47 40.47
CA MET F 85 -22.16 -13.68 40.32
C MET F 85 -21.68 -13.47 38.88
N PHE F 86 -22.62 -13.47 37.94
CA PHE F 86 -22.29 -13.27 36.54
C PHE F 86 -23.34 -12.40 35.89
N ALA F 87 -22.94 -11.68 34.85
CA ALA F 87 -23.87 -10.81 34.12
C ALA F 87 -23.43 -10.56 32.69
N MET F 88 -24.40 -10.56 31.80
CA MET F 88 -24.18 -10.31 30.38
C MET F 88 -24.65 -8.88 30.13
N VAL F 89 -23.90 -8.13 29.33
CA VAL F 89 -24.28 -6.76 29.00
C VAL F 89 -24.59 -6.74 27.50
N ASP F 90 -25.82 -6.40 27.17
CA ASP F 90 -26.23 -6.33 25.79
C ASP F 90 -25.80 -5.03 25.17
N ALA F 91 -24.72 -5.09 24.38
CA ALA F 91 -24.21 -3.93 23.67
C ALA F 91 -24.17 -4.33 22.20
N PHE F 92 -25.03 -5.30 21.89
CA PHE F 92 -25.16 -5.85 20.53
C PHE F 92 -26.39 -5.34 19.78
N THR F 93 -27.57 -5.63 20.31
CA THR F 93 -28.83 -5.23 19.69
C THR F 93 -28.81 -3.81 19.15
N ALA F 94 -28.25 -2.89 19.92
CA ALA F 94 -28.18 -1.49 19.49
C ALA F 94 -27.52 -1.39 18.12
N GLY F 95 -26.57 -2.29 17.87
CA GLY F 95 -25.86 -2.28 16.60
C GLY F 95 -26.65 -2.75 15.39
N ILE F 96 -27.63 -3.63 15.60
CA ILE F 96 -28.44 -4.13 14.51
C ILE F 96 -29.74 -3.36 14.31
N GLY F 97 -30.52 -3.23 15.39
CA GLY F 97 -31.78 -2.51 15.28
C GLY F 97 -32.86 -2.97 16.24
N LYS F 98 -33.11 -4.28 16.29
CA LYS F 98 -34.15 -4.80 17.17
C LYS F 98 -34.00 -4.32 18.61
N SER F 99 -35.14 -4.19 19.28
CA SER F 99 -35.19 -3.75 20.67
C SER F 99 -36.32 -4.48 21.35
N LYS F 100 -36.79 -5.52 20.66
CA LYS F 100 -37.84 -6.31 21.20
C LYS F 100 -37.42 -7.43 22.15
N GLU F 101 -36.67 -7.01 23.13
CA GLU F 101 -36.53 -7.94 24.27
C GLU F 101 -35.98 -7.29 25.56
N TYR F 102 -36.21 -8.04 26.59
CA TYR F 102 -35.82 -7.61 27.90
C TYR F 102 -34.52 -8.29 28.28
N GLU F 103 -33.62 -7.45 28.76
CA GLU F 103 -32.29 -7.87 29.21
C GLU F 103 -31.92 -6.84 30.27
N LYS F 104 -31.49 -7.31 31.42
CA LYS F 104 -31.11 -6.45 32.54
C LYS F 104 -30.24 -5.28 32.09
N TYR F 105 -29.01 -5.59 31.69
CA TYR F 105 -28.06 -4.58 31.24
C TYR F 105 -28.09 -4.47 29.72
N ILE F 106 -28.40 -3.28 29.23
CA ILE F 106 -28.48 -3.05 27.80
C ILE F 106 -28.09 -1.63 27.42
N VAL F 107 -27.23 -1.52 26.42
CA VAL F 107 -26.77 -0.23 25.93
C VAL F 107 -27.59 0.10 24.68
N HIS F 108 -28.44 1.12 24.79
CA HIS F 108 -29.34 1.51 23.70
C HIS F 108 -28.61 2.17 22.52
N ASP F 109 -27.60 3.00 22.86
CA ASP F 109 -26.86 3.67 21.79
C ASP F 109 -25.35 3.57 21.98
N LEU F 110 -24.70 3.04 20.93
CA LEU F 110 -23.25 2.83 20.98
C LEU F 110 -22.47 4.03 20.43
N THR F 111 -23.24 5.01 19.92
CA THR F 111 -22.60 6.17 19.31
C THR F 111 -21.79 6.98 20.32
N ASP F 112 -22.05 6.70 21.61
CA ASP F 112 -21.25 7.35 22.66
C ASP F 112 -20.85 6.35 23.74
N ILE F 113 -19.60 6.51 24.20
CA ILE F 113 -19.03 5.63 25.20
C ILE F 113 -19.55 5.98 26.59
N ARG F 114 -20.33 7.06 26.67
CA ARG F 114 -20.90 7.53 27.94
C ARG F 114 -21.88 6.52 28.54
N GLU F 115 -22.89 6.12 27.78
CA GLU F 115 -23.86 5.16 28.29
C GLU F 115 -23.20 3.81 28.50
N PHE F 116 -22.35 3.43 27.54
CA PHE F 116 -21.65 2.15 27.62
C PHE F 116 -21.01 2.03 28.99
N ILE F 117 -20.28 3.06 29.40
CA ILE F 117 -19.62 3.05 30.71
C ILE F 117 -20.63 3.03 31.86
N GLU F 118 -21.77 3.69 31.68
CA GLU F 118 -22.81 3.70 32.72
C GLU F 118 -23.27 2.29 33.05
N VAL F 119 -23.74 1.58 32.04
CA VAL F 119 -24.22 0.22 32.23
C VAL F 119 -23.12 -0.70 32.74
N LEU F 120 -21.89 -0.47 32.30
CA LEU F 120 -20.76 -1.30 32.73
C LEU F 120 -20.51 -1.08 34.22
N ARG F 121 -20.54 0.18 34.64
CA ARG F 121 -20.34 0.53 36.05
C ARG F 121 -21.44 -0.09 36.91
N GLN F 122 -22.67 -0.01 36.43
CA GLN F 122 -23.82 -0.55 37.16
C GLN F 122 -23.66 -2.05 37.32
N ALA F 123 -23.25 -2.72 36.25
CA ALA F 123 -23.06 -4.17 36.29
C ALA F 123 -21.95 -4.53 37.26
N ILE F 124 -20.84 -3.81 37.20
CA ILE F 124 -19.72 -4.09 38.10
C ILE F 124 -20.17 -3.86 39.54
N ARG F 125 -21.02 -2.85 39.72
CA ARG F 125 -21.54 -2.51 41.04
C ARG F 125 -22.39 -3.67 41.56
N ASP F 126 -23.42 -4.03 40.80
CA ASP F 126 -24.34 -5.09 41.17
C ASP F 126 -23.74 -6.44 41.56
N ILE F 127 -22.78 -6.94 40.80
CA ILE F 127 -22.20 -8.24 41.12
C ILE F 127 -20.79 -8.18 41.71
N ASN F 128 -20.28 -6.97 41.92
CA ASN F 128 -18.92 -6.81 42.47
C ASN F 128 -17.93 -7.52 41.55
N ALA F 129 -18.03 -7.22 40.26
CA ALA F 129 -17.19 -7.81 39.24
C ALA F 129 -15.68 -7.74 39.51
N LYS F 130 -15.00 -8.85 39.24
CA LYS F 130 -13.57 -8.95 39.41
C LYS F 130 -12.94 -9.20 38.04
N ARG F 131 -13.73 -9.82 37.16
CA ARG F 131 -13.29 -10.12 35.80
C ARG F 131 -14.29 -9.60 34.78
N VAL F 132 -13.76 -8.99 33.72
CA VAL F 132 -14.60 -8.43 32.67
C VAL F 132 -14.07 -8.74 31.28
N VAL F 133 -14.98 -9.05 30.38
CA VAL F 133 -14.61 -9.33 28.99
C VAL F 133 -15.40 -8.43 28.05
N VAL F 134 -14.72 -7.81 27.12
CA VAL F 134 -15.37 -7.01 26.08
C VAL F 134 -15.08 -7.57 24.68
N ASP F 135 -16.14 -8.14 24.07
CA ASP F 135 -16.00 -8.78 22.77
C ASP F 135 -17.04 -8.24 21.78
N SER F 136 -16.59 -7.31 20.91
CA SER F 136 -15.20 -6.89 20.96
C SER F 136 -15.07 -5.36 20.99
N VAL F 137 -14.06 -4.89 21.73
CA VAL F 137 -13.82 -3.46 21.80
C VAL F 137 -13.72 -2.82 20.40
N THR F 138 -13.22 -3.63 19.44
CA THR F 138 -13.04 -3.13 18.07
C THR F 138 -14.33 -2.54 17.50
N THR F 139 -15.45 -3.19 17.76
CA THR F 139 -16.74 -2.72 17.26
C THR F 139 -17.06 -1.31 17.74
N LEU F 140 -16.48 -0.90 18.86
CA LEU F 140 -16.74 0.42 19.43
C LEU F 140 -16.11 1.59 18.67
N TYR F 141 -15.10 1.31 17.86
CA TYR F 141 -14.44 2.39 17.12
C TYR F 141 -14.07 2.04 15.68
N ILE F 142 -14.44 0.84 15.22
CA ILE F 142 -14.09 0.43 13.86
C ILE F 142 -14.41 1.52 12.83
N ASN F 143 -15.53 2.22 13.02
CA ASN F 143 -15.98 3.30 12.18
C ASN F 143 -15.68 4.64 12.86
N LYS F 144 -14.83 4.58 13.93
CA LYS F 144 -14.21 5.80 14.46
C LYS F 144 -12.78 5.60 14.96
N PRO F 145 -11.81 5.28 14.09
CA PRO F 145 -10.47 4.90 14.58
C PRO F 145 -9.77 6.03 15.36
N ALA F 146 -10.06 7.29 15.03
CA ALA F 146 -9.38 8.37 15.75
C ALA F 146 -9.83 8.42 17.23
N MET F 147 -10.98 7.80 17.50
CA MET F 147 -11.53 7.76 18.85
C MET F 147 -11.06 6.56 19.67
N ALA F 148 -10.50 5.57 18.99
CA ALA F 148 -10.04 4.36 19.66
C ALA F 148 -9.14 4.60 20.88
N ARG F 149 -8.18 5.49 20.75
CA ARG F 149 -7.27 5.76 21.87
C ARG F 149 -8.00 6.19 23.14
N SER F 150 -8.86 7.20 23.04
CA SER F 150 -9.59 7.68 24.21
C SER F 150 -10.47 6.60 24.82
N ILE F 151 -11.19 5.89 23.95
CA ILE F 151 -12.08 4.82 24.37
C ILE F 151 -11.38 3.74 25.18
N ILE F 152 -10.21 3.30 24.72
CA ILE F 152 -9.45 2.27 25.42
C ILE F 152 -8.98 2.73 26.80
N LEU F 153 -8.44 3.94 26.87
CA LEU F 153 -7.93 4.48 28.13
C LEU F 153 -9.08 4.80 29.08
N GLN F 154 -10.19 5.24 28.52
CA GLN F 154 -11.36 5.54 29.33
C GLN F 154 -11.85 4.26 30.00
N LEU F 155 -12.10 3.23 29.19
CA LEU F 155 -12.57 1.96 29.73
C LEU F 155 -11.53 1.39 30.68
N LYS F 156 -10.27 1.64 30.34
CA LYS F 156 -9.15 1.16 31.13
C LYS F 156 -9.18 1.75 32.54
N ARG F 157 -9.53 3.03 32.64
CA ARG F 157 -9.60 3.71 33.92
C ARG F 157 -10.78 3.20 34.75
N VAL F 158 -11.94 3.06 34.11
CA VAL F 158 -13.12 2.57 34.81
C VAL F 158 -12.84 1.20 35.43
N LEU F 159 -12.62 0.20 34.58
CA LEU F 159 -12.37 -1.16 35.02
C LEU F 159 -11.29 -1.30 36.08
N ALA F 160 -10.13 -0.69 35.83
CA ALA F 160 -9.02 -0.75 36.78
C ALA F 160 -9.37 -0.07 38.09
N GLY F 161 -10.19 0.98 38.01
CA GLY F 161 -10.60 1.70 39.21
C GLY F 161 -11.50 0.86 40.10
N THR F 162 -12.27 -0.04 39.47
CA THR F 162 -13.17 -0.90 40.22
C THR F 162 -12.55 -2.25 40.57
N GLY F 163 -11.23 -2.35 40.47
CA GLY F 163 -10.53 -3.58 40.78
C GLY F 163 -10.76 -4.72 39.81
N CYS F 164 -11.26 -4.40 38.62
CA CYS F 164 -11.51 -5.43 37.62
C CYS F 164 -10.26 -5.72 36.78
N THR F 165 -10.15 -6.95 36.30
CA THR F 165 -9.05 -7.37 35.43
C THR F 165 -9.82 -7.76 34.18
N SER F 166 -9.44 -7.19 33.04
CA SER F 166 -10.18 -7.42 31.82
C SER F 166 -9.45 -7.91 30.58
N ILE F 167 -10.24 -8.49 29.69
CA ILE F 167 -9.77 -8.99 28.42
C ILE F 167 -10.56 -8.25 27.33
N PHE F 168 -9.86 -7.50 26.50
CA PHE F 168 -10.52 -6.79 25.40
C PHE F 168 -10.24 -7.61 24.14
N VAL F 169 -11.28 -8.16 23.54
CA VAL F 169 -11.12 -8.94 22.31
C VAL F 169 -11.01 -7.97 21.13
N SER F 170 -9.91 -8.09 20.37
CA SER F 170 -9.65 -7.22 19.23
C SER F 170 -9.70 -8.02 17.93
N GLN F 171 -10.55 -7.58 17.00
CA GLN F 171 -10.69 -8.26 15.72
C GLN F 171 -9.68 -7.73 14.71
N VAL F 172 -8.89 -8.64 14.16
CA VAL F 172 -7.88 -8.33 13.15
C VAL F 172 -8.34 -8.96 11.85
N SER F 173 -8.16 -8.24 10.74
CA SER F 173 -8.56 -8.76 9.44
C SER F 173 -7.37 -9.37 8.73
N GLY F 178 -0.40 -6.65 12.74
CA GLY F 178 -0.62 -5.89 13.98
C GLY F 178 -1.63 -6.38 14.98
N PHE F 179 -2.03 -5.51 15.92
CA PHE F 179 -2.95 -5.89 16.98
C PHE F 179 -4.19 -5.01 17.02
N GLY F 180 -4.19 -3.95 16.23
CA GLY F 180 -5.32 -3.03 16.18
C GLY F 180 -4.86 -1.65 15.74
N PRO F 182 -5.46 2.83 16.07
CA PRO F 182 -4.11 3.34 16.10
C PRO F 182 -3.75 3.93 17.46
N GLY F 183 -2.94 3.16 18.22
CA GLY F 183 -2.59 3.60 19.57
C GLY F 183 -3.19 2.67 20.62
N VAL F 184 -4.03 1.74 20.12
CA VAL F 184 -4.68 0.77 20.99
C VAL F 184 -3.68 -0.22 21.58
N GLU F 185 -2.94 -0.89 20.66
CA GLU F 185 -1.86 -1.74 21.12
C GLU F 185 -1.01 -0.98 22.15
N HIS F 186 -0.98 0.34 22.23
CA HIS F 186 -0.13 1.02 23.19
C HIS F 186 -0.88 1.28 24.49
N GLY F 187 -2.19 1.52 24.38
CA GLY F 187 -3.01 1.82 25.55
C GLY F 187 -3.23 0.68 26.53
N VAL F 188 -3.36 -0.55 26.02
CA VAL F 188 -3.60 -1.71 26.88
C VAL F 188 -2.37 -2.08 27.71
N ASP F 189 -2.60 -2.84 28.78
CA ASP F 189 -1.53 -3.25 29.67
C ASP F 189 -0.78 -4.47 29.12
N GLY F 190 -1.53 -5.36 28.49
CA GLY F 190 -0.93 -6.55 27.93
C GLY F 190 -1.51 -6.86 26.56
N ILE F 191 -0.86 -7.79 25.86
CA ILE F 191 -1.30 -8.21 24.55
C ILE F 191 -1.02 -9.71 24.38
N ILE F 192 -2.06 -10.46 24.06
CA ILE F 192 -1.92 -11.88 23.81
C ILE F 192 -2.47 -12.09 22.40
N ARG F 193 -1.65 -12.66 21.53
CA ARG F 193 -2.06 -12.92 20.16
C ARG F 193 -2.42 -14.38 19.92
N LEU F 194 -3.58 -14.59 19.30
CA LEU F 194 -4.01 -15.94 18.96
C LEU F 194 -3.86 -15.96 17.44
N ASP F 195 -3.13 -16.95 16.94
CA ASP F 195 -2.89 -17.07 15.52
C ASP F 195 -3.33 -18.40 14.96
N LEU F 196 -3.59 -18.41 13.66
CA LEU F 196 -4.01 -19.59 12.94
C LEU F 196 -3.24 -19.48 11.62
N ASP F 197 -2.16 -20.25 11.48
CA ASP F 197 -1.31 -20.20 10.30
C ASP F 197 -1.20 -21.51 9.53
N GLU F 198 -1.27 -21.41 8.21
CA GLU F 198 -1.18 -22.58 7.36
C GLU F 198 0.28 -22.96 7.14
N ILE F 199 0.68 -24.12 7.63
CA ILE F 199 2.05 -24.61 7.48
C ILE F 199 2.01 -25.97 6.79
N ASP F 200 2.66 -26.06 5.63
CA ASP F 200 2.67 -27.31 4.87
C ASP F 200 1.27 -27.92 4.72
N GLY F 201 0.34 -27.12 4.20
CA GLY F 201 -1.01 -27.58 3.97
C GLY F 201 -1.92 -27.79 5.17
N GLU F 202 -1.50 -27.37 6.36
CA GLU F 202 -2.31 -27.53 7.56
C GLU F 202 -2.33 -26.29 8.45
N LEU F 203 -3.50 -25.95 8.98
CA LEU F 203 -3.64 -24.80 9.86
C LEU F 203 -3.17 -25.17 11.27
N LYS F 204 -2.28 -24.37 11.84
CA LYS F 204 -1.77 -24.63 13.17
C LYS F 204 -2.13 -23.46 14.07
N ARG F 205 -2.70 -23.75 15.24
CA ARG F 205 -3.08 -22.73 16.21
C ARG F 205 -1.90 -22.46 17.15
N SER F 206 -1.66 -21.19 17.46
CA SER F 206 -0.58 -20.82 18.38
C SER F 206 -0.88 -19.53 19.11
N LEU F 207 -0.25 -19.38 20.26
CA LEU F 207 -0.44 -18.23 21.11
C LEU F 207 0.91 -17.65 21.49
N ILE F 208 0.97 -16.35 21.67
CA ILE F 208 2.21 -15.70 22.07
C ILE F 208 1.88 -14.45 22.90
N VAL F 209 2.59 -14.26 24.00
CA VAL F 209 2.36 -13.10 24.85
C VAL F 209 3.32 -12.02 24.39
N TRP F 210 2.78 -11.02 23.71
CA TRP F 210 3.61 -9.95 23.19
C TRP F 210 3.92 -8.92 24.26
N LYS F 211 2.94 -8.66 25.12
CA LYS F 211 3.12 -7.68 26.18
C LYS F 211 2.33 -8.07 27.42
N MET F 212 2.85 -7.68 28.58
CA MET F 212 2.18 -7.93 29.85
C MET F 212 2.84 -7.10 30.93
N ARG F 213 2.37 -5.86 31.07
CA ARG F 213 2.90 -4.98 32.09
C ARG F 213 2.69 -5.67 33.44
N GLY F 214 3.67 -5.55 34.32
CA GLY F 214 3.53 -6.15 35.64
C GLY F 214 4.23 -7.48 35.88
N THR F 215 4.73 -8.13 34.84
CA THR F 215 5.39 -9.42 35.05
C THR F 215 6.24 -9.92 33.88
N SER F 216 7.06 -10.92 34.17
CA SER F 216 7.88 -11.53 33.14
C SER F 216 6.92 -12.56 32.58
N HIS F 217 7.25 -13.14 31.43
CA HIS F 217 6.36 -14.13 30.83
C HIS F 217 7.10 -14.86 29.72
N SER F 218 6.52 -15.96 29.27
CA SER F 218 7.14 -16.73 28.20
C SER F 218 7.34 -15.86 26.97
N MET F 219 8.53 -15.93 26.41
CA MET F 219 8.86 -15.17 25.21
C MET F 219 8.69 -16.08 24.00
N ARG F 220 8.01 -17.20 24.17
CA ARG F 220 7.83 -18.17 23.10
C ARG F 220 6.41 -18.34 22.54
N ARG F 221 6.35 -18.81 21.30
CA ARG F 221 5.09 -19.09 20.64
C ARG F 221 4.73 -20.54 20.98
N HIS F 222 3.57 -20.72 21.61
CA HIS F 222 3.11 -22.03 22.07
C HIS F 222 1.90 -22.55 21.30
N PRO F 223 1.93 -23.84 20.95
CA PRO F 223 0.78 -24.38 20.23
C PRO F 223 -0.38 -24.61 21.18
N PHE F 224 -1.59 -24.61 20.64
CA PHE F 224 -2.73 -24.90 21.49
C PHE F 224 -3.82 -25.54 20.66
N ASP F 225 -4.79 -26.13 21.33
CA ASP F 225 -5.90 -26.77 20.65
C ASP F 225 -7.21 -26.28 21.22
N ILE F 226 -8.23 -26.24 20.37
CA ILE F 226 -9.56 -25.88 20.83
C ILE F 226 -10.20 -27.27 20.88
N THR F 227 -10.88 -27.59 21.98
CA THR F 227 -11.51 -28.90 22.13
C THR F 227 -12.96 -28.73 22.57
N ASP F 228 -13.58 -29.83 22.98
CA ASP F 228 -14.96 -29.81 23.43
C ASP F 228 -15.06 -29.09 24.79
N LYS F 229 -13.98 -29.16 25.56
CA LYS F 229 -13.93 -28.51 26.88
C LYS F 229 -13.21 -27.16 26.84
N GLY F 230 -13.00 -26.63 25.65
CA GLY F 230 -12.34 -25.35 25.54
C GLY F 230 -10.90 -25.42 25.04
N ILE F 231 -10.12 -24.41 25.42
CA ILE F 231 -8.73 -24.31 25.01
C ILE F 231 -7.71 -24.93 25.95
N ILE F 232 -6.69 -25.53 25.34
CA ILE F 232 -5.59 -26.14 26.07
C ILE F 232 -4.31 -25.67 25.39
N VAL F 233 -3.48 -24.96 26.16
CA VAL F 233 -2.21 -24.46 25.63
C VAL F 233 -1.08 -25.29 26.20
N TYR F 234 -0.03 -25.50 25.41
CA TYR F 234 1.11 -26.31 25.83
C TYR F 234 2.37 -25.50 26.09
N PRO F 235 2.62 -25.17 27.36
CA PRO F 235 3.77 -24.38 27.84
C PRO F 235 5.14 -24.98 27.52
N ASP F 236 5.20 -26.30 27.41
CA ASP F 236 6.47 -26.99 27.14
C ASP F 236 6.69 -27.30 25.67
N LYS F 237 5.82 -26.76 24.81
CA LYS F 237 5.94 -26.95 23.39
C LYS F 237 6.11 -25.57 22.75
N VAL F 238 6.83 -25.52 21.64
CA VAL F 238 7.04 -24.27 20.92
C VAL F 238 6.85 -24.45 19.43
N LEU F 239 6.11 -23.53 18.82
CA LEU F 239 5.96 -23.55 17.39
C LEU F 239 6.82 -22.46 16.74
N LYS F 240 8.07 -22.83 16.40
CA LYS F 240 8.90 -21.87 15.69
C LYS F 240 8.30 -21.58 14.33
N ARG F 241 8.38 -22.61 13.47
CA ARG F 241 7.79 -22.50 12.15
C ARG F 241 7.82 -23.86 11.44
N GLY F 242 6.65 -24.52 11.44
CA GLY F 242 6.56 -25.85 10.85
C GLY F 242 6.22 -26.91 11.90
N LYS F 243 7.18 -27.11 12.83
CA LYS F 243 6.95 -28.09 13.89
C LYS F 243 6.63 -27.42 15.22
#